data_1GPH
#
_entry.id   1GPH
#
_cell.length_a   158.800
_cell.length_b   75.700
_cell.length_c   94.100
_cell.angle_alpha   90.00
_cell.angle_beta   91.40
_cell.angle_gamma   90.00
#
_symmetry.space_group_name_H-M   'P 1 21 1'
#
loop_
_entity.id
_entity.type
_entity.pdbx_description
1 polymer 'GLUTAMINE PHOSPHORIBOSYL-PYROPHOSPHATE AMIDOTRANSFERASE'
2 non-polymer 'IRON/SULFUR CLUSTER'
3 non-polymer 'ADENOSINE MONOPHOSPHATE'
#
_entity_poly.entity_id   1
_entity_poly.type   'polypeptide(L)'
_entity_poly.pdbx_seq_one_letter_code
;CGVFGIWGHEEAPQITYYGLHSLQHRGQEGAGIVATDGEKLTAHKGQGLITEVFQNGELSKVKGKGAIGHVRYATAGGGG
YENVQPLLFRSQNNGSLALAHNGNLVNATQLKQQLENQGSIFQTSSDTEVLAHLIKRSGHFTLKDQIKNSLSMLKGAYAF
LIMTETEMIVALDPNGLRPLSIGMMGDAYVVASETCAFDVVGATYLREVEPGEMLIINDEGMKSERFSMNINRSICSMEY
IYFSRPDSNIDGINVHSARKNLGKMLAQESAVEADVVTGVPDSSISAAIGYAEATGIPYELGLIKNRYVGRTFIQPSQAL
REQGVRMKLSAVRGVVEGKRVVMVDDSIVRGTTSRRIVTMLREAGATEVHVKISSPPIAHPCFYGIDTSTHEELIASSHS
VDEIRQEIGADTLSFLSVEGLLKGIGRKYDDSNCGQCLACFTGKYPTEIYQDTVLPHVKEAVLTK
;
_entity_poly.pdbx_strand_id   1,2,3,4
#
loop_
_chem_comp.id
_chem_comp.type
_chem_comp.name
_chem_comp.formula
AMP non-polymer 'ADENOSINE MONOPHOSPHATE' 'C10 H14 N5 O7 P'
SF4 non-polymer 'IRON/SULFUR CLUSTER' 'Fe4 S4'
#
# COMPACT_ATOMS: atom_id res chain seq x y z
N CYS A 1 -24.93 -8.20 -7.12
CA CYS A 1 -23.87 -8.29 -8.12
C CYS A 1 -24.26 -7.60 -9.42
N GLY A 2 -23.35 -7.40 -10.35
CA GLY A 2 -23.73 -6.71 -11.56
C GLY A 2 -22.92 -7.26 -12.66
N VAL A 3 -23.44 -7.47 -13.86
CA VAL A 3 -22.60 -7.95 -14.92
C VAL A 3 -22.56 -6.90 -16.04
N PHE A 4 -21.52 -6.75 -16.86
CA PHE A 4 -21.46 -5.79 -17.97
C PHE A 4 -20.69 -6.47 -19.08
N GLY A 5 -21.01 -6.29 -20.36
CA GLY A 5 -20.28 -6.95 -21.43
C GLY A 5 -20.39 -6.10 -22.68
N ILE A 6 -19.39 -6.10 -23.54
CA ILE A 6 -19.40 -5.36 -24.78
C ILE A 6 -18.50 -6.11 -25.73
N TRP A 7 -19.04 -6.29 -26.92
CA TRP A 7 -18.37 -6.95 -28.00
C TRP A 7 -18.18 -5.93 -29.14
N GLY A 8 -16.96 -5.92 -29.70
CA GLY A 8 -16.64 -5.11 -30.86
C GLY A 8 -16.35 -3.63 -30.58
N HIS A 9 -15.48 -3.34 -29.61
CA HIS A 9 -15.03 -2.00 -29.32
C HIS A 9 -13.58 -2.21 -28.89
N GLU A 10 -12.66 -1.55 -29.57
CA GLU A 10 -11.25 -1.66 -29.27
C GLU A 10 -10.78 -1.18 -27.90
N GLU A 11 -11.59 -0.38 -27.21
CA GLU A 11 -11.31 0.14 -25.89
C GLU A 11 -12.21 -0.59 -24.91
N ALA A 12 -12.63 -1.81 -25.24
CA ALA A 12 -13.54 -2.60 -24.42
C ALA A 12 -13.17 -2.82 -22.94
N PRO A 13 -11.99 -3.17 -22.41
CA PRO A 13 -11.74 -3.23 -20.97
C PRO A 13 -12.00 -1.92 -20.25
N GLN A 14 -11.70 -0.79 -20.88
CA GLN A 14 -11.84 0.51 -20.30
C GLN A 14 -13.29 0.83 -20.20
N ILE A 15 -14.06 0.54 -21.28
CA ILE A 15 -15.53 0.72 -21.28
C ILE A 15 -16.13 -0.20 -20.23
N THR A 16 -15.65 -1.45 -20.08
CA THR A 16 -16.23 -2.33 -19.11
C THR A 16 -15.95 -1.77 -17.73
N TYR A 17 -14.78 -1.20 -17.44
CA TYR A 17 -14.44 -0.61 -16.15
C TYR A 17 -15.42 0.52 -15.83
N TYR A 18 -15.74 1.43 -16.76
CA TYR A 18 -16.67 2.52 -16.48
C TYR A 18 -18.08 1.98 -16.34
N GLY A 19 -18.49 1.03 -17.19
CA GLY A 19 -19.78 0.40 -17.09
C GLY A 19 -19.94 -0.27 -15.75
N LEU A 20 -18.96 -1.04 -15.28
CA LEU A 20 -19.02 -1.70 -13.98
C LEU A 20 -18.97 -0.73 -12.82
N HIS A 21 -18.27 0.38 -13.08
CA HIS A 21 -18.14 1.43 -12.12
C HIS A 21 -19.51 2.02 -11.87
N SER A 22 -20.42 2.10 -12.83
CA SER A 22 -21.75 2.62 -12.55
C SER A 22 -22.68 1.61 -11.92
N LEU A 23 -22.23 0.36 -11.81
CA LEU A 23 -23.03 -0.70 -11.19
C LEU A 23 -22.31 -1.09 -9.91
N GLN A 24 -21.37 -0.31 -9.44
CA GLN A 24 -20.61 -0.60 -8.22
C GLN A 24 -21.54 -0.70 -7.03
N HIS A 25 -22.67 -0.03 -7.09
CA HIS A 25 -23.57 -0.10 -5.99
C HIS A 25 -24.11 -1.51 -5.78
N ARG A 26 -24.03 -2.38 -6.79
CA ARG A 26 -24.57 -3.71 -6.68
C ARG A 26 -23.61 -4.64 -5.95
N GLY A 27 -22.35 -4.22 -5.76
CA GLY A 27 -21.38 -5.08 -5.11
C GLY A 27 -20.09 -4.40 -4.81
N GLN A 28 -19.66 -4.45 -3.57
CA GLN A 28 -18.43 -3.84 -3.14
C GLN A 28 -17.34 -4.84 -2.79
N GLU A 29 -17.53 -6.17 -2.80
CA GLU A 29 -16.52 -7.15 -2.38
C GLU A 29 -15.63 -7.81 -3.40
N GLY A 30 -15.60 -7.35 -4.63
CA GLY A 30 -14.71 -7.89 -5.65
C GLY A 30 -15.10 -7.30 -6.97
N ALA A 31 -14.22 -7.23 -7.96
CA ALA A 31 -14.54 -6.76 -9.28
C ALA A 31 -13.61 -7.55 -10.20
N GLY A 32 -13.92 -7.81 -11.47
CA GLY A 32 -13.02 -8.52 -12.35
C GLY A 32 -13.35 -8.17 -13.78
N ILE A 33 -12.45 -8.15 -14.74
CA ILE A 33 -12.76 -7.91 -16.13
C ILE A 33 -11.98 -8.97 -16.89
N VAL A 34 -12.53 -9.56 -17.96
CA VAL A 34 -11.85 -10.50 -18.86
C VAL A 34 -12.07 -9.90 -20.25
N ALA A 35 -11.11 -9.91 -21.16
CA ALA A 35 -11.25 -9.29 -22.46
C ALA A 35 -10.67 -10.25 -23.46
N THR A 36 -11.09 -10.18 -24.71
CA THR A 36 -10.56 -11.05 -25.74
C THR A 36 -10.23 -10.20 -26.96
N ASP A 37 -9.10 -10.52 -27.60
CA ASP A 37 -8.69 -9.87 -28.82
C ASP A 37 -8.98 -10.76 -30.03
N GLY A 38 -9.37 -12.01 -29.81
CA GLY A 38 -9.52 -12.93 -30.91
C GLY A 38 -8.59 -14.11 -30.72
N GLU A 39 -7.48 -13.96 -30.02
CA GLU A 39 -6.61 -15.12 -29.78
C GLU A 39 -6.58 -15.61 -28.34
N LYS A 40 -6.66 -14.67 -27.41
CA LYS A 40 -6.51 -15.00 -26.01
C LYS A 40 -7.28 -14.00 -25.20
N LEU A 41 -7.75 -14.60 -24.11
CA LEU A 41 -8.48 -13.93 -23.06
C LEU A 41 -7.41 -13.48 -22.07
N THR A 42 -7.56 -12.27 -21.57
CA THR A 42 -6.65 -11.65 -20.66
C THR A 42 -7.59 -11.21 -19.53
N ALA A 43 -7.19 -11.15 -18.29
CA ALA A 43 -8.12 -10.90 -17.20
C ALA A 43 -7.45 -10.22 -16.00
N HIS A 44 -8.16 -9.52 -15.10
CA HIS A 44 -7.62 -8.99 -13.84
C HIS A 44 -8.81 -8.90 -12.90
N LYS A 45 -8.66 -9.28 -11.66
CA LYS A 45 -9.75 -9.29 -10.71
C LYS A 45 -9.18 -9.18 -9.33
N GLY A 46 -10.02 -8.88 -8.34
CA GLY A 46 -9.59 -8.89 -6.97
C GLY A 46 -10.70 -8.45 -6.08
N GLN A 47 -10.46 -8.40 -4.78
CA GLN A 47 -11.48 -7.93 -3.89
C GLN A 47 -11.50 -6.40 -3.76
N GLY A 48 -12.65 -5.91 -3.32
CA GLY A 48 -12.82 -4.50 -3.08
C GLY A 48 -13.44 -3.78 -4.26
N LEU A 49 -13.32 -2.50 -4.07
CA LEU A 49 -13.85 -1.58 -5.04
C LEU A 49 -13.17 -1.72 -6.41
N ILE A 50 -13.83 -1.33 -7.52
CA ILE A 50 -13.27 -1.37 -8.89
C ILE A 50 -11.96 -0.60 -8.80
N THR A 51 -12.03 0.57 -8.14
CA THR A 51 -10.93 1.50 -7.99
C THR A 51 -9.80 0.87 -7.23
N GLU A 52 -10.14 0.09 -6.21
CA GLU A 52 -9.13 -0.64 -5.50
C GLU A 52 -8.50 -1.68 -6.44
N VAL A 53 -9.31 -2.49 -7.13
CA VAL A 53 -8.85 -3.60 -7.95
C VAL A 53 -7.97 -3.12 -9.11
N PHE A 54 -8.36 -1.97 -9.65
CA PHE A 54 -7.75 -1.41 -10.84
C PHE A 54 -7.23 -0.06 -10.40
N GLN A 55 -6.15 -0.12 -9.60
CA GLN A 55 -5.36 1.06 -9.21
C GLN A 55 -4.87 1.87 -10.43
N ASN A 56 -4.56 0.99 -11.40
CA ASN A 56 -4.09 1.14 -12.76
C ASN A 56 -2.61 0.77 -12.78
N GLY A 57 -2.08 0.55 -13.99
CA GLY A 57 -0.88 -0.24 -14.17
C GLY A 57 -1.51 -1.57 -14.59
N GLU A 58 -2.59 -1.96 -13.88
CA GLU A 58 -3.40 -3.14 -14.13
C GLU A 58 -4.35 -3.07 -15.29
N LEU A 59 -5.07 -1.96 -15.50
CA LEU A 59 -6.04 -2.03 -16.58
C LEU A 59 -5.31 -2.04 -17.92
N SER A 60 -4.01 -1.70 -17.91
CA SER A 60 -3.16 -1.75 -19.09
C SER A 60 -2.86 -3.16 -19.59
N LYS A 61 -3.12 -4.20 -18.80
CA LYS A 61 -2.80 -5.54 -19.22
C LYS A 61 -3.96 -6.24 -19.92
N VAL A 62 -5.19 -5.86 -19.56
CA VAL A 62 -6.39 -6.44 -20.10
C VAL A 62 -6.55 -5.58 -21.33
N LYS A 63 -6.34 -6.20 -22.49
CA LYS A 63 -6.43 -5.57 -23.80
C LYS A 63 -7.43 -6.39 -24.62
N GLY A 64 -8.33 -5.86 -25.47
CA GLY A 64 -9.14 -6.70 -26.36
C GLY A 64 -10.29 -5.96 -27.03
N LYS A 65 -11.12 -6.58 -27.88
CA LYS A 65 -12.32 -5.90 -28.38
C LYS A 65 -13.63 -6.44 -27.80
N GLY A 66 -13.58 -7.50 -26.99
CA GLY A 66 -14.75 -8.02 -26.32
C GLY A 66 -14.39 -8.03 -24.86
N ALA A 67 -15.27 -7.72 -23.91
CA ALA A 67 -14.92 -7.85 -22.50
C ALA A 67 -16.16 -8.14 -21.71
N ILE A 68 -16.04 -8.89 -20.62
CA ILE A 68 -17.14 -9.09 -19.71
C ILE A 68 -16.61 -8.76 -18.33
N GLY A 69 -17.46 -8.18 -17.50
CA GLY A 69 -17.08 -7.80 -16.15
C GLY A 69 -18.15 -8.09 -15.12
N HIS A 70 -17.82 -8.16 -13.84
CA HIS A 70 -18.74 -8.49 -12.80
C HIS A 70 -18.30 -7.74 -11.58
N VAL A 71 -19.27 -7.33 -10.79
CA VAL A 71 -19.13 -6.61 -9.54
C VAL A 71 -19.80 -7.55 -8.53
N ARG A 72 -19.19 -7.86 -7.39
CA ARG A 72 -19.67 -8.86 -6.47
C ARG A 72 -20.15 -8.38 -5.12
N TYR A 73 -21.22 -8.95 -4.58
CA TYR A 73 -21.77 -8.66 -3.28
C TYR A 73 -21.41 -9.87 -2.42
N ALA A 74 -20.84 -9.68 -1.24
CA ALA A 74 -20.57 -10.78 -0.34
C ALA A 74 -20.95 -10.14 0.96
N THR A 75 -21.85 -10.88 1.60
CA THR A 75 -22.52 -10.49 2.84
C THR A 75 -21.55 -10.31 4.00
N ALA A 76 -20.94 -11.42 4.39
CA ALA A 76 -19.90 -11.35 5.38
C ALA A 76 -18.81 -10.98 4.38
N GLY A 77 -18.48 -9.69 4.41
CA GLY A 77 -17.50 -9.10 3.51
C GLY A 77 -16.21 -9.90 3.42
N GLY A 78 -16.09 -10.62 2.30
CA GLY A 78 -14.93 -11.48 2.11
C GLY A 78 -15.16 -12.45 0.96
N GLY A 79 -15.57 -13.68 1.28
CA GLY A 79 -15.81 -14.73 0.28
C GLY A 79 -14.53 -15.42 -0.17
N GLY A 80 -13.53 -14.60 -0.47
CA GLY A 80 -12.22 -15.06 -0.87
C GLY A 80 -12.07 -14.81 -2.36
N TYR A 81 -10.84 -14.55 -2.78
CA TYR A 81 -10.51 -14.22 -4.16
C TYR A 81 -11.11 -15.16 -5.20
N GLU A 82 -11.13 -16.43 -4.86
CA GLU A 82 -11.60 -17.54 -5.68
C GLU A 82 -13.04 -17.41 -6.14
N ASN A 83 -13.84 -16.65 -5.39
CA ASN A 83 -15.24 -16.49 -5.71
C ASN A 83 -15.48 -15.16 -6.40
N VAL A 84 -14.41 -14.41 -6.68
CA VAL A 84 -14.46 -13.08 -7.32
C VAL A 84 -14.58 -13.50 -8.78
N GLN A 85 -15.40 -12.79 -9.55
CA GLN A 85 -15.64 -13.23 -10.91
C GLN A 85 -15.23 -12.24 -12.02
N PRO A 86 -15.17 -12.50 -13.33
CA PRO A 86 -15.55 -13.73 -14.02
C PRO A 86 -14.67 -14.94 -13.81
N LEU A 87 -15.21 -16.16 -13.79
CA LEU A 87 -14.36 -17.34 -13.68
C LEU A 87 -13.74 -17.62 -15.04
N LEU A 88 -12.47 -17.99 -15.19
CA LEU A 88 -11.85 -18.20 -16.49
C LEU A 88 -11.33 -19.62 -16.48
N PHE A 89 -11.76 -20.47 -17.39
CA PHE A 89 -11.24 -21.80 -17.50
C PHE A 89 -10.39 -21.75 -18.77
N ARG A 90 -9.31 -22.52 -18.86
CA ARG A 90 -8.43 -22.53 -20.03
C ARG A 90 -8.35 -24.00 -20.38
N SER A 91 -8.10 -24.33 -21.64
CA SER A 91 -7.94 -25.71 -22.01
C SER A 91 -7.21 -25.61 -23.30
N GLN A 92 -5.99 -26.11 -23.26
CA GLN A 92 -5.19 -26.15 -24.46
C GLN A 92 -5.80 -27.16 -25.41
N ASN A 93 -5.78 -26.64 -26.63
CA ASN A 93 -6.27 -27.28 -27.83
C ASN A 93 -7.79 -27.51 -27.74
N ASN A 94 -8.47 -26.51 -27.14
CA ASN A 94 -9.92 -26.55 -26.97
C ASN A 94 -10.57 -25.24 -26.47
N GLY A 95 -9.81 -24.21 -26.05
CA GLY A 95 -10.39 -22.89 -25.77
C GLY A 95 -10.64 -22.52 -24.31
N SER A 96 -10.58 -21.19 -24.07
CA SER A 96 -10.81 -20.63 -22.74
C SER A 96 -12.25 -20.19 -22.65
N LEU A 97 -12.80 -20.12 -21.45
CA LEU A 97 -14.20 -19.85 -21.26
C LEU A 97 -14.32 -19.01 -20.00
N ALA A 98 -14.87 -17.79 -20.10
CA ALA A 98 -15.00 -16.91 -18.94
C ALA A 98 -16.48 -16.77 -18.68
N LEU A 99 -16.90 -16.74 -17.43
CA LEU A 99 -18.32 -16.71 -17.10
C LEU A 99 -18.63 -15.80 -15.91
N ALA A 100 -19.72 -15.03 -15.88
CA ALA A 100 -20.05 -14.15 -14.78
C ALA A 100 -21.54 -14.33 -14.53
N HIS A 101 -22.03 -14.47 -13.30
CA HIS A 101 -23.43 -14.69 -12.99
C HIS A 101 -24.05 -13.57 -12.14
N ASN A 102 -25.34 -13.28 -12.19
CA ASN A 102 -26.05 -12.45 -11.23
C ASN A 102 -27.34 -13.28 -11.04
N GLY A 103 -27.55 -13.87 -9.87
CA GLY A 103 -28.73 -14.65 -9.55
C GLY A 103 -28.34 -15.67 -8.47
N ASN A 104 -29.06 -16.81 -8.38
CA ASN A 104 -28.79 -17.86 -7.40
C ASN A 104 -29.46 -19.11 -7.91
N LEU A 105 -28.73 -20.20 -8.05
CA LEU A 105 -29.30 -21.43 -8.53
C LEU A 105 -29.78 -22.22 -7.32
N VAL A 106 -31.09 -22.39 -7.25
CA VAL A 106 -31.81 -23.09 -6.20
C VAL A 106 -31.53 -24.58 -6.16
N ASN A 107 -30.97 -25.24 -7.18
CA ASN A 107 -30.67 -26.68 -7.13
C ASN A 107 -29.18 -26.94 -7.38
N ALA A 108 -28.31 -25.99 -6.98
CA ALA A 108 -26.87 -26.12 -7.13
C ALA A 108 -26.30 -27.30 -6.35
N THR A 109 -26.75 -27.54 -5.13
CA THR A 109 -26.28 -28.65 -4.31
C THR A 109 -26.48 -30.04 -4.91
N GLN A 110 -27.69 -30.24 -5.36
CA GLN A 110 -28.10 -31.45 -6.05
C GLN A 110 -27.18 -31.62 -7.27
N LEU A 111 -27.13 -30.68 -8.22
CA LEU A 111 -26.19 -30.74 -9.34
C LEU A 111 -24.73 -30.95 -8.90
N LYS A 112 -24.21 -30.30 -7.86
CA LYS A 112 -22.82 -30.47 -7.46
C LYS A 112 -22.60 -31.88 -6.96
N GLN A 113 -23.56 -32.44 -6.21
CA GLN A 113 -23.46 -33.80 -5.67
C GLN A 113 -23.36 -34.76 -6.85
N GLN A 114 -24.18 -34.53 -7.88
CA GLN A 114 -24.12 -35.32 -9.12
C GLN A 114 -22.75 -35.17 -9.80
N LEU A 115 -22.26 -33.97 -10.13
CA LEU A 115 -20.99 -33.80 -10.79
C LEU A 115 -19.86 -34.43 -10.03
N GLU A 116 -19.80 -34.35 -8.71
CA GLU A 116 -18.73 -35.00 -8.01
C GLU A 116 -18.80 -36.52 -8.22
N ASN A 117 -20.02 -37.09 -8.31
CA ASN A 117 -20.21 -38.50 -8.61
C ASN A 117 -19.72 -38.90 -9.99
N GLN A 118 -19.59 -37.94 -10.89
CA GLN A 118 -19.07 -38.19 -12.21
C GLN A 118 -17.61 -37.77 -12.19
N GLY A 119 -16.95 -37.57 -11.06
CA GLY A 119 -15.54 -37.22 -11.06
C GLY A 119 -15.21 -35.74 -11.12
N SER A 120 -15.98 -34.80 -10.56
CA SER A 120 -15.61 -33.39 -10.58
C SER A 120 -15.10 -32.89 -9.24
N ILE A 121 -14.05 -32.05 -9.26
CA ILE A 121 -13.51 -31.39 -8.05
C ILE A 121 -13.77 -29.91 -8.24
N PHE A 122 -14.29 -29.23 -7.23
CA PHE A 122 -14.64 -27.82 -7.34
C PHE A 122 -13.64 -27.09 -6.46
N GLN A 123 -13.30 -25.88 -6.90
CA GLN A 123 -12.37 -25.03 -6.20
C GLN A 123 -13.03 -23.77 -5.66
N THR A 124 -14.25 -23.47 -6.07
CA THR A 124 -14.92 -22.24 -5.70
C THR A 124 -16.31 -22.66 -5.25
N SER A 125 -17.12 -21.85 -4.57
CA SER A 125 -18.49 -22.24 -4.28
C SER A 125 -19.48 -21.39 -5.09
N SER A 126 -19.00 -21.17 -6.32
CA SER A 126 -19.60 -20.32 -7.30
C SER A 126 -20.54 -21.20 -8.10
N ASP A 127 -21.70 -20.66 -8.50
CA ASP A 127 -22.66 -21.35 -9.39
C ASP A 127 -22.13 -21.36 -10.81
N THR A 128 -21.31 -20.37 -11.12
CA THR A 128 -20.60 -20.24 -12.37
C THR A 128 -19.74 -21.47 -12.57
N GLU A 129 -19.08 -21.99 -11.52
CA GLU A 129 -18.29 -23.20 -11.62
C GLU A 129 -19.18 -24.38 -11.94
N VAL A 130 -20.41 -24.42 -11.41
CA VAL A 130 -21.38 -25.47 -11.73
C VAL A 130 -21.67 -25.42 -13.22
N LEU A 131 -21.93 -24.23 -13.74
CA LEU A 131 -22.24 -24.11 -15.14
C LEU A 131 -21.01 -24.51 -15.93
N ALA A 132 -19.79 -24.08 -15.58
CA ALA A 132 -18.60 -24.48 -16.30
C ALA A 132 -18.47 -25.99 -16.43
N HIS A 133 -18.67 -26.72 -15.31
CA HIS A 133 -18.69 -28.17 -15.31
C HIS A 133 -19.84 -28.71 -16.13
N LEU A 134 -21.07 -28.18 -16.10
CA LEU A 134 -22.11 -28.74 -16.95
C LEU A 134 -21.81 -28.62 -18.46
N ILE A 135 -21.33 -27.47 -18.97
CA ILE A 135 -20.93 -27.29 -20.37
C ILE A 135 -19.93 -28.36 -20.84
N LYS A 136 -18.85 -28.59 -20.09
CA LYS A 136 -17.82 -29.54 -20.51
C LYS A 136 -18.36 -30.96 -20.56
N ARG A 137 -19.04 -31.35 -19.50
CA ARG A 137 -19.65 -32.66 -19.47
C ARG A 137 -20.86 -32.79 -20.41
N SER A 138 -21.20 -31.79 -21.24
CA SER A 138 -22.30 -31.99 -22.15
C SER A 138 -21.71 -32.72 -23.36
N GLY A 139 -22.59 -33.58 -23.83
CA GLY A 139 -22.22 -34.36 -24.97
C GLY A 139 -22.24 -33.57 -26.27
N HIS A 140 -23.02 -32.48 -26.31
CA HIS A 140 -23.25 -31.81 -27.57
C HIS A 140 -22.04 -31.24 -28.28
N PHE A 141 -22.37 -31.02 -29.53
CA PHE A 141 -21.38 -30.74 -30.54
C PHE A 141 -20.91 -29.31 -30.59
N THR A 142 -21.62 -28.34 -30.05
CA THR A 142 -21.22 -26.96 -30.20
C THR A 142 -21.53 -26.25 -28.91
N LEU A 143 -20.69 -25.27 -28.51
CA LEU A 143 -20.85 -24.47 -27.29
C LEU A 143 -22.29 -24.00 -27.15
N LYS A 144 -22.92 -23.49 -28.21
CA LYS A 144 -24.29 -23.07 -28.17
C LYS A 144 -25.24 -24.17 -27.70
N ASP A 145 -25.08 -25.38 -28.23
CA ASP A 145 -25.96 -26.49 -27.87
C ASP A 145 -25.59 -27.03 -26.51
N GLN A 146 -24.31 -27.03 -26.12
CA GLN A 146 -23.92 -27.47 -24.80
C GLN A 146 -24.48 -26.49 -23.75
N ILE A 147 -24.44 -25.17 -23.98
CA ILE A 147 -24.97 -24.18 -23.04
C ILE A 147 -26.48 -24.29 -22.94
N LYS A 148 -27.11 -24.45 -24.10
CA LYS A 148 -28.55 -24.47 -24.21
C LYS A 148 -29.07 -25.62 -23.39
N ASN A 149 -28.40 -26.74 -23.60
CA ASN A 149 -28.82 -27.88 -22.84
C ASN A 149 -28.42 -27.86 -21.38
N SER A 150 -27.35 -27.17 -20.92
CA SER A 150 -27.03 -27.07 -19.51
C SER A 150 -28.01 -26.21 -18.72
N LEU A 151 -28.44 -25.11 -19.33
CA LEU A 151 -29.34 -24.15 -18.70
C LEU A 151 -30.63 -24.87 -18.31
N SER A 152 -31.06 -25.87 -19.07
CA SER A 152 -32.24 -26.69 -18.75
C SER A 152 -32.19 -27.38 -17.38
N MET A 153 -30.96 -27.60 -16.93
CA MET A 153 -30.73 -28.30 -15.70
C MET A 153 -30.61 -27.37 -14.51
N LEU A 154 -30.67 -26.06 -14.77
CA LEU A 154 -30.48 -25.07 -13.74
C LEU A 154 -31.83 -24.65 -13.20
N LYS A 155 -31.94 -24.47 -11.89
CA LYS A 155 -33.16 -23.96 -11.25
C LYS A 155 -32.76 -22.74 -10.40
N GLY A 156 -33.54 -21.66 -10.35
CA GLY A 156 -33.23 -20.46 -9.59
C GLY A 156 -33.12 -19.20 -10.46
N ALA A 157 -32.42 -18.20 -9.97
CA ALA A 157 -32.25 -17.00 -10.73
C ALA A 157 -30.91 -17.00 -11.46
N TYR A 158 -30.82 -16.53 -12.70
CA TYR A 158 -29.57 -16.39 -13.45
C TYR A 158 -29.54 -15.45 -14.63
N ALA A 159 -28.64 -14.46 -14.53
CA ALA A 159 -28.27 -13.62 -15.65
C ALA A 159 -26.81 -14.05 -15.79
N PHE A 160 -26.49 -14.66 -16.93
CA PHE A 160 -25.19 -15.18 -17.26
C PHE A 160 -24.55 -14.44 -18.43
N LEU A 161 -23.30 -14.02 -18.32
CA LEU A 161 -22.54 -13.60 -19.50
C LEU A 161 -21.43 -14.65 -19.62
N ILE A 162 -21.27 -15.30 -20.77
CA ILE A 162 -20.23 -16.28 -20.99
C ILE A 162 -19.37 -15.63 -22.07
N MET A 163 -18.08 -15.95 -22.15
CA MET A 163 -17.23 -15.38 -23.18
C MET A 163 -16.12 -16.32 -23.60
N THR A 164 -15.78 -16.37 -24.88
CA THR A 164 -14.68 -17.20 -25.32
C THR A 164 -13.77 -16.30 -26.13
N GLU A 165 -12.80 -16.80 -26.92
CA GLU A 165 -11.96 -15.90 -27.68
C GLU A 165 -12.70 -15.21 -28.82
N THR A 166 -13.74 -15.88 -29.29
CA THR A 166 -14.43 -15.44 -30.47
C THR A 166 -15.89 -15.06 -30.33
N GLU A 167 -16.63 -15.25 -29.21
CA GLU A 167 -18.03 -14.84 -29.13
C GLU A 167 -18.45 -14.66 -27.68
N MET A 168 -19.57 -14.00 -27.50
CA MET A 168 -20.19 -13.76 -26.23
C MET A 168 -21.58 -14.38 -26.34
N ILE A 169 -22.01 -15.08 -25.29
CA ILE A 169 -23.32 -15.69 -25.22
C ILE A 169 -23.95 -15.05 -23.96
N VAL A 170 -25.15 -14.52 -24.04
CA VAL A 170 -25.82 -13.90 -22.92
C VAL A 170 -27.06 -14.76 -22.72
N ALA A 171 -27.57 -15.03 -21.53
CA ALA A 171 -28.71 -15.89 -21.31
C ALA A 171 -29.49 -15.45 -20.09
N LEU A 172 -30.80 -15.31 -20.10
CA LEU A 172 -31.55 -14.94 -18.90
C LEU A 172 -32.55 -16.03 -18.55
N ASP A 173 -32.73 -16.38 -17.30
CA ASP A 173 -33.69 -17.40 -16.88
C ASP A 173 -35.16 -17.17 -17.30
N PRO A 174 -36.03 -18.20 -17.40
CA PRO A 174 -37.44 -18.12 -17.76
C PRO A 174 -38.34 -17.27 -16.91
N ASN A 175 -37.87 -16.70 -15.80
CA ASN A 175 -38.70 -15.84 -14.99
C ASN A 175 -38.22 -14.44 -15.19
N GLY A 176 -37.01 -14.26 -15.73
CA GLY A 176 -36.43 -12.92 -15.80
C GLY A 176 -36.43 -12.24 -14.41
N LEU A 177 -36.00 -13.00 -13.41
CA LEU A 177 -35.97 -12.56 -12.04
C LEU A 177 -34.99 -11.41 -11.85
N ARG A 178 -33.86 -11.54 -12.57
CA ARG A 178 -32.82 -10.54 -12.58
C ARG A 178 -32.84 -9.75 -13.86
N PRO A 179 -32.76 -8.43 -13.92
CA PRO A 179 -32.71 -7.69 -15.16
C PRO A 179 -31.45 -7.80 -16.05
N LEU A 180 -31.64 -7.86 -17.37
CA LEU A 180 -30.57 -7.65 -18.36
C LEU A 180 -31.22 -6.87 -19.51
N SER A 181 -30.41 -6.02 -20.13
CA SER A 181 -30.80 -5.18 -21.22
C SER A 181 -29.62 -5.17 -22.19
N ILE A 182 -29.95 -4.81 -23.43
CA ILE A 182 -29.03 -4.74 -24.56
C ILE A 182 -29.04 -3.25 -24.96
N GLY A 183 -27.89 -2.84 -25.44
CA GLY A 183 -27.69 -1.50 -25.94
C GLY A 183 -26.79 -1.57 -27.16
N MET A 184 -26.57 -0.45 -27.82
CA MET A 184 -25.69 -0.43 -28.94
C MET A 184 -24.91 0.81 -28.69
N MET A 185 -23.61 0.72 -28.95
CA MET A 185 -22.69 1.82 -28.78
C MET A 185 -21.92 1.78 -30.08
N GLY A 186 -22.48 2.48 -31.07
CA GLY A 186 -21.90 2.49 -32.38
C GLY A 186 -22.17 1.15 -33.02
N ASP A 187 -21.12 0.39 -33.31
CA ASP A 187 -21.30 -0.93 -33.87
C ASP A 187 -21.19 -2.01 -32.80
N ALA A 188 -20.68 -1.64 -31.62
CA ALA A 188 -20.47 -2.58 -30.55
C ALA A 188 -21.80 -2.84 -29.93
N TYR A 189 -22.07 -4.02 -29.41
CA TYR A 189 -23.29 -4.32 -28.66
C TYR A 189 -22.82 -4.26 -27.24
N VAL A 190 -23.56 -3.65 -26.35
CA VAL A 190 -23.20 -3.65 -24.95
C VAL A 190 -24.33 -4.38 -24.20
N VAL A 191 -24.04 -5.05 -23.08
CA VAL A 191 -25.00 -5.81 -22.28
C VAL A 191 -24.83 -5.43 -20.82
N ALA A 192 -25.87 -5.14 -20.05
CA ALA A 192 -25.70 -4.73 -18.66
C ALA A 192 -26.90 -5.07 -17.79
N SER A 193 -26.60 -5.24 -16.50
CA SER A 193 -27.61 -5.42 -15.48
C SER A 193 -28.56 -4.23 -15.35
N GLU A 194 -28.15 -2.97 -15.52
CA GLU A 194 -29.09 -1.87 -15.41
C GLU A 194 -28.73 -0.88 -16.50
N THR A 195 -29.65 0.02 -16.88
CA THR A 195 -29.41 0.90 -18.01
C THR A 195 -28.53 2.08 -17.65
N CYS A 196 -28.39 2.50 -16.38
CA CYS A 196 -27.52 3.63 -16.03
C CYS A 196 -26.14 3.42 -16.60
N ALA A 197 -25.69 2.16 -16.62
CA ALA A 197 -24.41 1.80 -17.17
C ALA A 197 -24.27 2.28 -18.59
N PHE A 198 -25.34 2.18 -19.42
CA PHE A 198 -25.41 2.66 -20.81
C PHE A 198 -25.35 4.18 -20.86
N ASP A 199 -25.97 4.90 -19.93
CA ASP A 199 -26.01 6.35 -19.87
C ASP A 199 -24.59 6.82 -19.63
N VAL A 200 -23.95 6.15 -18.72
CA VAL A 200 -22.60 6.48 -18.35
C VAL A 200 -21.65 6.26 -19.52
N VAL A 201 -21.83 5.24 -20.33
CA VAL A 201 -20.86 4.89 -21.35
C VAL A 201 -21.20 5.43 -22.76
N GLY A 202 -22.32 6.11 -22.96
CA GLY A 202 -22.70 6.63 -24.26
C GLY A 202 -23.32 5.60 -25.19
N ALA A 203 -23.79 4.50 -24.63
CA ALA A 203 -24.45 3.49 -25.42
C ALA A 203 -25.93 3.82 -25.45
N THR A 204 -26.57 3.54 -26.56
CA THR A 204 -28.01 3.66 -26.81
C THR A 204 -28.73 2.39 -26.39
N TYR A 205 -29.80 2.47 -25.62
CA TYR A 205 -30.60 1.30 -25.27
C TYR A 205 -31.33 0.72 -26.46
N LEU A 206 -31.34 -0.60 -26.44
CA LEU A 206 -32.04 -1.34 -27.45
C LEU A 206 -33.30 -1.95 -26.90
N ARG A 207 -33.19 -2.89 -25.99
CA ARG A 207 -34.32 -3.69 -25.57
C ARG A 207 -33.83 -4.51 -24.41
N GLU A 208 -34.76 -5.21 -23.79
CA GLU A 208 -34.46 -6.01 -22.63
C GLU A 208 -34.25 -7.39 -23.19
N VAL A 209 -33.42 -8.16 -22.50
CA VAL A 209 -33.26 -9.55 -22.88
C VAL A 209 -34.52 -10.24 -22.32
N GLU A 210 -35.14 -11.06 -23.17
CA GLU A 210 -36.29 -11.86 -22.82
C GLU A 210 -36.01 -12.97 -21.82
N PRO A 211 -36.94 -13.30 -20.93
CA PRO A 211 -36.85 -14.50 -20.12
C PRO A 211 -36.66 -15.71 -21.02
N GLY A 212 -35.79 -16.67 -20.75
CA GLY A 212 -35.72 -17.85 -21.60
C GLY A 212 -34.99 -17.58 -22.91
N GLU A 213 -34.45 -16.38 -23.13
CA GLU A 213 -33.70 -16.07 -24.32
C GLU A 213 -32.18 -16.15 -24.18
N MET A 214 -31.42 -16.70 -25.13
CA MET A 214 -29.98 -16.61 -25.12
C MET A 214 -29.58 -15.92 -26.42
N LEU A 215 -28.60 -15.03 -26.41
CA LEU A 215 -28.17 -14.24 -27.54
C LEU A 215 -26.76 -14.68 -27.86
N ILE A 216 -26.34 -14.84 -29.11
CA ILE A 216 -24.96 -15.11 -29.45
C ILE A 216 -24.45 -13.90 -30.25
N ILE A 217 -23.59 -13.12 -29.59
CA ILE A 217 -22.99 -11.88 -30.11
C ILE A 217 -21.56 -12.17 -30.57
N ASN A 218 -21.23 -11.82 -31.80
CA ASN A 218 -19.89 -12.00 -32.31
C ASN A 218 -19.74 -11.04 -33.47
N ASP A 219 -18.65 -11.14 -34.24
CA ASP A 219 -18.39 -10.19 -35.33
C ASP A 219 -19.34 -10.29 -36.53
N GLU A 220 -20.15 -11.35 -36.64
CA GLU A 220 -21.21 -11.47 -37.64
C GLU A 220 -22.41 -10.63 -37.19
N GLY A 221 -22.62 -10.42 -35.88
CA GLY A 221 -23.74 -9.67 -35.35
C GLY A 221 -24.25 -10.39 -34.12
N MET A 222 -25.50 -10.14 -33.77
CA MET A 222 -26.14 -10.83 -32.65
C MET A 222 -27.24 -11.74 -33.21
N LYS A 223 -27.44 -12.92 -32.66
CA LYS A 223 -28.46 -13.89 -33.07
C LYS A 223 -29.30 -14.21 -31.84
N SER A 224 -30.63 -14.21 -31.82
CA SER A 224 -31.37 -14.57 -30.65
C SER A 224 -31.97 -15.94 -30.85
N GLU A 225 -31.88 -16.73 -29.78
CA GLU A 225 -32.50 -18.04 -29.67
C GLU A 225 -33.26 -18.20 -28.37
N ARG A 226 -34.20 -19.13 -28.35
CA ARG A 226 -35.04 -19.30 -27.18
C ARG A 226 -34.62 -20.64 -26.63
N PHE A 227 -34.12 -20.74 -25.41
CA PHE A 227 -33.70 -22.00 -24.84
C PHE A 227 -34.78 -22.56 -23.93
N SER A 228 -35.85 -21.82 -23.70
CA SER A 228 -36.93 -22.26 -22.86
C SER A 228 -38.04 -21.38 -23.30
N MET A 229 -39.15 -22.04 -23.61
CA MET A 229 -40.30 -21.33 -24.11
C MET A 229 -41.37 -21.31 -23.00
N ASN A 230 -41.07 -21.83 -21.83
CA ASN A 230 -42.05 -21.92 -20.76
C ASN A 230 -41.62 -20.91 -19.69
N ILE A 231 -42.02 -19.66 -19.91
CA ILE A 231 -41.58 -18.58 -19.05
C ILE A 231 -42.73 -18.06 -18.20
N ASN A 232 -42.46 -17.63 -16.98
CA ASN A 232 -43.45 -17.11 -16.06
C ASN A 232 -42.69 -15.96 -15.50
N ARG A 233 -42.92 -14.80 -16.10
CA ARG A 233 -42.26 -13.56 -15.77
C ARG A 233 -42.42 -13.22 -14.30
N SER A 234 -41.35 -13.12 -13.52
CA SER A 234 -41.42 -12.63 -12.18
C SER A 234 -40.14 -11.84 -11.81
N ILE A 235 -40.01 -10.59 -12.23
CA ILE A 235 -38.90 -9.74 -11.86
C ILE A 235 -38.82 -9.42 -10.35
N CYS A 236 -37.62 -9.26 -9.80
CA CYS A 236 -37.46 -8.91 -8.41
C CYS A 236 -38.10 -7.58 -8.12
N SER A 237 -39.12 -7.60 -7.24
CA SER A 237 -39.76 -6.37 -6.81
C SER A 237 -38.83 -5.42 -6.09
N MET A 238 -37.88 -5.93 -5.34
CA MET A 238 -36.87 -5.14 -4.66
C MET A 238 -35.94 -4.44 -5.63
N GLU A 239 -35.73 -4.87 -6.87
CA GLU A 239 -34.93 -4.12 -7.84
C GLU A 239 -35.50 -2.71 -8.00
N TYR A 240 -36.82 -2.68 -8.03
CA TYR A 240 -37.58 -1.48 -8.15
C TYR A 240 -37.73 -0.77 -6.85
N ILE A 241 -37.90 -1.45 -5.72
CA ILE A 241 -38.09 -0.79 -4.42
C ILE A 241 -36.79 -0.22 -3.84
N TYR A 242 -35.64 -0.77 -4.16
CA TYR A 242 -34.44 -0.43 -3.47
C TYR A 242 -33.14 -0.69 -4.20
N PHE A 243 -32.93 -1.82 -4.85
CA PHE A 243 -31.61 -2.18 -5.32
C PHE A 243 -31.09 -1.44 -6.53
N SER A 244 -31.90 -1.05 -7.50
CA SER A 244 -31.34 -0.44 -8.69
C SER A 244 -31.04 1.04 -8.51
N ARG A 245 -30.15 1.59 -9.31
CA ARG A 245 -29.81 2.99 -9.19
C ARG A 245 -30.98 3.76 -9.75
N PRO A 246 -31.32 4.92 -9.18
CA PRO A 246 -32.47 5.73 -9.60
C PRO A 246 -32.56 6.06 -11.07
N ASP A 247 -31.48 6.16 -11.83
CA ASP A 247 -31.58 6.52 -13.24
C ASP A 247 -31.73 5.35 -14.21
N SER A 248 -31.90 4.16 -13.65
CA SER A 248 -32.08 3.00 -14.46
C SER A 248 -33.53 2.81 -14.77
N ASN A 249 -33.88 2.12 -15.86
CA ASN A 249 -35.26 1.82 -16.19
C ASN A 249 -35.50 0.35 -16.41
N ILE A 250 -36.27 -0.29 -15.52
CA ILE A 250 -36.54 -1.73 -15.58
C ILE A 250 -37.82 -1.89 -16.37
N ASP A 251 -37.66 -2.48 -17.54
CA ASP A 251 -38.74 -2.69 -18.50
C ASP A 251 -39.33 -1.37 -18.86
N GLY A 252 -38.43 -0.44 -19.14
CA GLY A 252 -38.80 0.90 -19.55
C GLY A 252 -39.47 1.73 -18.48
N ILE A 253 -39.62 1.28 -17.24
CA ILE A 253 -40.16 2.10 -16.18
C ILE A 253 -38.92 2.63 -15.43
N ASN A 254 -38.86 3.94 -15.20
CA ASN A 254 -37.73 4.52 -14.54
C ASN A 254 -37.78 4.23 -13.06
N VAL A 255 -36.68 3.84 -12.44
CA VAL A 255 -36.59 3.56 -11.03
C VAL A 255 -36.89 4.78 -10.17
N HIS A 256 -36.30 5.97 -10.22
CA HIS A 256 -36.76 7.14 -9.45
C HIS A 256 -38.26 7.36 -9.58
N SER A 257 -38.79 7.54 -10.77
CA SER A 257 -40.21 7.72 -10.96
C SER A 257 -41.06 6.62 -10.38
N ALA A 258 -40.69 5.35 -10.48
CA ALA A 258 -41.51 4.30 -9.90
C ALA A 258 -41.53 4.48 -8.39
N ARG A 259 -40.38 4.73 -7.78
CA ARG A 259 -40.24 4.90 -6.35
C ARG A 259 -40.96 6.13 -5.84
N LYS A 260 -41.03 7.15 -6.67
CA LYS A 260 -41.72 8.35 -6.29
C LYS A 260 -43.21 8.09 -6.32
N ASN A 261 -43.66 7.23 -7.26
CA ASN A 261 -45.05 6.81 -7.35
C ASN A 261 -45.41 5.95 -6.18
N LEU A 262 -44.50 5.07 -5.72
CA LEU A 262 -44.74 4.32 -4.51
C LEU A 262 -44.86 5.29 -3.33
N GLY A 263 -44.16 6.42 -3.37
CA GLY A 263 -44.35 7.46 -2.37
C GLY A 263 -45.74 8.09 -2.46
N LYS A 264 -46.27 8.31 -3.66
CA LYS A 264 -47.61 8.85 -3.81
C LYS A 264 -48.68 7.81 -3.45
N MET A 265 -48.45 6.50 -3.60
CA MET A 265 -49.41 5.49 -3.19
C MET A 265 -49.60 5.52 -1.69
N LEU A 266 -48.50 5.40 -0.97
CA LEU A 266 -48.48 5.41 0.46
C LEU A 266 -49.16 6.64 1.03
N ALA A 267 -49.09 7.78 0.37
CA ALA A 267 -49.83 8.92 0.85
C ALA A 267 -51.32 8.66 0.70
N GLN A 268 -51.87 8.07 -0.37
CA GLN A 268 -53.32 7.89 -0.42
C GLN A 268 -53.74 6.74 0.44
N GLU A 269 -52.88 5.75 0.68
CA GLU A 269 -53.24 4.67 1.56
C GLU A 269 -53.18 5.11 3.01
N SER A 270 -52.29 6.00 3.37
CA SER A 270 -52.06 6.38 4.76
C SER A 270 -51.61 7.82 4.89
N ALA A 271 -52.50 8.80 4.90
CA ALA A 271 -52.03 10.18 5.01
C ALA A 271 -52.25 10.45 6.48
N VAL A 272 -51.24 11.07 7.07
CA VAL A 272 -51.24 11.39 8.46
C VAL A 272 -50.97 12.89 8.53
N GLU A 273 -51.20 13.57 9.66
CA GLU A 273 -50.91 14.99 9.80
C GLU A 273 -49.60 15.21 10.58
N ALA A 274 -48.65 15.87 9.91
CA ALA A 274 -47.33 16.09 10.41
C ALA A 274 -46.78 17.35 9.78
N ASP A 275 -45.54 17.69 10.06
CA ASP A 275 -44.93 18.95 9.64
C ASP A 275 -43.82 18.91 8.59
N VAL A 276 -43.03 17.84 8.65
CA VAL A 276 -41.84 17.72 7.83
C VAL A 276 -41.81 16.27 7.35
N VAL A 277 -41.39 16.05 6.10
CA VAL A 277 -41.21 14.72 5.55
C VAL A 277 -39.69 14.55 5.32
N THR A 278 -39.13 13.38 5.64
CA THR A 278 -37.73 13.17 5.35
C THR A 278 -37.58 11.74 4.84
N GLY A 279 -36.76 11.53 3.82
CA GLY A 279 -36.40 10.18 3.43
C GLY A 279 -35.12 9.78 4.15
N VAL A 280 -34.56 8.63 3.83
CA VAL A 280 -33.34 8.23 4.44
C VAL A 280 -32.32 8.28 3.32
N PRO A 281 -31.18 8.95 3.59
CA PRO A 281 -30.01 8.98 2.72
C PRO A 281 -29.38 7.72 2.18
N ASP A 282 -29.92 7.96 0.98
CA ASP A 282 -29.87 7.38 -0.31
C ASP A 282 -30.92 6.37 -0.58
N SER A 283 -31.30 5.41 0.28
CA SER A 283 -32.27 4.40 -0.09
C SER A 283 -33.70 4.91 -0.32
N SER A 284 -34.22 5.93 0.39
CA SER A 284 -35.60 6.32 0.22
C SER A 284 -35.83 7.78 -0.05
N ILE A 285 -35.02 8.34 -0.94
CA ILE A 285 -35.18 9.73 -1.29
C ILE A 285 -36.38 9.93 -2.23
N SER A 286 -36.46 9.24 -3.38
CA SER A 286 -37.54 9.37 -4.37
C SER A 286 -38.91 9.14 -3.79
N ALA A 287 -39.08 8.14 -2.92
CA ALA A 287 -40.36 7.85 -2.26
C ALA A 287 -40.76 8.97 -1.30
N ALA A 288 -39.81 9.45 -0.45
CA ALA A 288 -40.01 10.59 0.42
C ALA A 288 -40.48 11.77 -0.40
N ILE A 289 -39.85 12.06 -1.55
CA ILE A 289 -40.26 13.15 -2.42
C ILE A 289 -41.70 12.89 -2.87
N GLY A 290 -42.08 11.67 -3.26
CA GLY A 290 -43.43 11.34 -3.68
C GLY A 290 -44.44 11.53 -2.56
N TYR A 291 -44.14 11.06 -1.33
CA TYR A 291 -45.06 11.18 -0.20
C TYR A 291 -45.22 12.63 0.10
N ALA A 292 -44.21 13.50 0.05
CA ALA A 292 -44.38 14.91 0.37
C ALA A 292 -45.23 15.61 -0.68
N GLU A 293 -44.91 15.41 -1.96
CA GLU A 293 -45.63 15.95 -3.12
C GLU A 293 -47.06 15.60 -3.06
N ALA A 294 -47.34 14.33 -2.73
CA ALA A 294 -48.68 13.81 -2.64
C ALA A 294 -49.48 14.54 -1.57
N THR A 295 -48.84 14.63 -0.42
CA THR A 295 -49.38 15.21 0.80
C THR A 295 -49.45 16.75 0.98
N GLY A 296 -48.60 17.55 0.36
CA GLY A 296 -48.56 18.96 0.62
C GLY A 296 -47.75 19.26 1.88
N ILE A 297 -47.04 18.33 2.52
CA ILE A 297 -46.20 18.57 3.71
C ILE A 297 -44.82 18.84 3.11
N PRO A 298 -43.98 19.75 3.60
CA PRO A 298 -42.70 20.01 2.99
C PRO A 298 -41.62 18.96 3.22
N TYR A 299 -40.96 18.71 2.11
CA TYR A 299 -39.88 17.77 2.05
C TYR A 299 -38.61 18.46 2.52
N GLU A 300 -37.98 17.82 3.50
CA GLU A 300 -36.81 18.38 4.11
C GLU A 300 -35.71 17.36 4.14
N LEU A 301 -34.50 17.87 4.38
CA LEU A 301 -33.35 17.02 4.52
C LEU A 301 -33.22 16.86 6.03
N GLY A 302 -33.93 15.95 6.66
CA GLY A 302 -33.89 15.80 8.10
C GLY A 302 -32.94 14.73 8.55
N LEU A 303 -32.21 14.02 7.71
CA LEU A 303 -31.24 13.02 8.14
C LEU A 303 -30.03 13.25 7.24
N ILE A 304 -28.76 13.06 7.59
CA ILE A 304 -27.65 13.25 6.64
C ILE A 304 -26.88 11.94 6.76
N LYS A 305 -26.23 11.54 5.66
CA LYS A 305 -25.38 10.39 5.56
C LYS A 305 -24.00 10.91 5.23
N ASN A 306 -22.99 10.41 5.94
CA ASN A 306 -21.62 10.84 5.76
C ASN A 306 -21.11 10.12 4.52
N ARG A 307 -20.55 10.92 3.64
CA ARG A 307 -20.04 10.46 2.37
C ARG A 307 -18.74 9.73 2.47
N TYR A 308 -18.07 9.76 3.61
CA TYR A 308 -16.75 9.22 3.67
C TYR A 308 -16.61 8.02 4.57
N VAL A 309 -17.71 7.32 4.89
CA VAL A 309 -17.60 6.11 5.71
C VAL A 309 -17.35 5.00 4.73
N GLY A 310 -16.60 4.00 5.13
CA GLY A 310 -16.19 2.93 4.22
C GLY A 310 -15.45 1.89 5.03
N ARG A 311 -14.81 0.90 4.42
CA ARG A 311 -14.19 -0.17 5.19
C ARG A 311 -13.06 0.27 6.11
N THR A 312 -12.39 1.35 5.71
CA THR A 312 -11.30 1.92 6.48
C THR A 312 -11.76 2.92 7.55
N PHE A 313 -13.07 2.98 7.81
CA PHE A 313 -13.58 3.86 8.83
C PHE A 313 -13.66 3.08 10.16
N ILE A 314 -12.97 3.65 11.14
CA ILE A 314 -12.90 3.11 12.49
C ILE A 314 -14.27 3.30 13.12
N GLN A 315 -14.89 2.24 13.64
CA GLN A 315 -16.21 2.37 14.24
C GLN A 315 -16.02 2.90 15.64
N PRO A 316 -16.85 3.82 16.14
CA PRO A 316 -16.93 4.14 17.56
C PRO A 316 -17.03 2.92 18.48
N SER A 317 -16.48 2.98 19.69
CA SER A 317 -16.62 1.91 20.67
C SER A 317 -18.07 1.93 21.17
N GLN A 318 -18.49 0.88 21.86
CA GLN A 318 -19.81 0.83 22.50
C GLN A 318 -19.98 2.05 23.42
N ALA A 319 -18.89 2.37 24.10
CA ALA A 319 -18.79 3.45 25.05
C ALA A 319 -19.11 4.79 24.39
N LEU A 320 -18.32 5.08 23.36
CA LEU A 320 -18.41 6.29 22.59
C LEU A 320 -19.74 6.36 21.90
N ARG A 321 -20.24 5.21 21.44
CA ARG A 321 -21.53 5.09 20.80
C ARG A 321 -22.60 5.54 21.78
N GLU A 322 -22.66 5.10 23.04
CA GLU A 322 -23.72 5.59 23.93
C GLU A 322 -23.44 6.97 24.49
N GLN A 323 -22.18 7.45 24.44
CA GLN A 323 -21.87 8.84 24.73
C GLN A 323 -22.56 9.72 23.70
N GLY A 324 -22.83 9.15 22.51
CA GLY A 324 -23.63 9.79 21.48
C GLY A 324 -22.97 9.91 20.12
N VAL A 325 -21.84 9.23 19.84
CA VAL A 325 -21.15 9.38 18.56
C VAL A 325 -21.95 8.68 17.50
N ARG A 326 -22.24 9.35 16.39
CA ARG A 326 -23.00 8.78 15.29
C ARG A 326 -22.00 8.18 14.34
N MET A 327 -22.50 7.26 13.51
CA MET A 327 -21.67 6.63 12.50
C MET A 327 -22.04 7.16 11.13
N LYS A 328 -22.87 6.52 10.32
CA LYS A 328 -23.10 6.99 8.96
C LYS A 328 -24.17 8.07 8.83
N LEU A 329 -25.14 8.09 9.73
CA LEU A 329 -26.37 8.87 9.60
C LEU A 329 -26.58 9.65 10.87
N SER A 330 -27.07 10.88 10.76
CA SER A 330 -27.47 11.68 11.92
C SER A 330 -28.65 12.55 11.54
N ALA A 331 -29.48 12.89 12.52
CA ALA A 331 -30.69 13.64 12.29
C ALA A 331 -30.39 15.13 12.29
N VAL A 332 -30.95 15.98 11.44
CA VAL A 332 -30.56 17.35 11.50
C VAL A 332 -31.65 18.03 12.30
N ARG A 333 -31.20 18.26 13.52
CA ARG A 333 -31.94 18.93 14.58
C ARG A 333 -32.55 20.25 14.18
N GLY A 334 -31.84 20.94 13.30
CA GLY A 334 -32.23 22.25 12.83
C GLY A 334 -33.43 22.21 11.92
N VAL A 335 -33.83 21.00 11.47
CA VAL A 335 -34.99 20.83 10.61
C VAL A 335 -36.13 20.21 11.40
N VAL A 336 -35.84 19.12 12.14
CA VAL A 336 -36.81 18.37 12.94
C VAL A 336 -37.17 18.90 14.35
N GLU A 337 -36.42 19.81 15.00
CA GLU A 337 -36.75 20.23 16.34
C GLU A 337 -38.15 20.85 16.55
N GLY A 338 -38.89 20.08 17.35
CA GLY A 338 -40.25 20.40 17.76
C GLY A 338 -41.20 20.22 16.60
N LYS A 339 -40.84 19.37 15.64
CA LYS A 339 -41.61 19.20 14.44
C LYS A 339 -42.17 17.81 14.46
N ARG A 340 -43.27 17.53 13.74
CA ARG A 340 -43.88 16.22 13.69
C ARG A 340 -43.31 15.68 12.40
N VAL A 341 -42.45 14.68 12.43
CA VAL A 341 -41.77 14.12 11.25
C VAL A 341 -42.50 12.92 10.61
N VAL A 342 -42.65 12.79 9.28
CA VAL A 342 -42.96 11.46 8.79
C VAL A 342 -41.64 11.10 8.09
N MET A 343 -41.24 9.88 8.40
CA MET A 343 -39.98 9.38 7.93
C MET A 343 -40.35 8.22 7.03
N VAL A 344 -39.97 8.31 5.77
CA VAL A 344 -40.31 7.35 4.74
C VAL A 344 -39.09 6.49 4.47
N ASP A 345 -39.17 5.16 4.53
CA ASP A 345 -38.03 4.36 4.12
C ASP A 345 -38.56 3.40 3.07
N ASP A 346 -37.67 2.80 2.27
CA ASP A 346 -38.09 1.82 1.28
C ASP A 346 -38.48 0.51 1.92
N SER A 347 -37.78 -0.07 2.90
CA SER A 347 -38.15 -1.36 3.46
C SER A 347 -37.56 -1.55 4.84
N ILE A 348 -38.21 -2.39 5.65
CA ILE A 348 -37.70 -2.77 6.95
C ILE A 348 -37.41 -4.25 6.71
N VAL A 349 -36.18 -4.69 6.96
CA VAL A 349 -35.79 -6.08 6.84
C VAL A 349 -35.60 -6.61 8.28
N ARG A 350 -34.45 -6.29 8.90
CA ARG A 350 -34.20 -6.70 10.28
C ARG A 350 -34.88 -5.87 11.36
N GLY A 351 -35.18 -4.59 11.17
CA GLY A 351 -35.71 -3.73 12.23
C GLY A 351 -34.67 -2.71 12.77
N THR A 352 -33.37 -3.00 12.70
CA THR A 352 -32.31 -2.17 13.21
C THR A 352 -32.23 -0.68 12.80
N THR A 353 -32.11 -0.38 11.51
CA THR A 353 -31.97 0.97 11.02
C THR A 353 -33.07 1.93 11.40
N SER A 354 -34.30 1.45 11.36
CA SER A 354 -35.51 2.19 11.69
C SER A 354 -35.53 2.48 13.19
N ARG A 355 -35.06 1.57 14.06
CA ARG A 355 -34.97 1.80 15.48
C ARG A 355 -33.92 2.91 15.70
N ARG A 356 -32.71 2.81 15.07
CA ARG A 356 -31.64 3.80 15.17
C ARG A 356 -32.07 5.18 14.74
N ILE A 357 -32.67 5.28 13.55
CA ILE A 357 -33.18 6.53 13.01
C ILE A 357 -34.27 7.17 13.87
N VAL A 358 -35.28 6.45 14.37
CA VAL A 358 -36.34 7.05 15.17
C VAL A 358 -35.74 7.53 16.51
N THR A 359 -34.76 6.83 17.12
CA THR A 359 -34.07 7.30 18.33
C THR A 359 -33.39 8.64 18.09
N MET A 360 -32.62 8.78 16.99
CA MET A 360 -31.95 10.02 16.62
C MET A 360 -32.95 11.10 16.30
N LEU A 361 -34.07 10.82 15.68
CA LEU A 361 -34.96 11.89 15.31
C LEU A 361 -35.56 12.50 16.57
N ARG A 362 -35.86 11.65 17.55
CA ARG A 362 -36.35 12.12 18.85
C ARG A 362 -35.23 12.81 19.57
N GLU A 363 -33.99 12.30 19.56
CA GLU A 363 -32.88 13.00 20.20
C GLU A 363 -32.71 14.39 19.63
N ALA A 364 -32.97 14.64 18.35
CA ALA A 364 -32.86 15.95 17.73
C ALA A 364 -34.09 16.81 17.95
N GLY A 365 -34.97 16.46 18.86
CA GLY A 365 -36.08 17.33 19.14
C GLY A 365 -37.38 17.04 18.42
N ALA A 366 -37.55 16.01 17.58
CA ALA A 366 -38.83 15.77 16.91
C ALA A 366 -39.97 15.48 17.89
N THR A 367 -41.20 15.96 17.70
CA THR A 367 -42.28 15.72 18.65
C THR A 367 -43.05 14.42 18.40
N GLU A 368 -43.05 13.95 17.13
CA GLU A 368 -43.73 12.74 16.65
C GLU A 368 -42.92 12.25 15.49
N VAL A 369 -42.84 10.95 15.28
CA VAL A 369 -42.08 10.35 14.21
C VAL A 369 -42.99 9.25 13.72
N HIS A 370 -43.53 9.49 12.54
CA HIS A 370 -44.45 8.57 11.90
C HIS A 370 -43.75 7.82 10.80
N VAL A 371 -43.41 6.55 10.94
CA VAL A 371 -42.72 5.83 9.89
C VAL A 371 -43.72 5.37 8.82
N LYS A 372 -43.40 5.58 7.56
CA LYS A 372 -44.20 5.19 6.41
C LYS A 372 -43.25 4.38 5.56
N ILE A 373 -43.44 3.08 5.28
CA ILE A 373 -42.52 2.20 4.56
C ILE A 373 -43.05 1.84 3.16
N SER A 374 -42.41 2.11 2.03
CA SER A 374 -43.02 1.82 0.74
C SER A 374 -42.86 0.37 0.27
N SER A 375 -43.24 -0.63 1.07
CA SER A 375 -43.11 -2.05 0.82
C SER A 375 -44.14 -2.73 1.70
N PRO A 376 -44.74 -3.85 1.35
CA PRO A 376 -45.40 -4.73 2.29
C PRO A 376 -44.42 -5.19 3.37
N PRO A 377 -44.64 -5.79 4.53
CA PRO A 377 -43.58 -6.41 5.32
C PRO A 377 -42.75 -7.45 4.56
N ILE A 378 -41.47 -7.67 4.87
CA ILE A 378 -40.64 -8.69 4.25
C ILE A 378 -40.60 -9.74 5.35
N ALA A 379 -41.26 -10.83 5.04
CA ALA A 379 -41.47 -11.87 6.02
C ALA A 379 -40.90 -13.23 5.64
N HIS A 380 -40.63 -13.48 4.37
CA HIS A 380 -40.14 -14.77 3.92
C HIS A 380 -38.75 -14.60 3.35
N PRO A 381 -37.84 -15.59 3.24
CA PRO A 381 -36.51 -15.49 2.62
C PRO A 381 -36.48 -15.39 1.12
N CYS A 382 -35.35 -14.91 0.59
CA CYS A 382 -35.14 -14.79 -0.84
C CYS A 382 -34.12 -15.86 -1.13
N PHE A 383 -34.41 -16.66 -2.14
CA PHE A 383 -33.52 -17.69 -2.63
C PHE A 383 -32.94 -17.31 -3.98
N TYR A 384 -33.09 -16.02 -4.37
CA TYR A 384 -32.69 -15.62 -5.72
C TYR A 384 -31.52 -14.69 -5.84
N GLY A 385 -30.77 -14.52 -4.73
CA GLY A 385 -29.51 -13.84 -4.81
C GLY A 385 -29.09 -13.24 -3.49
N ILE A 386 -27.78 -13.32 -3.18
CA ILE A 386 -27.13 -12.74 -1.99
C ILE A 386 -27.45 -11.26 -1.81
N ASP A 387 -27.39 -10.48 -2.89
CA ASP A 387 -27.75 -9.08 -2.92
C ASP A 387 -29.18 -8.73 -2.45
N THR A 388 -30.09 -9.69 -2.58
CA THR A 388 -31.46 -9.54 -2.17
C THR A 388 -31.90 -10.35 -0.94
N SER A 389 -31.05 -11.23 -0.37
CA SER A 389 -31.37 -12.00 0.87
C SER A 389 -30.69 -11.41 2.14
N THR A 390 -30.88 -11.95 3.36
CA THR A 390 -30.16 -11.52 4.56
C THR A 390 -29.95 -12.78 5.39
N HIS A 391 -28.86 -12.72 6.13
CA HIS A 391 -28.51 -13.79 7.05
C HIS A 391 -29.13 -13.50 8.40
N GLU A 392 -29.62 -12.27 8.57
CA GLU A 392 -30.18 -11.90 9.83
C GLU A 392 -31.68 -12.16 9.94
N GLU A 393 -32.18 -12.25 11.18
CA GLU A 393 -33.58 -12.45 11.53
C GLU A 393 -34.45 -11.33 10.96
N LEU A 394 -35.48 -11.65 10.20
CA LEU A 394 -36.39 -10.67 9.66
C LEU A 394 -37.48 -10.44 10.73
N ILE A 395 -37.78 -9.27 11.31
CA ILE A 395 -38.84 -9.24 12.32
C ILE A 395 -40.27 -9.38 11.83
N ALA A 396 -40.63 -9.27 10.54
CA ALA A 396 -42.02 -9.46 10.15
C ALA A 396 -42.39 -10.93 10.16
N SER A 397 -41.44 -11.85 10.31
CA SER A 397 -41.75 -13.25 10.53
C SER A 397 -42.43 -13.47 11.89
N SER A 398 -41.88 -12.85 12.91
CA SER A 398 -42.36 -13.02 14.24
C SER A 398 -43.29 -11.93 14.74
N HIS A 399 -43.29 -10.77 14.12
CA HIS A 399 -44.01 -9.64 14.69
C HIS A 399 -45.13 -9.08 13.86
N SER A 400 -46.20 -8.66 14.53
CA SER A 400 -47.26 -8.03 13.82
C SER A 400 -46.80 -6.61 13.58
N VAL A 401 -47.44 -5.87 12.68
CA VAL A 401 -47.06 -4.49 12.52
C VAL A 401 -47.14 -3.75 13.85
N ASP A 402 -47.98 -4.02 14.88
CA ASP A 402 -47.89 -3.26 16.12
C ASP A 402 -46.65 -3.70 16.85
N GLU A 403 -46.21 -4.94 16.89
CA GLU A 403 -45.02 -5.29 17.64
C GLU A 403 -43.78 -4.67 17.01
N ILE A 404 -43.70 -4.55 15.66
CA ILE A 404 -42.59 -3.90 14.97
C ILE A 404 -42.69 -2.41 15.31
N ARG A 405 -43.87 -1.78 15.37
CA ARG A 405 -44.00 -0.39 15.76
C ARG A 405 -43.47 -0.17 17.16
N GLN A 406 -43.76 -1.05 18.12
CA GLN A 406 -43.26 -0.92 19.47
C GLN A 406 -41.75 -1.08 19.53
N GLU A 407 -41.20 -1.97 18.71
CA GLU A 407 -39.78 -2.21 18.66
C GLU A 407 -39.05 -1.00 18.15
N ILE A 408 -39.39 -0.45 16.99
CA ILE A 408 -38.65 0.67 16.47
C ILE A 408 -38.98 1.95 17.25
N GLY A 409 -40.02 1.97 18.09
CA GLY A 409 -40.44 3.13 18.84
C GLY A 409 -41.21 4.19 18.04
N ALA A 410 -41.88 3.86 16.94
CA ALA A 410 -42.54 4.89 16.19
C ALA A 410 -43.90 5.20 16.79
N ASP A 411 -44.37 6.38 16.46
CA ASP A 411 -45.71 6.81 16.82
C ASP A 411 -46.73 6.07 15.97
N THR A 412 -46.44 5.85 14.70
CA THR A 412 -47.29 5.04 13.88
C THR A 412 -46.38 4.26 12.95
N LEU A 413 -46.80 3.20 12.28
CA LEU A 413 -45.99 2.47 11.32
C LEU A 413 -46.94 2.07 10.19
N SER A 414 -46.69 2.34 8.93
CA SER A 414 -47.55 1.89 7.84
C SER A 414 -46.68 1.25 6.79
N PHE A 415 -47.10 0.14 6.21
CA PHE A 415 -46.39 -0.48 5.11
C PHE A 415 -47.22 -0.36 3.86
N LEU A 416 -46.65 -0.37 2.65
CA LEU A 416 -47.42 -0.36 1.41
C LEU A 416 -48.11 -1.70 1.28
N SER A 417 -49.28 -1.71 0.64
CA SER A 417 -49.98 -2.96 0.48
C SER A 417 -49.46 -3.56 -0.80
N VAL A 418 -49.69 -4.84 -1.05
CA VAL A 418 -49.20 -5.44 -2.27
C VAL A 418 -49.97 -4.86 -3.45
N GLU A 419 -51.23 -4.51 -3.25
CA GLU A 419 -52.01 -3.92 -4.34
C GLU A 419 -51.49 -2.52 -4.65
N GLY A 420 -51.10 -1.74 -3.64
CA GLY A 420 -50.52 -0.43 -3.86
C GLY A 420 -49.14 -0.54 -4.50
N LEU A 421 -48.34 -1.52 -4.11
CA LEU A 421 -47.03 -1.77 -4.70
C LEU A 421 -47.18 -2.04 -6.20
N LEU A 422 -48.13 -2.89 -6.56
CA LEU A 422 -48.33 -3.25 -7.96
C LEU A 422 -48.85 -2.09 -8.82
N LYS A 423 -49.79 -1.31 -8.27
CA LYS A 423 -50.35 -0.15 -8.91
C LYS A 423 -49.27 0.92 -9.03
N GLY A 424 -48.47 1.13 -7.96
CA GLY A 424 -47.38 2.08 -7.89
C GLY A 424 -46.33 1.86 -8.96
N ILE A 425 -45.72 0.69 -9.16
CA ILE A 425 -44.73 0.44 -10.21
C ILE A 425 -45.36 0.53 -11.62
N GLY A 426 -46.58 0.06 -11.83
CA GLY A 426 -47.29 0.22 -13.10
C GLY A 426 -46.90 -0.69 -14.25
N ARG A 427 -46.53 -1.96 -14.00
CA ARG A 427 -46.10 -2.86 -15.06
C ARG A 427 -47.32 -3.31 -15.80
N LYS A 428 -47.28 -3.46 -17.13
CA LYS A 428 -48.50 -3.69 -17.88
C LYS A 428 -48.76 -5.14 -18.14
N TYR A 429 -48.42 -6.05 -17.24
CA TYR A 429 -48.54 -7.47 -17.53
C TYR A 429 -49.78 -8.09 -16.98
N ASP A 430 -50.39 -8.90 -17.83
CA ASP A 430 -51.63 -9.55 -17.48
C ASP A 430 -51.39 -10.81 -16.69
N ASP A 431 -51.54 -10.58 -15.41
CA ASP A 431 -51.55 -11.57 -14.35
C ASP A 431 -51.47 -10.84 -13.02
N SER A 432 -52.10 -11.51 -12.07
CA SER A 432 -52.11 -11.22 -10.66
C SER A 432 -50.99 -10.34 -10.09
N ASN A 433 -49.77 -10.76 -10.47
CA ASN A 433 -48.58 -10.14 -9.95
C ASN A 433 -47.93 -9.15 -10.87
N CYS A 434 -48.54 -8.68 -11.94
CA CYS A 434 -47.95 -7.76 -12.90
C CYS A 434 -46.55 -8.12 -13.37
N GLY A 435 -46.29 -9.42 -13.35
CA GLY A 435 -45.01 -9.90 -13.83
C GLY A 435 -43.92 -9.73 -12.79
N GLN A 436 -44.24 -9.73 -11.51
CA GLN A 436 -43.27 -9.48 -10.48
C GLN A 436 -43.16 -10.61 -9.52
N CYS A 437 -41.96 -10.86 -8.98
CA CYS A 437 -41.74 -11.77 -7.90
C CYS A 437 -42.11 -10.98 -6.66
N LEU A 438 -42.96 -11.47 -5.78
CA LEU A 438 -43.29 -10.84 -4.52
C LEU A 438 -43.05 -11.90 -3.45
N ALA A 439 -42.32 -13.01 -3.62
CA ALA A 439 -42.13 -14.06 -2.62
C ALA A 439 -41.85 -13.65 -1.19
N CYS A 440 -40.81 -12.83 -0.97
CA CYS A 440 -40.54 -12.20 0.32
C CYS A 440 -41.69 -11.50 1.06
N PHE A 441 -42.71 -11.05 0.36
CA PHE A 441 -43.84 -10.40 0.96
C PHE A 441 -44.89 -11.47 1.20
N THR A 442 -45.30 -12.22 0.18
CA THR A 442 -46.44 -13.12 0.25
C THR A 442 -46.21 -14.59 0.63
N GLY A 443 -44.98 -15.07 0.57
CA GLY A 443 -44.68 -16.43 0.90
C GLY A 443 -44.67 -17.31 -0.33
N LYS A 444 -45.20 -16.86 -1.46
CA LYS A 444 -45.33 -17.75 -2.62
C LYS A 444 -44.20 -17.58 -3.61
N TYR A 445 -43.38 -18.60 -3.85
CA TYR A 445 -42.23 -18.41 -4.72
C TYR A 445 -42.50 -18.63 -6.17
N PRO A 446 -42.00 -17.85 -7.13
CA PRO A 446 -42.15 -18.12 -8.56
C PRO A 446 -41.36 -19.34 -9.07
N THR A 447 -40.77 -20.13 -8.18
CA THR A 447 -39.86 -21.20 -8.50
C THR A 447 -40.04 -22.30 -7.43
N GLU A 448 -39.57 -23.47 -7.82
CA GLU A 448 -39.62 -24.62 -6.96
C GLU A 448 -38.46 -24.37 -6.02
N ILE A 449 -38.66 -24.57 -4.72
CA ILE A 449 -37.63 -24.35 -3.72
C ILE A 449 -37.48 -25.76 -3.16
N TYR A 450 -36.27 -26.34 -3.20
CA TYR A 450 -36.02 -27.69 -2.70
C TYR A 450 -35.77 -27.75 -1.20
N GLN A 451 -35.86 -28.97 -0.65
CA GLN A 451 -35.46 -29.21 0.75
C GLN A 451 -33.93 -29.04 0.79
N ASP A 452 -33.25 -29.19 -0.37
CA ASP A 452 -31.83 -28.95 -0.43
C ASP A 452 -31.52 -27.52 -0.89
N THR A 453 -32.50 -26.62 -0.99
CA THR A 453 -32.20 -25.26 -1.41
C THR A 453 -31.59 -24.49 -0.23
N VAL A 454 -30.29 -24.19 -0.20
CA VAL A 454 -29.76 -23.35 0.89
C VAL A 454 -29.91 -21.85 0.56
N LEU A 455 -29.90 -21.01 1.61
CA LEU A 455 -29.96 -19.57 1.41
C LEU A 455 -28.62 -19.12 0.82
N PRO A 456 -28.51 -18.19 -0.16
CA PRO A 456 -27.29 -17.99 -0.97
C PRO A 456 -25.96 -17.80 -0.22
N HIS A 457 -26.03 -17.14 0.94
CA HIS A 457 -24.86 -16.83 1.76
C HIS A 457 -24.30 -18.07 2.41
N VAL A 458 -25.14 -19.07 2.60
CA VAL A 458 -24.76 -20.35 3.19
C VAL A 458 -23.84 -21.09 2.22
N LYS A 459 -23.60 -20.55 1.03
CA LYS A 459 -22.65 -21.11 0.08
C LYS A 459 -21.33 -20.35 0.28
N GLU A 460 -20.84 -19.99 1.46
CA GLU A 460 -19.56 -19.28 1.54
C GLU A 460 -18.33 -20.20 1.54
N ALA A 461 -17.17 -19.58 1.29
CA ALA A 461 -15.89 -20.27 1.26
C ALA A 461 -14.98 -19.71 2.36
N VAL A 462 -14.36 -18.53 2.12
CA VAL A 462 -13.37 -17.98 3.05
C VAL A 462 -13.99 -17.26 4.26
N LEU A 463 -13.28 -17.60 5.36
CA LEU A 463 -13.49 -17.09 6.73
C LEU A 463 -13.40 -15.58 6.78
N THR A 464 -12.31 -15.09 6.18
CA THR A 464 -11.85 -13.71 6.24
C THR A 464 -11.60 -13.47 7.73
N LYS A 465 -12.60 -13.21 8.57
CA LYS A 465 -12.39 -12.97 10.00
C LYS A 465 -12.10 -14.34 10.63
N CYS B 1 -10.97 24.33 4.47
CA CYS B 1 -10.28 23.69 5.59
C CYS B 1 -11.18 23.75 6.79
N GLY B 2 -11.06 22.86 7.77
CA GLY B 2 -11.88 22.95 8.95
C GLY B 2 -11.04 22.59 10.13
N VAL B 3 -11.45 23.10 11.28
CA VAL B 3 -10.74 22.86 12.53
C VAL B 3 -11.73 22.36 13.59
N PHE B 4 -11.24 21.49 14.45
CA PHE B 4 -12.00 20.96 15.58
C PHE B 4 -11.00 20.78 16.73
N GLY B 5 -11.41 21.05 17.94
CA GLY B 5 -10.59 20.84 19.10
C GLY B 5 -11.50 20.51 20.27
N ILE B 6 -10.97 19.75 21.23
CA ILE B 6 -11.69 19.42 22.43
C ILE B 6 -10.68 19.45 23.57
N TRP B 7 -11.13 20.06 24.68
CA TRP B 7 -10.37 20.07 25.91
C TRP B 7 -11.20 19.37 26.99
N GLY B 8 -10.54 18.41 27.62
CA GLY B 8 -11.05 17.72 28.80
C GLY B 8 -11.85 16.45 28.57
N HIS B 9 -11.31 15.48 27.82
CA HIS B 9 -12.02 14.23 27.56
C HIS B 9 -10.93 13.18 27.45
N GLU B 10 -11.11 12.05 28.13
CA GLU B 10 -10.08 11.05 28.13
C GLU B 10 -9.88 10.38 26.77
N GLU B 11 -10.91 10.47 25.91
CA GLU B 11 -10.91 9.82 24.62
C GLU B 11 -10.90 10.93 23.57
N ALA B 12 -10.38 12.12 23.91
CA ALA B 12 -10.26 13.28 23.03
C ALA B 12 -9.66 13.07 21.64
N PRO B 13 -8.61 12.31 21.28
CA PRO B 13 -8.19 12.10 19.89
C PRO B 13 -9.23 11.39 19.06
N GLN B 14 -9.90 10.39 19.64
CA GLN B 14 -10.97 9.65 18.98
C GLN B 14 -12.13 10.62 18.70
N ILE B 15 -12.63 11.37 19.70
CA ILE B 15 -13.66 12.39 19.51
C ILE B 15 -13.28 13.32 18.34
N THR B 16 -12.00 13.77 18.31
CA THR B 16 -11.51 14.63 17.25
C THR B 16 -11.53 13.83 15.95
N TYR B 17 -11.25 12.50 15.85
CA TYR B 17 -11.27 11.79 14.57
C TYR B 17 -12.64 11.89 13.92
N TYR B 18 -13.64 11.69 14.76
CA TYR B 18 -15.04 11.76 14.38
C TYR B 18 -15.48 13.17 14.02
N GLY B 19 -15.02 14.15 14.80
CA GLY B 19 -15.30 15.56 14.56
C GLY B 19 -14.72 15.94 13.22
N LEU B 20 -13.45 15.65 13.04
CA LEU B 20 -12.77 15.89 11.81
C LEU B 20 -13.38 15.17 10.66
N HIS B 21 -13.99 14.03 10.93
CA HIS B 21 -14.68 13.27 9.91
C HIS B 21 -15.95 13.99 9.46
N SER B 22 -16.73 14.62 10.34
CA SER B 22 -17.92 15.32 9.92
C SER B 22 -17.63 16.59 9.12
N LEU B 23 -16.36 16.99 9.19
CA LEU B 23 -15.87 18.17 8.49
C LEU B 23 -15.02 17.78 7.29
N GLN B 24 -14.97 16.49 6.93
CA GLN B 24 -14.13 16.01 5.84
C GLN B 24 -14.41 16.69 4.52
N HIS B 25 -15.62 17.18 4.30
CA HIS B 25 -16.01 17.89 3.09
C HIS B 25 -15.33 19.26 3.00
N ARG B 26 -14.88 19.86 4.10
CA ARG B 26 -14.19 21.15 4.06
C ARG B 26 -12.78 21.05 3.46
N GLY B 27 -12.19 19.87 3.31
CA GLY B 27 -10.89 19.75 2.70
C GLY B 27 -10.45 18.32 2.67
N GLN B 28 -9.87 17.91 1.54
CA GLN B 28 -9.48 16.52 1.41
C GLN B 28 -8.02 16.27 1.18
N GLU B 29 -7.20 17.31 1.31
CA GLU B 29 -5.79 17.19 1.00
C GLU B 29 -4.87 16.89 2.17
N GLY B 30 -5.37 16.66 3.37
CA GLY B 30 -4.53 16.32 4.50
C GLY B 30 -5.41 16.27 5.73
N ALA B 31 -4.86 15.74 6.83
CA ALA B 31 -5.55 15.68 8.11
C ALA B 31 -4.51 15.54 9.19
N GLY B 32 -4.69 16.19 10.35
CA GLY B 32 -3.72 16.08 11.42
C GLY B 32 -4.37 16.16 12.77
N ILE B 33 -3.78 15.56 13.81
CA ILE B 33 -4.31 15.64 15.16
C ILE B 33 -3.12 15.71 16.12
N VAL B 34 -3.21 16.63 17.09
CA VAL B 34 -2.19 16.85 18.12
C VAL B 34 -2.97 16.74 19.44
N ALA B 35 -2.59 15.82 20.33
CA ALA B 35 -3.23 15.66 21.62
C ALA B 35 -2.20 15.96 22.69
N THR B 36 -2.65 16.36 23.88
CA THR B 36 -1.82 16.61 25.06
C THR B 36 -2.38 15.87 26.29
N ASP B 37 -1.56 15.17 27.05
CA ASP B 37 -2.01 14.55 28.30
C ASP B 37 -1.77 15.43 29.52
N GLY B 38 -1.19 16.62 29.37
CA GLY B 38 -0.80 17.46 30.49
C GLY B 38 0.73 17.54 30.53
N GLU B 39 1.40 16.53 30.01
CA GLU B 39 2.85 16.51 29.93
C GLU B 39 3.37 16.68 28.53
N LYS B 40 2.76 16.13 27.49
CA LYS B 40 3.38 16.15 26.17
C LYS B 40 2.37 15.90 25.07
N LEU B 41 2.83 16.54 23.98
CA LEU B 41 2.11 16.61 22.72
C LEU B 41 2.61 15.53 21.80
N THR B 42 1.60 14.87 21.31
CA THR B 42 1.75 13.77 20.41
C THR B 42 0.86 14.15 19.24
N ALA B 43 1.28 13.77 18.06
CA ALA B 43 0.59 14.19 16.90
C ALA B 43 0.65 13.09 15.88
N HIS B 44 -0.06 13.21 14.78
CA HIS B 44 0.06 12.35 13.62
C HIS B 44 -0.59 13.17 12.52
N LYS B 45 -0.04 13.16 11.31
CA LYS B 45 -0.64 13.92 10.21
C LYS B 45 -0.20 13.29 8.90
N GLY B 46 -0.70 13.73 7.76
CA GLY B 46 -0.36 13.13 6.48
C GLY B 46 -1.37 13.62 5.45
N GLN B 47 -1.15 13.35 4.18
CA GLN B 47 -2.01 13.84 3.13
C GLN B 47 -3.05 12.81 2.80
N GLY B 48 -4.21 13.21 2.31
CA GLY B 48 -5.25 12.26 1.98
C GLY B 48 -6.41 12.44 2.93
N LEU B 49 -7.40 11.59 2.78
CA LEU B 49 -8.59 11.57 3.61
C LEU B 49 -8.29 11.13 5.05
N ILE B 50 -9.06 11.50 6.09
CA ILE B 50 -8.74 11.14 7.48
C ILE B 50 -8.58 9.63 7.58
N THR B 51 -9.46 8.87 6.94
CA THR B 51 -9.45 7.40 6.92
C THR B 51 -8.19 6.86 6.25
N GLU B 52 -7.63 7.65 5.32
CA GLU B 52 -6.38 7.30 4.67
C GLU B 52 -5.22 7.60 5.63
N VAL B 53 -5.22 8.79 6.24
CA VAL B 53 -4.17 9.28 7.12
C VAL B 53 -4.05 8.42 8.39
N PHE B 54 -5.18 8.07 8.97
CA PHE B 54 -5.25 7.23 10.12
C PHE B 54 -5.97 5.97 9.65
N GLN B 55 -5.17 5.11 9.02
CA GLN B 55 -5.58 3.73 8.64
C GLN B 55 -6.01 2.89 9.84
N ASN B 56 -5.35 3.34 10.91
CA ASN B 56 -5.25 2.88 12.29
C ASN B 56 -4.17 1.85 12.63
N GLY B 57 -3.80 2.10 13.88
CA GLY B 57 -2.55 1.70 14.48
C GLY B 57 -2.12 3.11 14.91
N GLU B 58 -2.14 4.01 13.90
CA GLU B 58 -1.87 5.43 14.03
C GLU B 58 -2.74 6.23 15.01
N LEU B 59 -4.09 6.14 14.99
CA LEU B 59 -4.88 6.99 15.91
C LEU B 59 -4.55 6.65 17.35
N SER B 60 -4.38 5.37 17.68
CA SER B 60 -3.97 4.95 19.01
C SER B 60 -2.62 5.52 19.49
N LYS B 61 -1.72 6.03 18.64
CA LYS B 61 -0.46 6.58 19.11
C LYS B 61 -0.62 7.99 19.71
N VAL B 62 -1.75 8.64 19.40
CA VAL B 62 -2.01 9.98 19.84
C VAL B 62 -2.77 9.72 21.15
N LYS B 63 -2.48 10.37 22.28
CA LYS B 63 -3.19 10.11 23.53
C LYS B 63 -3.24 11.42 24.30
N GLY B 64 -4.32 11.71 25.04
CA GLY B 64 -4.37 12.91 25.85
C GLY B 64 -5.79 13.29 26.22
N LYS B 65 -6.02 14.43 26.87
CA LYS B 65 -7.39 14.80 27.18
C LYS B 65 -7.81 16.09 26.50
N GLY B 66 -6.92 16.63 25.68
CA GLY B 66 -7.16 17.82 24.89
C GLY B 66 -6.57 17.50 23.53
N ALA B 67 -7.10 18.06 22.42
CA ALA B 67 -6.62 17.78 21.06
C ALA B 67 -7.15 18.82 20.12
N ILE B 68 -6.46 19.07 19.03
CA ILE B 68 -6.87 20.00 18.00
C ILE B 68 -6.57 19.25 16.70
N GLY B 69 -7.36 19.49 15.66
CA GLY B 69 -7.23 18.77 14.41
C GLY B 69 -7.67 19.69 13.32
N HIS B 70 -7.16 19.41 12.12
CA HIS B 70 -7.44 20.27 10.98
C HIS B 70 -7.66 19.31 9.83
N VAL B 71 -8.43 19.73 8.83
CA VAL B 71 -8.75 18.98 7.64
C VAL B 71 -8.36 20.04 6.62
N ARG B 72 -7.54 19.75 5.62
CA ARG B 72 -6.94 20.76 4.74
C ARG B 72 -7.45 20.75 3.30
N TYR B 73 -7.47 21.85 2.59
CA TYR B 73 -7.90 21.91 1.21
C TYR B 73 -6.66 22.30 0.45
N ALA B 74 -6.38 21.85 -0.77
CA ALA B 74 -5.23 22.36 -1.53
C ALA B 74 -5.80 22.26 -2.92
N THR B 75 -5.73 23.42 -3.56
CA THR B 75 -6.32 23.70 -4.88
C THR B 75 -5.86 22.71 -5.92
N ALA B 76 -4.57 22.72 -6.12
CA ALA B 76 -3.95 21.65 -6.87
C ALA B 76 -3.86 20.65 -5.70
N GLY B 77 -4.44 19.45 -5.83
CA GLY B 77 -4.26 18.42 -4.81
C GLY B 77 -2.76 18.18 -4.66
N GLY B 78 -2.15 18.69 -3.57
CA GLY B 78 -0.72 18.55 -3.34
C GLY B 78 -0.22 19.47 -2.22
N GLY B 79 0.66 20.44 -2.48
CA GLY B 79 1.13 21.39 -1.47
C GLY B 79 2.28 20.89 -0.60
N GLY B 80 2.24 19.59 -0.26
CA GLY B 80 3.30 18.90 0.45
C GLY B 80 3.03 18.81 1.95
N TYR B 81 3.52 17.71 2.54
CA TYR B 81 3.43 17.38 3.95
C TYR B 81 3.67 18.58 4.85
N GLU B 82 4.62 19.46 4.56
CA GLU B 82 4.89 20.68 5.34
C GLU B 82 3.67 21.57 5.62
N ASN B 83 2.75 21.67 4.68
CA ASN B 83 1.62 22.55 4.83
C ASN B 83 0.41 21.94 5.51
N VAL B 84 0.49 20.63 5.79
CA VAL B 84 -0.54 19.84 6.48
C VAL B 84 -0.43 20.30 7.95
N GLN B 85 -1.54 20.64 8.59
CA GLN B 85 -1.53 21.17 9.94
C GLN B 85 -2.21 20.20 10.89
N PRO B 86 -2.28 20.27 12.23
CA PRO B 86 -1.75 21.33 13.06
C PRO B 86 -0.24 21.42 13.02
N LEU B 87 0.36 22.58 12.79
CA LEU B 87 1.82 22.64 12.92
C LEU B 87 2.18 22.54 14.41
N LEU B 88 3.27 21.81 14.69
CA LEU B 88 3.77 21.62 16.05
C LEU B 88 5.20 22.17 16.13
N PHE B 89 5.56 22.97 17.11
CA PHE B 89 6.89 23.54 17.23
C PHE B 89 7.22 23.16 18.65
N ARG B 90 8.45 22.74 18.85
CA ARG B 90 8.89 22.29 20.17
C ARG B 90 10.01 23.20 20.62
N SER B 91 10.11 23.32 21.95
CA SER B 91 11.28 23.92 22.54
C SER B 91 11.46 23.15 23.84
N GLN B 92 12.64 22.58 24.00
CA GLN B 92 12.94 22.00 25.30
C GLN B 92 13.23 23.17 26.22
N ASN B 93 12.75 23.05 27.46
CA ASN B 93 12.90 24.06 28.48
C ASN B 93 12.15 25.36 28.11
N ASN B 94 11.01 25.17 27.42
CA ASN B 94 10.08 26.25 27.11
C ASN B 94 8.71 25.77 26.55
N GLY B 95 8.45 24.46 26.42
CA GLY B 95 7.09 24.00 26.08
C GLY B 95 6.83 23.82 24.59
N SER B 96 5.76 23.08 24.27
CA SER B 96 5.40 22.83 22.87
C SER B 96 4.18 23.68 22.47
N LEU B 97 3.94 23.97 21.18
CA LEU B 97 2.78 24.73 20.76
C LEU B 97 2.25 24.10 19.49
N ALA B 98 0.93 23.96 19.35
CA ALA B 98 0.31 23.39 18.16
C ALA B 98 -0.70 24.40 17.63
N LEU B 99 -0.78 24.55 16.30
CA LEU B 99 -1.63 25.54 15.70
C LEU B 99 -2.32 25.03 14.44
N ALA B 100 -3.61 25.35 14.32
CA ALA B 100 -4.42 25.03 13.16
C ALA B 100 -5.14 26.33 12.73
N HIS B 101 -5.18 26.66 11.45
CA HIS B 101 -5.79 27.88 10.95
C HIS B 101 -6.87 27.58 9.93
N ASN B 102 -8.00 28.29 9.91
CA ASN B 102 -8.94 28.23 8.79
C ASN B 102 -9.18 29.70 8.41
N GLY B 103 -8.60 30.20 7.32
CA GLY B 103 -8.72 31.59 6.85
C GLY B 103 -7.63 31.96 5.83
N ASN B 104 -7.15 33.19 5.77
CA ASN B 104 -6.11 33.67 4.87
C ASN B 104 -5.71 35.04 5.37
N LEU B 105 -4.42 35.22 5.68
CA LEU B 105 -3.90 36.49 6.15
C LEU B 105 -3.50 37.26 4.89
N VAL B 106 -4.30 38.27 4.61
CA VAL B 106 -4.14 39.19 3.51
C VAL B 106 -2.80 39.98 3.58
N ASN B 107 -2.11 40.11 4.73
CA ASN B 107 -0.82 40.83 4.86
C ASN B 107 0.39 39.92 5.14
N ALA B 108 0.28 38.61 5.12
CA ALA B 108 1.36 37.70 5.44
C ALA B 108 2.64 37.93 4.65
N THR B 109 2.68 38.25 3.38
CA THR B 109 3.92 38.56 2.65
C THR B 109 4.75 39.68 3.26
N GLN B 110 4.04 40.71 3.70
CA GLN B 110 4.57 41.88 4.37
C GLN B 110 5.12 41.33 5.68
N LEU B 111 4.32 40.62 6.46
CA LEU B 111 4.78 40.10 7.72
C LEU B 111 5.95 39.15 7.64
N LYS B 112 6.01 38.31 6.63
CA LYS B 112 7.13 37.37 6.51
C LYS B 112 8.39 38.18 6.21
N GLN B 113 8.24 39.15 5.31
CA GLN B 113 9.26 40.10 4.89
C GLN B 113 9.85 40.81 6.09
N GLN B 114 9.02 41.23 7.03
CA GLN B 114 9.52 41.80 8.26
C GLN B 114 10.24 40.68 8.98
N LEU B 115 9.60 39.60 9.45
CA LEU B 115 10.21 38.49 10.18
C LEU B 115 11.59 38.02 9.71
N GLU B 116 11.76 37.96 8.39
CA GLU B 116 12.98 37.55 7.77
C GLU B 116 14.11 38.53 7.93
N ASN B 117 13.75 39.80 7.99
CA ASN B 117 14.73 40.84 8.24
C ASN B 117 15.14 40.84 9.70
N GLN B 118 14.50 40.01 10.54
CA GLN B 118 14.87 39.88 11.94
C GLN B 118 15.50 38.50 12.16
N GLY B 119 15.96 37.76 11.15
CA GLY B 119 16.61 36.47 11.42
C GLY B 119 15.71 35.23 11.37
N SER B 120 14.52 35.33 10.80
CA SER B 120 13.65 34.18 10.70
C SER B 120 13.75 33.42 9.39
N ILE B 121 13.92 32.10 9.53
CA ILE B 121 13.89 31.20 8.38
C ILE B 121 12.52 30.53 8.43
N PHE B 122 11.92 30.23 7.27
CA PHE B 122 10.61 29.58 7.24
C PHE B 122 10.68 28.21 6.55
N GLN B 123 10.06 27.11 7.03
CA GLN B 123 10.08 25.83 6.32
C GLN B 123 8.83 25.47 5.52
N THR B 124 7.68 26.06 5.84
CA THR B 124 6.39 25.69 5.24
C THR B 124 5.84 26.97 4.58
N SER B 125 4.73 27.01 3.84
CA SER B 125 4.18 28.28 3.35
C SER B 125 2.83 28.62 3.99
N SER B 126 2.63 28.05 5.18
CA SER B 126 1.43 28.18 5.96
C SER B 126 1.44 29.53 6.69
N ASP B 127 0.28 30.11 7.02
CA ASP B 127 0.18 31.35 7.81
C ASP B 127 0.32 31.09 9.30
N THR B 128 -0.07 29.89 9.65
CA THR B 128 0.15 29.34 10.96
C THR B 128 1.63 29.51 11.37
N GLU B 129 2.57 29.27 10.42
CA GLU B 129 3.99 29.46 10.69
C GLU B 129 4.28 30.94 10.95
N VAL B 130 3.67 31.87 10.21
CA VAL B 130 3.86 33.29 10.43
C VAL B 130 3.46 33.68 11.84
N LEU B 131 2.25 33.32 12.27
CA LEU B 131 1.80 33.56 13.62
C LEU B 131 2.85 32.95 14.57
N ALA B 132 3.38 31.75 14.33
CA ALA B 132 4.30 31.09 15.27
C ALA B 132 5.54 31.94 15.59
N HIS B 133 6.16 32.45 14.53
CA HIS B 133 7.34 33.28 14.61
C HIS B 133 6.96 34.51 15.39
N LEU B 134 5.79 35.08 15.08
CA LEU B 134 5.30 36.29 15.76
C LEU B 134 4.99 36.10 17.23
N ILE B 135 4.68 34.91 17.70
CA ILE B 135 4.35 34.73 19.10
C ILE B 135 5.66 34.60 19.88
N LYS B 136 6.59 33.82 19.32
CA LYS B 136 7.89 33.63 19.92
C LYS B 136 8.68 34.96 19.99
N ARG B 137 8.71 35.73 18.93
CA ARG B 137 9.35 37.04 18.99
C ARG B 137 8.54 38.06 19.79
N SER B 138 7.37 37.79 20.38
CA SER B 138 6.64 38.87 21.03
C SER B 138 7.35 39.15 22.35
N GLY B 139 7.38 40.46 22.60
CA GLY B 139 8.02 40.95 23.79
C GLY B 139 7.28 40.61 25.05
N HIS B 140 5.98 40.30 24.93
CA HIS B 140 5.23 40.04 26.14
C HIS B 140 5.61 38.78 26.87
N PHE B 141 5.13 38.91 28.08
CA PHE B 141 5.56 38.05 29.15
C PHE B 141 4.74 36.76 29.28
N THR B 142 3.42 36.79 29.11
CA THR B 142 2.63 35.56 29.23
C THR B 142 2.20 35.12 27.84
N LEU B 143 2.19 33.79 27.59
CA LEU B 143 1.74 33.21 26.31
C LEU B 143 0.43 33.80 25.88
N LYS B 144 -0.57 33.93 26.79
CA LYS B 144 -1.82 34.61 26.50
C LYS B 144 -1.57 35.98 25.83
N ASP B 145 -0.82 36.79 26.56
CA ASP B 145 -0.51 38.15 26.16
C ASP B 145 0.36 38.24 24.91
N GLN B 146 1.17 37.21 24.64
CA GLN B 146 1.93 37.16 23.40
C GLN B 146 0.98 37.03 22.23
N ILE B 147 0.09 36.02 22.28
CA ILE B 147 -0.92 35.77 21.24
C ILE B 147 -1.80 37.00 21.02
N LYS B 148 -2.33 37.53 22.13
CA LYS B 148 -3.20 38.69 22.13
C LYS B 148 -2.67 39.80 21.24
N ASN B 149 -1.38 40.10 21.38
CA ASN B 149 -0.76 41.15 20.60
C ASN B 149 -0.26 40.73 19.25
N SER B 150 -0.02 39.44 18.99
CA SER B 150 0.36 39.02 17.64
C SER B 150 -0.87 39.09 16.71
N LEU B 151 -2.03 38.67 17.23
CA LEU B 151 -3.26 38.68 16.49
C LEU B 151 -3.58 40.08 16.04
N SER B 152 -3.24 41.05 16.86
CA SER B 152 -3.48 42.45 16.52
C SER B 152 -2.81 42.88 15.22
N MET B 153 -1.73 42.17 14.79
CA MET B 153 -0.96 42.47 13.57
C MET B 153 -1.45 41.77 12.32
N LEU B 154 -2.48 40.97 12.47
CA LEU B 154 -2.87 40.12 11.37
C LEU B 154 -3.99 40.77 10.57
N LYS B 155 -3.87 40.71 9.25
CA LYS B 155 -4.93 41.25 8.41
C LYS B 155 -5.52 40.12 7.58
N GLY B 156 -6.83 39.92 7.67
CA GLY B 156 -7.53 38.96 6.83
C GLY B 156 -8.44 38.02 7.62
N ALA B 157 -8.71 36.85 7.05
CA ALA B 157 -9.60 35.90 7.67
C ALA B 157 -8.78 34.98 8.55
N TYR B 158 -9.19 34.62 9.75
CA TYR B 158 -8.48 33.64 10.55
C TYR B 158 -9.29 33.12 11.72
N ALA B 159 -9.24 31.80 11.85
CA ALA B 159 -9.89 31.06 12.92
C ALA B 159 -8.73 30.20 13.35
N PHE B 160 -8.19 30.53 14.51
CA PHE B 160 -7.03 29.85 15.02
C PHE B 160 -7.38 29.02 16.22
N LEU B 161 -6.75 27.83 16.23
CA LEU B 161 -6.74 26.96 17.39
C LEU B 161 -5.30 26.75 17.82
N ILE B 162 -4.90 27.17 19.03
CA ILE B 162 -3.53 27.06 19.51
C ILE B 162 -3.55 26.11 20.71
N MET B 163 -2.60 25.22 20.89
CA MET B 163 -2.64 24.33 22.04
C MET B 163 -1.21 24.07 22.55
N THR B 164 -1.05 24.06 23.87
CA THR B 164 0.24 23.84 24.44
C THR B 164 0.02 22.56 25.22
N GLU B 165 0.89 22.20 26.16
CA GLU B 165 0.64 21.01 26.97
C GLU B 165 -0.50 21.22 27.95
N THR B 166 -0.94 22.47 28.14
CA THR B 166 -1.84 22.78 29.23
C THR B 166 -3.05 23.63 28.94
N GLU B 167 -3.15 24.33 27.81
CA GLU B 167 -4.32 25.16 27.49
C GLU B 167 -4.53 25.14 25.98
N MET B 168 -5.73 25.54 25.59
CA MET B 168 -6.10 25.63 24.22
C MET B 168 -6.62 27.06 24.12
N ILE B 169 -6.12 27.85 23.18
CA ILE B 169 -6.56 29.22 22.97
C ILE B 169 -7.22 29.18 21.58
N VAL B 170 -8.41 29.75 21.51
CA VAL B 170 -9.26 29.81 20.33
C VAL B 170 -9.32 31.30 20.01
N ALA B 171 -9.35 31.74 18.75
CA ALA B 171 -9.43 33.15 18.42
C ALA B 171 -10.12 33.29 17.07
N LEU B 172 -11.02 34.27 16.90
CA LEU B 172 -11.74 34.49 15.65
C LEU B 172 -11.50 35.92 15.21
N ASP B 173 -11.22 36.18 13.92
CA ASP B 173 -10.91 37.53 13.48
C ASP B 173 -12.03 38.54 13.70
N PRO B 174 -11.79 39.85 13.74
CA PRO B 174 -12.84 40.88 13.97
C PRO B 174 -14.00 41.03 12.97
N ASN B 175 -13.97 40.32 11.84
CA ASN B 175 -15.13 40.31 10.97
C ASN B 175 -15.84 38.97 11.07
N GLY B 176 -15.32 37.99 11.82
CA GLY B 176 -15.89 36.65 11.83
C GLY B 176 -16.17 36.12 10.41
N LEU B 177 -15.24 36.36 9.49
CA LEU B 177 -15.36 35.89 8.13
C LEU B 177 -15.59 34.38 8.04
N ARG B 178 -14.98 33.61 8.94
CA ARG B 178 -15.14 32.17 8.97
C ARG B 178 -15.84 31.80 10.25
N PRO B 179 -16.67 30.77 10.28
CA PRO B 179 -17.36 30.39 11.49
C PRO B 179 -16.51 29.62 12.52
N LEU B 180 -16.79 29.85 13.78
CA LEU B 180 -16.34 28.96 14.83
C LEU B 180 -17.46 28.98 15.87
N SER B 181 -17.75 27.81 16.41
CA SER B 181 -18.85 27.61 17.32
C SER B 181 -18.27 26.79 18.44
N ILE B 182 -18.80 27.05 19.64
CA ILE B 182 -18.42 26.40 20.88
C ILE B 182 -19.64 25.58 21.27
N GLY B 183 -19.29 24.39 21.75
CA GLY B 183 -20.25 23.44 22.27
C GLY B 183 -19.65 22.80 23.51
N MET B 184 -20.43 21.97 24.17
CA MET B 184 -20.06 21.32 25.41
C MET B 184 -20.38 19.84 25.35
N MET B 185 -19.51 18.97 25.77
CA MET B 185 -19.74 17.53 25.69
C MET B 185 -19.31 17.01 27.07
N GLY B 186 -20.32 17.04 27.93
CA GLY B 186 -20.12 16.72 29.33
C GLY B 186 -19.50 17.93 29.99
N ASP B 187 -18.25 17.78 30.37
CA ASP B 187 -17.50 18.90 30.95
C ASP B 187 -16.36 19.28 29.98
N ALA B 188 -16.19 18.51 28.89
CA ALA B 188 -15.20 18.79 27.90
C ALA B 188 -15.82 19.90 27.05
N TYR B 189 -15.03 20.97 26.80
CA TYR B 189 -15.41 22.05 25.88
C TYR B 189 -14.90 21.59 24.53
N VAL B 190 -15.69 21.92 23.51
CA VAL B 190 -15.36 21.51 22.16
C VAL B 190 -15.62 22.68 21.20
N VAL B 191 -14.74 22.83 20.21
CA VAL B 191 -14.77 23.95 19.29
C VAL B 191 -14.73 23.41 17.89
N ALA B 192 -15.58 23.87 16.96
CA ALA B 192 -15.53 23.37 15.59
C ALA B 192 -15.98 24.39 14.57
N SER B 193 -15.46 24.35 13.34
CA SER B 193 -15.91 25.23 12.28
C SER B 193 -17.37 25.12 11.95
N GLU B 194 -17.95 23.93 12.03
CA GLU B 194 -19.35 23.80 11.72
C GLU B 194 -20.00 23.04 12.87
N THR B 195 -21.31 23.25 13.11
CA THR B 195 -21.93 22.55 14.23
C THR B 195 -22.29 21.11 13.91
N CYS B 196 -22.28 20.68 12.64
CA CYS B 196 -22.56 19.30 12.33
C CYS B 196 -21.66 18.39 13.14
N ALA B 197 -20.41 18.81 13.33
CA ALA B 197 -19.42 18.16 14.16
C ALA B 197 -19.91 17.86 15.57
N PHE B 198 -20.63 18.83 16.19
CA PHE B 198 -21.21 18.64 17.51
C PHE B 198 -22.28 17.53 17.43
N ASP B 199 -23.17 17.51 16.41
CA ASP B 199 -24.26 16.52 16.25
C ASP B 199 -23.79 15.08 16.20
N VAL B 200 -22.86 14.97 15.28
CA VAL B 200 -22.17 13.76 14.93
C VAL B 200 -21.49 13.21 16.17
N VAL B 201 -21.11 14.05 17.12
CA VAL B 201 -20.26 13.56 18.19
C VAL B 201 -20.96 13.58 19.54
N GLY B 202 -22.07 14.29 19.66
CA GLY B 202 -22.84 14.30 20.90
C GLY B 202 -22.53 15.47 21.82
N ALA B 203 -22.13 16.55 21.16
CA ALA B 203 -21.73 17.78 21.82
C ALA B 203 -22.96 18.63 21.71
N THR B 204 -23.29 19.35 22.75
CA THR B 204 -24.44 20.23 22.78
C THR B 204 -23.99 21.65 22.50
N TYR B 205 -24.58 22.29 21.49
CA TYR B 205 -24.24 23.66 21.13
C TYR B 205 -24.31 24.56 22.34
N LEU B 206 -23.39 25.50 22.38
CA LEU B 206 -23.36 26.47 23.42
C LEU B 206 -23.55 27.87 22.84
N ARG B 207 -22.71 28.37 21.92
CA ARG B 207 -22.79 29.75 21.42
C ARG B 207 -21.68 29.87 20.42
N GLU B 208 -21.71 30.88 19.56
CA GLU B 208 -20.65 31.06 18.58
C GLU B 208 -19.47 31.79 19.23
N VAL B 209 -18.27 31.66 18.69
CA VAL B 209 -17.15 32.48 19.14
C VAL B 209 -17.44 33.89 18.56
N GLU B 210 -17.48 34.96 19.38
CA GLU B 210 -17.68 36.34 18.92
C GLU B 210 -16.54 36.82 18.08
N PRO B 211 -16.66 37.65 17.05
CA PRO B 211 -15.51 38.18 16.32
C PRO B 211 -14.56 39.02 17.19
N GLY B 212 -13.23 38.94 17.02
CA GLY B 212 -12.35 39.76 17.85
C GLY B 212 -12.26 39.28 19.31
N GLU B 213 -12.69 38.05 19.53
CA GLU B 213 -12.69 37.45 20.84
C GLU B 213 -11.65 36.34 20.88
N MET B 214 -11.03 36.08 22.04
CA MET B 214 -10.15 34.94 22.24
C MET B 214 -10.53 34.26 23.56
N LEU B 215 -10.50 32.95 23.53
CA LEU B 215 -11.00 32.12 24.62
C LEU B 215 -9.82 31.30 25.08
N ILE B 216 -9.70 31.07 26.40
CA ILE B 216 -8.59 30.30 26.89
C ILE B 216 -9.28 29.18 27.66
N ILE B 217 -9.13 27.97 27.17
CA ILE B 217 -9.77 26.80 27.74
C ILE B 217 -8.69 25.98 28.39
N ASN B 218 -8.89 25.55 29.62
CA ASN B 218 -7.94 24.70 30.30
C ASN B 218 -8.70 24.04 31.44
N ASP B 219 -8.02 23.29 32.31
CA ASP B 219 -8.69 22.57 33.37
C ASP B 219 -9.45 23.40 34.36
N GLU B 220 -9.08 24.67 34.59
CA GLU B 220 -9.86 25.58 35.40
C GLU B 220 -11.22 25.86 34.72
N GLY B 221 -11.25 25.83 33.39
CA GLY B 221 -12.44 26.15 32.60
C GLY B 221 -12.11 27.08 31.44
N MET B 222 -13.05 27.92 31.06
CA MET B 222 -12.85 28.74 29.90
C MET B 222 -12.86 30.21 30.24
N LYS B 223 -11.94 30.99 29.68
CA LYS B 223 -11.76 32.41 29.98
C LYS B 223 -11.97 33.13 28.68
N SER B 224 -12.38 34.38 28.67
CA SER B 224 -12.64 35.05 27.43
C SER B 224 -12.17 36.47 27.54
N GLU B 225 -11.49 36.93 26.50
CA GLU B 225 -10.98 38.29 26.41
C GLU B 225 -11.21 38.74 24.99
N ARG B 226 -11.42 40.02 24.73
CA ARG B 226 -11.70 40.50 23.41
C ARG B 226 -10.34 41.04 23.01
N PHE B 227 -9.63 40.46 22.06
CA PHE B 227 -8.38 41.04 21.62
C PHE B 227 -8.70 42.22 20.69
N SER B 228 -9.95 42.43 20.21
CA SER B 228 -10.31 43.58 19.37
C SER B 228 -11.74 43.97 19.59
N MET B 229 -11.91 45.28 19.66
CA MET B 229 -13.24 45.84 19.84
C MET B 229 -13.72 46.37 18.50
N ASN B 230 -12.74 46.73 17.70
CA ASN B 230 -13.05 47.39 16.45
C ASN B 230 -13.37 46.25 15.48
N ILE B 231 -14.65 45.86 15.53
CA ILE B 231 -15.12 44.77 14.72
C ILE B 231 -16.16 45.17 13.64
N ASN B 232 -16.16 44.44 12.52
CA ASN B 232 -17.02 44.68 11.38
C ASN B 232 -17.52 43.31 10.91
N ARG B 233 -18.71 42.86 11.37
CA ARG B 233 -19.27 41.52 11.08
C ARG B 233 -19.51 41.33 9.60
N SER B 234 -18.90 40.31 9.02
CA SER B 234 -19.09 40.02 7.62
C SER B 234 -18.80 38.54 7.45
N ILE B 235 -19.76 37.63 7.74
CA ILE B 235 -19.48 36.21 7.57
C ILE B 235 -19.46 35.90 6.09
N CYS B 236 -18.72 34.89 5.65
CA CYS B 236 -18.67 34.45 4.26
C CYS B 236 -20.03 34.11 3.69
N SER B 237 -20.58 34.73 2.64
CA SER B 237 -21.91 34.35 2.18
C SER B 237 -22.02 32.94 1.58
N MET B 238 -20.92 32.49 0.98
CA MET B 238 -20.74 31.18 0.39
C MET B 238 -20.71 30.04 1.37
N GLU B 239 -20.64 30.31 2.65
CA GLU B 239 -20.70 29.28 3.66
C GLU B 239 -22.15 28.88 3.65
N TYR B 240 -23.04 29.88 3.68
CA TYR B 240 -24.47 29.67 3.58
C TYR B 240 -24.82 29.11 2.21
N ILE B 241 -24.39 29.71 1.11
CA ILE B 241 -24.70 29.29 -0.26
C ILE B 241 -24.17 27.93 -0.60
N TYR B 242 -22.96 27.52 -0.20
CA TYR B 242 -22.38 26.28 -0.71
C TYR B 242 -21.51 25.45 0.18
N PHE B 243 -20.66 26.08 0.97
CA PHE B 243 -19.59 25.39 1.63
C PHE B 243 -19.98 24.54 2.84
N SER B 244 -20.90 24.97 3.67
CA SER B 244 -21.20 24.19 4.83
C SER B 244 -22.06 22.98 4.55
N ARG B 245 -21.89 21.90 5.32
CA ARG B 245 -22.82 20.78 5.26
C ARG B 245 -24.21 21.28 5.65
N PRO B 246 -25.30 20.64 5.17
CA PRO B 246 -26.65 21.13 5.30
C PRO B 246 -27.28 21.07 6.65
N ASP B 247 -26.62 20.43 7.62
CA ASP B 247 -27.05 20.32 9.03
C ASP B 247 -26.36 21.24 10.05
N SER B 248 -25.43 22.03 9.53
CA SER B 248 -24.77 22.99 10.34
C SER B 248 -25.71 24.17 10.39
N ASN B 249 -25.58 24.87 11.50
CA ASN B 249 -26.27 26.12 11.67
C ASN B 249 -25.17 27.17 11.69
N ILE B 250 -25.21 28.13 10.77
CA ILE B 250 -24.29 29.24 10.79
C ILE B 250 -25.06 30.42 11.36
N ASP B 251 -24.69 30.78 12.58
CA ASP B 251 -25.27 31.89 13.32
C ASP B 251 -26.69 31.60 13.68
N GLY B 252 -26.89 30.39 14.15
CA GLY B 252 -28.22 29.96 14.53
C GLY B 252 -29.10 29.73 13.32
N ILE B 253 -28.71 29.98 12.08
CA ILE B 253 -29.54 29.69 10.93
C ILE B 253 -29.09 28.36 10.30
N ASN B 254 -30.03 27.45 10.12
CA ASN B 254 -29.73 26.17 9.51
C ASN B 254 -29.41 26.29 8.02
N VAL B 255 -28.30 25.69 7.59
CA VAL B 255 -27.81 25.80 6.21
C VAL B 255 -28.79 25.20 5.20
N HIS B 256 -29.43 24.03 5.39
CA HIS B 256 -30.37 23.45 4.44
C HIS B 256 -31.59 24.36 4.31
N SER B 257 -32.14 24.85 5.42
CA SER B 257 -33.29 25.74 5.38
C SER B 257 -32.97 27.03 4.69
N ALA B 258 -31.79 27.63 4.91
CA ALA B 258 -31.41 28.91 4.33
C ALA B 258 -31.26 28.78 2.84
N ARG B 259 -30.68 27.65 2.45
CA ARG B 259 -30.53 27.26 1.06
C ARG B 259 -31.87 26.99 0.44
N LYS B 260 -32.81 26.37 1.12
CA LYS B 260 -34.12 26.13 0.58
C LYS B 260 -34.79 27.48 0.36
N ASN B 261 -34.65 28.44 1.28
CA ASN B 261 -35.18 29.81 1.07
C ASN B 261 -34.54 30.56 -0.08
N LEU B 262 -33.25 30.39 -0.33
CA LEU B 262 -32.66 31.01 -1.47
C LEU B 262 -33.36 30.44 -2.71
N GLY B 263 -33.72 29.14 -2.68
CA GLY B 263 -34.48 28.51 -3.74
C GLY B 263 -35.83 29.18 -3.84
N LYS B 264 -36.53 29.45 -2.73
CA LYS B 264 -37.79 30.17 -2.80
C LYS B 264 -37.68 31.63 -3.27
N MET B 265 -36.55 32.33 -3.04
CA MET B 265 -36.39 33.70 -3.51
C MET B 265 -36.28 33.73 -5.04
N LEU B 266 -35.36 32.92 -5.55
CA LEU B 266 -35.12 32.78 -6.97
C LEU B 266 -36.40 32.42 -7.71
N ALA B 267 -37.27 31.68 -7.04
CA ALA B 267 -38.58 31.38 -7.59
C ALA B 267 -39.39 32.62 -7.73
N GLN B 268 -39.45 33.47 -6.71
CA GLN B 268 -40.30 34.63 -6.87
C GLN B 268 -39.67 35.74 -7.71
N GLU B 269 -38.37 35.67 -7.99
CA GLU B 269 -37.76 36.63 -8.88
C GLU B 269 -37.71 36.12 -10.31
N SER B 270 -37.74 34.81 -10.57
CA SER B 270 -37.64 34.28 -11.92
C SER B 270 -38.40 32.98 -11.88
N ALA B 271 -39.60 33.07 -12.41
CA ALA B 271 -40.43 31.90 -12.49
C ALA B 271 -40.50 31.63 -13.98
N VAL B 272 -40.75 30.38 -14.29
CA VAL B 272 -40.72 29.95 -15.67
C VAL B 272 -41.81 28.90 -15.79
N GLU B 273 -42.22 28.50 -17.00
CA GLU B 273 -43.13 27.38 -17.16
C GLU B 273 -42.19 26.31 -17.72
N ALA B 274 -42.03 25.28 -16.90
CA ALA B 274 -41.20 24.15 -17.25
C ALA B 274 -41.84 22.95 -16.55
N ASP B 275 -41.35 21.72 -16.70
CA ASP B 275 -42.02 20.53 -16.18
C ASP B 275 -41.30 19.76 -15.10
N VAL B 276 -40.03 20.06 -14.91
CA VAL B 276 -39.17 19.35 -13.97
C VAL B 276 -38.20 20.35 -13.29
N VAL B 277 -38.01 20.28 -11.97
CA VAL B 277 -36.94 21.00 -11.30
C VAL B 277 -35.95 19.91 -10.92
N THR B 278 -34.67 20.12 -11.25
CA THR B 278 -33.59 19.25 -10.79
C THR B 278 -32.49 20.14 -10.21
N GLY B 279 -31.87 19.61 -9.17
CA GLY B 279 -30.70 20.19 -8.53
C GLY B 279 -29.45 19.47 -9.00
N VAL B 280 -28.27 19.83 -8.56
CA VAL B 280 -27.10 19.15 -9.04
C VAL B 280 -26.71 18.45 -7.76
N PRO B 281 -26.57 17.11 -7.84
CA PRO B 281 -26.20 16.23 -6.74
C PRO B 281 -25.00 16.62 -5.93
N ASP B 282 -25.58 17.13 -4.86
CA ASP B 282 -25.07 17.58 -3.58
C ASP B 282 -25.04 19.07 -3.47
N SER B 283 -24.40 19.92 -4.26
CA SER B 283 -24.41 21.34 -3.98
C SER B 283 -25.77 22.08 -3.99
N SER B 284 -26.66 21.82 -5.00
CA SER B 284 -27.93 22.53 -5.04
C SER B 284 -29.18 21.67 -4.75
N ILE B 285 -29.09 20.70 -3.84
CA ILE B 285 -30.25 19.89 -3.59
C ILE B 285 -31.17 20.74 -2.80
N SER B 286 -30.85 21.33 -1.65
CA SER B 286 -31.79 22.14 -0.89
C SER B 286 -32.52 23.28 -1.65
N ALA B 287 -31.81 24.02 -2.50
CA ALA B 287 -32.38 25.16 -3.23
C ALA B 287 -33.36 24.70 -4.26
N ALA B 288 -33.06 23.54 -4.89
CA ALA B 288 -33.87 22.93 -5.92
C ALA B 288 -35.20 22.52 -5.31
N ILE B 289 -35.20 21.91 -4.11
CA ILE B 289 -36.44 21.57 -3.40
C ILE B 289 -37.19 22.86 -3.12
N GLY B 290 -36.57 23.96 -2.68
CA GLY B 290 -37.25 25.21 -2.39
C GLY B 290 -37.92 25.82 -3.59
N TYR B 291 -37.23 25.73 -4.72
CA TYR B 291 -37.71 26.29 -5.94
C TYR B 291 -38.91 25.49 -6.34
N ALA B 292 -38.84 24.17 -6.36
CA ALA B 292 -39.96 23.34 -6.79
C ALA B 292 -41.16 23.63 -5.95
N GLU B 293 -41.00 23.67 -4.61
CA GLU B 293 -42.10 23.96 -3.70
C GLU B 293 -42.70 25.30 -3.97
N ALA B 294 -41.91 26.36 -4.07
CA ALA B 294 -42.42 27.67 -4.33
C ALA B 294 -43.06 27.71 -5.73
N THR B 295 -42.57 26.95 -6.66
CA THR B 295 -43.07 27.03 -7.99
C THR B 295 -44.18 26.04 -8.27
N GLY B 296 -44.39 25.03 -7.44
CA GLY B 296 -45.36 24.01 -7.74
C GLY B 296 -44.94 23.09 -8.89
N ILE B 297 -43.77 23.20 -9.53
CA ILE B 297 -43.32 22.28 -10.57
C ILE B 297 -42.75 21.06 -9.81
N PRO B 298 -42.97 19.80 -10.23
CA PRO B 298 -42.41 18.63 -9.59
C PRO B 298 -40.89 18.53 -9.57
N TYR B 299 -40.40 18.22 -8.37
CA TYR B 299 -39.01 18.04 -8.05
C TYR B 299 -38.63 16.59 -8.33
N GLU B 300 -37.61 16.39 -9.16
CA GLU B 300 -37.21 15.08 -9.62
C GLU B 300 -35.70 14.97 -9.49
N LEU B 301 -35.16 13.74 -9.55
CA LEU B 301 -33.73 13.47 -9.60
C LEU B 301 -33.35 13.46 -11.06
N GLY B 302 -33.13 14.59 -11.71
CA GLY B 302 -32.79 14.64 -13.12
C GLY B 302 -31.30 14.47 -13.46
N LEU B 303 -30.44 14.30 -12.45
CA LEU B 303 -28.99 14.11 -12.56
C LEU B 303 -28.50 13.20 -11.43
N ILE B 304 -27.67 12.15 -11.60
CA ILE B 304 -27.15 11.33 -10.51
C ILE B 304 -25.65 11.63 -10.45
N LYS B 305 -25.04 11.58 -9.27
CA LYS B 305 -23.60 11.76 -9.06
C LYS B 305 -23.06 10.41 -8.69
N ASN B 306 -21.92 10.00 -9.21
CA ASN B 306 -21.39 8.69 -8.90
C ASN B 306 -20.65 8.78 -7.57
N ARG B 307 -21.14 7.99 -6.62
CA ARG B 307 -20.61 7.91 -5.26
C ARG B 307 -19.18 7.40 -5.15
N TYR B 308 -18.64 6.84 -6.23
CA TYR B 308 -17.35 6.21 -6.10
C TYR B 308 -16.29 6.83 -6.98
N VAL B 309 -16.45 8.07 -7.41
CA VAL B 309 -15.40 8.74 -8.18
C VAL B 309 -14.38 9.19 -7.14
N GLY B 310 -13.08 9.22 -7.40
CA GLY B 310 -12.11 9.51 -6.36
C GLY B 310 -10.83 9.97 -7.00
N ARG B 311 -9.75 10.04 -6.20
CA ARG B 311 -8.46 10.46 -6.77
C ARG B 311 -7.95 9.31 -7.62
N THR B 312 -8.22 8.16 -7.06
CA THR B 312 -7.88 6.86 -7.60
C THR B 312 -8.71 6.52 -8.85
N PHE B 313 -9.66 7.36 -9.32
CA PHE B 313 -10.54 6.96 -10.39
C PHE B 313 -9.84 7.34 -11.67
N ILE B 314 -9.77 6.38 -12.59
CA ILE B 314 -9.05 6.58 -13.84
C ILE B 314 -9.92 7.44 -14.76
N GLN B 315 -9.50 8.65 -15.03
CA GLN B 315 -10.24 9.54 -15.91
C GLN B 315 -10.28 9.08 -17.37
N PRO B 316 -11.46 9.13 -18.00
CA PRO B 316 -11.60 8.77 -19.40
C PRO B 316 -10.72 9.60 -20.33
N SER B 317 -10.26 9.02 -21.43
CA SER B 317 -9.51 9.78 -22.41
C SER B 317 -10.43 10.80 -23.08
N GLN B 318 -9.83 11.75 -23.79
CA GLN B 318 -10.54 12.75 -24.58
C GLN B 318 -11.42 12.03 -25.59
N ALA B 319 -10.92 10.97 -26.20
CA ALA B 319 -11.64 10.29 -27.23
C ALA B 319 -12.80 9.55 -26.61
N LEU B 320 -12.60 9.00 -25.41
CA LEU B 320 -13.64 8.24 -24.73
C LEU B 320 -14.69 9.20 -24.26
N ARG B 321 -14.18 10.34 -23.80
CA ARG B 321 -14.99 11.43 -23.33
C ARG B 321 -15.85 11.87 -24.50
N GLU B 322 -15.33 12.27 -25.66
CA GLU B 322 -16.20 12.69 -26.76
C GLU B 322 -16.96 11.53 -27.38
N GLN B 323 -16.61 10.26 -27.11
CA GLN B 323 -17.44 9.14 -27.50
C GLN B 323 -18.71 9.12 -26.65
N GLY B 324 -18.66 9.76 -25.48
CA GLY B 324 -19.85 9.95 -24.64
C GLY B 324 -19.72 9.43 -23.22
N VAL B 325 -18.52 9.01 -22.81
CA VAL B 325 -18.29 8.48 -21.47
C VAL B 325 -18.30 9.58 -20.39
N ARG B 326 -19.17 9.41 -19.40
CA ARG B 326 -19.36 10.36 -18.32
C ARG B 326 -18.37 10.20 -17.18
N MET B 327 -18.24 11.25 -16.35
CA MET B 327 -17.34 11.15 -15.22
C MET B 327 -18.15 11.14 -13.93
N LYS B 328 -18.24 12.17 -13.13
CA LYS B 328 -18.98 12.15 -11.88
C LYS B 328 -20.47 12.39 -12.04
N LEU B 329 -20.99 12.86 -13.14
CA LEU B 329 -22.36 13.29 -13.13
C LEU B 329 -23.02 12.80 -14.38
N SER B 330 -24.24 12.27 -14.30
CA SER B 330 -24.93 11.97 -15.52
C SER B 330 -26.36 12.45 -15.40
N ALA B 331 -27.02 12.64 -16.52
CA ALA B 331 -28.37 13.13 -16.61
C ALA B 331 -29.36 11.98 -16.76
N VAL B 332 -30.55 12.01 -16.18
CA VAL B 332 -31.36 10.85 -16.33
C VAL B 332 -32.53 11.10 -17.29
N ARG B 333 -32.34 10.39 -18.42
CA ARG B 333 -33.25 10.25 -19.55
C ARG B 333 -34.67 9.87 -19.15
N GLY B 334 -34.87 8.92 -18.23
CA GLY B 334 -36.20 8.52 -17.74
C GLY B 334 -36.93 9.63 -17.02
N VAL B 335 -36.24 10.64 -16.53
CA VAL B 335 -36.88 11.75 -15.87
C VAL B 335 -36.99 12.94 -16.83
N VAL B 336 -35.95 13.28 -17.63
CA VAL B 336 -35.97 14.52 -18.41
C VAL B 336 -36.32 14.48 -19.90
N GLU B 337 -36.42 13.32 -20.55
CA GLU B 337 -36.73 13.22 -21.96
C GLU B 337 -38.11 13.75 -22.35
N GLY B 338 -38.09 14.74 -23.24
CA GLY B 338 -39.26 15.41 -23.76
C GLY B 338 -39.82 16.37 -22.73
N LYS B 339 -39.02 16.69 -21.73
CA LYS B 339 -39.42 17.57 -20.67
C LYS B 339 -38.68 18.90 -20.71
N ARG B 340 -39.31 19.96 -20.24
CA ARG B 340 -38.70 21.27 -20.04
C ARG B 340 -38.15 21.22 -18.60
N VAL B 341 -36.83 21.39 -18.41
CA VAL B 341 -36.15 21.21 -17.13
C VAL B 341 -35.65 22.53 -16.59
N VAL B 342 -35.90 22.97 -15.35
CA VAL B 342 -35.16 24.09 -14.80
C VAL B 342 -34.12 23.37 -13.93
N MET B 343 -32.86 23.76 -14.08
CA MET B 343 -31.75 23.18 -13.35
C MET B 343 -31.33 24.30 -12.40
N VAL B 344 -31.37 24.07 -11.10
CA VAL B 344 -31.02 25.11 -10.13
C VAL B 344 -29.64 24.71 -9.66
N ASP B 345 -28.61 25.57 -9.74
CA ASP B 345 -27.32 25.21 -9.18
C ASP B 345 -27.04 26.28 -8.15
N ASP B 346 -26.19 26.08 -7.18
CA ASP B 346 -25.95 27.07 -6.13
C ASP B 346 -25.19 28.31 -6.57
N SER B 347 -24.17 28.10 -7.42
CA SER B 347 -23.34 29.12 -8.01
C SER B 347 -22.72 28.62 -9.31
N ILE B 348 -22.27 29.57 -10.12
CA ILE B 348 -21.53 29.37 -11.35
C ILE B 348 -20.19 29.99 -10.99
N VAL B 349 -19.06 29.32 -11.19
CA VAL B 349 -17.77 29.96 -10.91
C VAL B 349 -16.96 29.99 -12.21
N ARG B 350 -16.44 28.94 -12.86
CA ARG B 350 -15.72 29.09 -14.12
C ARG B 350 -16.62 28.98 -15.34
N GLY B 351 -17.82 28.43 -15.12
CA GLY B 351 -18.76 28.17 -16.19
C GLY B 351 -18.67 26.76 -16.75
N THR B 352 -17.66 25.97 -16.35
CA THR B 352 -17.51 24.60 -16.84
C THR B 352 -18.59 23.59 -16.43
N THR B 353 -18.86 23.34 -15.14
CA THR B 353 -19.89 22.41 -14.77
C THR B 353 -21.24 22.61 -15.43
N SER B 354 -21.82 23.82 -15.47
CA SER B 354 -23.11 24.08 -16.07
C SER B 354 -23.16 23.93 -17.58
N ARG B 355 -22.11 24.18 -18.38
CA ARG B 355 -22.11 23.89 -19.81
C ARG B 355 -22.19 22.38 -19.88
N ARG B 356 -21.31 21.69 -19.13
CA ARG B 356 -21.28 20.25 -19.09
C ARG B 356 -22.64 19.70 -18.74
N ILE B 357 -23.31 20.18 -17.68
CA ILE B 357 -24.63 19.69 -17.30
C ILE B 357 -25.66 20.03 -18.33
N VAL B 358 -25.79 21.26 -18.84
CA VAL B 358 -26.82 21.57 -19.83
C VAL B 358 -26.67 20.68 -21.07
N THR B 359 -25.46 20.34 -21.53
CA THR B 359 -25.31 19.46 -22.68
C THR B 359 -25.91 18.07 -22.40
N MET B 360 -25.50 17.41 -21.31
CA MET B 360 -25.96 16.11 -20.89
C MET B 360 -27.45 16.03 -20.88
N LEU B 361 -28.10 17.02 -20.30
CA LEU B 361 -29.55 17.17 -20.25
C LEU B 361 -30.21 17.25 -21.64
N ARG B 362 -29.59 17.90 -22.60
CA ARG B 362 -30.07 17.95 -23.96
C ARG B 362 -29.84 16.61 -24.64
N GLU B 363 -28.73 15.93 -24.34
CA GLU B 363 -28.48 14.60 -24.87
C GLU B 363 -29.44 13.56 -24.29
N ALA B 364 -30.11 13.85 -23.17
CA ALA B 364 -31.06 12.96 -22.54
C ALA B 364 -32.44 13.25 -23.07
N GLY B 365 -32.60 14.19 -23.98
CA GLY B 365 -33.90 14.42 -24.51
C GLY B 365 -34.63 15.60 -23.90
N ALA B 366 -34.09 16.42 -22.97
CA ALA B 366 -34.82 17.59 -22.46
C ALA B 366 -35.07 18.62 -23.57
N THR B 367 -36.22 19.29 -23.68
CA THR B 367 -36.45 20.28 -24.71
C THR B 367 -35.92 21.66 -24.37
N GLU B 368 -36.11 22.04 -23.11
CA GLU B 368 -35.69 23.30 -22.56
C GLU B 368 -34.84 23.01 -21.36
N VAL B 369 -33.72 23.73 -21.23
CA VAL B 369 -32.91 23.71 -20.03
C VAL B 369 -32.76 25.18 -19.60
N HIS B 370 -33.41 25.55 -18.52
CA HIS B 370 -33.42 26.92 -18.01
C HIS B 370 -32.59 26.88 -16.74
N VAL B 371 -31.44 27.55 -16.65
CA VAL B 371 -30.58 27.46 -15.49
C VAL B 371 -30.88 28.62 -14.52
N LYS B 372 -31.19 28.37 -13.25
CA LYS B 372 -31.43 29.40 -12.26
C LYS B 372 -30.32 29.28 -11.25
N ILE B 373 -29.72 30.35 -10.78
CA ILE B 373 -28.57 30.24 -9.91
C ILE B 373 -28.95 30.91 -8.61
N SER B 374 -28.83 30.30 -7.42
CA SER B 374 -29.18 31.01 -6.22
C SER B 374 -27.99 31.82 -5.64
N SER B 375 -27.25 32.57 -6.45
CA SER B 375 -26.17 33.40 -6.06
C SER B 375 -26.26 34.55 -7.04
N PRO B 376 -25.75 35.74 -6.72
CA PRO B 376 -25.28 36.69 -7.71
C PRO B 376 -24.12 36.16 -8.57
N PRO B 377 -23.71 36.73 -9.71
CA PRO B 377 -22.41 36.43 -10.32
C PRO B 377 -21.24 36.64 -9.33
N ILE B 378 -20.27 35.73 -9.43
CA ILE B 378 -19.06 35.82 -8.67
C ILE B 378 -18.12 36.45 -9.69
N ALA B 379 -18.06 37.78 -9.66
CA ALA B 379 -17.21 38.51 -10.57
C ALA B 379 -15.88 38.93 -9.95
N HIS B 380 -15.65 38.85 -8.63
CA HIS B 380 -14.41 39.32 -8.01
C HIS B 380 -13.65 38.21 -7.33
N PRO B 381 -12.35 38.27 -7.01
CA PRO B 381 -11.63 37.31 -6.18
C PRO B 381 -11.92 37.18 -4.69
N CYS B 382 -11.67 36.03 -4.05
CA CYS B 382 -11.81 35.92 -2.61
C CYS B 382 -10.35 35.97 -2.18
N PHE B 383 -10.07 36.70 -1.11
CA PHE B 383 -8.70 36.75 -0.57
C PHE B 383 -8.69 36.16 0.84
N TYR B 384 -9.76 35.43 1.18
CA TYR B 384 -9.92 34.90 2.54
C TYR B 384 -9.87 33.37 2.71
N GLY B 385 -9.46 32.57 1.73
CA GLY B 385 -9.32 31.15 1.97
C GLY B 385 -9.14 30.40 0.67
N ILE B 386 -8.31 29.35 0.64
CA ILE B 386 -8.13 28.53 -0.57
C ILE B 386 -9.43 27.83 -0.94
N ASP B 387 -10.14 27.32 0.07
CA ASP B 387 -11.45 26.69 -0.12
C ASP B 387 -12.49 27.59 -0.80
N THR B 388 -12.46 28.90 -0.55
CA THR B 388 -13.43 29.80 -1.15
C THR B 388 -12.94 30.61 -2.36
N SER B 389 -11.75 30.32 -2.88
CA SER B 389 -11.21 31.01 -4.04
C SER B 389 -11.08 30.00 -5.17
N THR B 390 -10.79 30.44 -6.40
CA THR B 390 -10.47 29.53 -7.50
C THR B 390 -9.31 30.27 -8.13
N HIS B 391 -8.41 29.44 -8.60
CA HIS B 391 -7.21 29.93 -9.27
C HIS B 391 -7.47 30.17 -10.74
N GLU B 392 -8.61 29.63 -11.18
CA GLU B 392 -9.04 29.70 -12.56
C GLU B 392 -9.92 30.93 -12.79
N GLU B 393 -10.05 31.30 -14.07
CA GLU B 393 -10.82 32.45 -14.52
C GLU B 393 -12.31 32.33 -14.21
N LEU B 394 -12.75 33.39 -13.54
CA LEU B 394 -14.14 33.63 -13.17
C LEU B 394 -14.91 34.11 -14.40
N ILE B 395 -15.90 33.49 -15.03
CA ILE B 395 -16.33 34.11 -16.27
C ILE B 395 -17.22 35.31 -16.10
N ALA B 396 -17.71 35.69 -14.92
CA ALA B 396 -18.48 36.94 -14.81
C ALA B 396 -17.55 38.13 -14.61
N SER B 397 -16.22 37.89 -14.54
CA SER B 397 -15.24 38.95 -14.63
C SER B 397 -15.32 39.44 -16.06
N SER B 398 -15.41 38.59 -17.09
CA SER B 398 -15.42 39.01 -18.48
C SER B 398 -16.75 38.98 -19.20
N HIS B 399 -17.69 38.14 -18.78
CA HIS B 399 -18.96 37.93 -19.47
C HIS B 399 -20.20 38.41 -18.77
N SER B 400 -21.16 38.89 -19.55
CA SER B 400 -22.44 39.33 -19.01
C SER B 400 -23.32 38.11 -18.88
N VAL B 401 -24.40 38.20 -18.13
CA VAL B 401 -25.35 37.10 -17.99
C VAL B 401 -25.79 36.60 -19.37
N ASP B 402 -25.89 37.41 -20.42
CA ASP B 402 -26.26 36.83 -21.68
C ASP B 402 -25.09 36.18 -22.36
N GLU B 403 -23.87 36.69 -22.18
CA GLU B 403 -22.71 36.04 -22.76
C GLU B 403 -22.50 34.71 -22.06
N ILE B 404 -22.83 34.64 -20.78
CA ILE B 404 -22.74 33.44 -19.98
C ILE B 404 -23.87 32.50 -20.43
N ARG B 405 -25.10 32.99 -20.66
CA ARG B 405 -26.19 32.12 -21.09
C ARG B 405 -25.82 31.43 -22.39
N GLN B 406 -25.31 32.17 -23.37
CA GLN B 406 -24.79 31.59 -24.59
C GLN B 406 -23.68 30.62 -24.39
N GLU B 407 -22.71 30.87 -23.49
CA GLU B 407 -21.54 30.02 -23.31
C GLU B 407 -21.98 28.68 -22.78
N ILE B 408 -22.76 28.70 -21.69
CA ILE B 408 -23.21 27.48 -21.08
C ILE B 408 -24.36 26.87 -21.87
N GLY B 409 -25.00 27.53 -22.84
CA GLY B 409 -26.01 26.92 -23.68
C GLY B 409 -27.41 26.90 -23.11
N ALA B 410 -27.64 27.65 -22.05
CA ALA B 410 -28.92 27.65 -21.38
C ALA B 410 -30.03 28.19 -22.27
N ASP B 411 -31.23 27.62 -22.17
CA ASP B 411 -32.40 28.17 -22.81
C ASP B 411 -32.63 29.57 -22.28
N THR B 412 -32.58 29.73 -20.93
CA THR B 412 -32.60 31.00 -20.22
C THR B 412 -31.63 30.87 -19.04
N LEU B 413 -31.14 31.96 -18.43
CA LEU B 413 -30.26 31.94 -17.27
C LEU B 413 -30.66 33.03 -16.30
N SER B 414 -30.72 32.79 -15.00
CA SER B 414 -31.06 33.78 -13.99
C SER B 414 -30.11 33.63 -12.84
N PHE B 415 -29.77 34.70 -12.12
CA PHE B 415 -28.97 34.62 -10.91
C PHE B 415 -29.80 35.30 -9.82
N LEU B 416 -29.63 35.01 -8.53
CA LEU B 416 -30.33 35.72 -7.48
C LEU B 416 -29.75 37.12 -7.40
N SER B 417 -30.54 37.99 -6.81
CA SER B 417 -30.08 39.32 -6.64
C SER B 417 -29.52 39.39 -5.23
N VAL B 418 -28.56 40.28 -4.99
CA VAL B 418 -27.93 40.48 -3.71
C VAL B 418 -29.02 40.69 -2.65
N GLU B 419 -30.06 41.46 -3.01
CA GLU B 419 -31.18 41.73 -2.14
C GLU B 419 -31.89 40.42 -1.84
N GLY B 420 -32.23 39.64 -2.89
CA GLY B 420 -32.93 38.38 -2.75
C GLY B 420 -32.14 37.40 -1.92
N LEU B 421 -30.82 37.45 -2.03
CA LEU B 421 -29.91 36.64 -1.25
C LEU B 421 -29.96 37.08 0.22
N LEU B 422 -29.83 38.35 0.55
CA LEU B 422 -29.75 38.77 1.94
C LEU B 422 -31.04 38.46 2.70
N LYS B 423 -32.11 38.59 1.87
CA LYS B 423 -33.48 38.34 2.27
C LYS B 423 -33.73 36.85 2.44
N GLY B 424 -33.24 35.99 1.53
CA GLY B 424 -33.40 34.55 1.60
C GLY B 424 -32.72 33.97 2.83
N ILE B 425 -31.46 34.30 3.09
CA ILE B 425 -30.71 33.83 4.25
C ILE B 425 -31.34 34.33 5.56
N GLY B 426 -31.70 35.63 5.61
CA GLY B 426 -32.51 36.14 6.70
C GLY B 426 -31.81 36.70 7.92
N ARG B 427 -30.60 37.25 7.78
CA ARG B 427 -30.00 37.84 8.96
C ARG B 427 -30.68 39.20 9.07
N LYS B 428 -31.05 39.57 10.29
CA LYS B 428 -31.59 40.89 10.56
C LYS B 428 -30.47 41.82 10.99
N TYR B 429 -29.21 41.70 10.56
CA TYR B 429 -28.18 42.60 11.02
C TYR B 429 -28.36 43.91 10.32
N ASP B 430 -28.55 44.90 11.18
CA ASP B 430 -28.62 46.25 10.67
C ASP B 430 -27.20 46.58 10.23
N ASP B 431 -27.34 46.82 8.92
CA ASP B 431 -26.38 47.30 7.94
C ASP B 431 -26.81 46.67 6.62
N SER B 432 -26.48 47.45 5.61
CA SER B 432 -26.63 47.19 4.21
C SER B 432 -26.43 45.76 3.75
N ASN B 433 -25.55 45.01 4.41
CA ASN B 433 -25.18 43.66 3.99
C ASN B 433 -25.60 42.58 4.95
N CYS B 434 -26.48 42.92 5.89
CA CYS B 434 -26.93 42.00 6.93
C CYS B 434 -25.80 41.27 7.61
N GLY B 435 -24.61 41.85 7.68
CA GLY B 435 -23.49 41.22 8.37
C GLY B 435 -22.80 40.13 7.56
N GLN B 436 -22.89 40.16 6.24
CA GLN B 436 -22.28 39.18 5.37
C GLN B 436 -21.13 39.75 4.55
N CYS B 437 -20.19 38.92 4.09
CA CYS B 437 -19.16 39.36 3.20
C CYS B 437 -19.80 39.04 1.88
N LEU B 438 -19.79 40.01 1.00
CA LEU B 438 -20.35 39.86 -0.32
C LEU B 438 -19.29 40.23 -1.35
N ALA B 439 -18.00 40.43 -1.01
CA ALA B 439 -16.98 40.84 -2.00
C ALA B 439 -16.92 40.14 -3.34
N CYS B 440 -16.76 38.83 -3.42
CA CYS B 440 -16.87 38.12 -4.70
C CYS B 440 -18.07 38.52 -5.62
N PHE B 441 -19.19 38.94 -5.05
CA PHE B 441 -20.32 39.39 -5.85
C PHE B 441 -20.24 40.89 -6.14
N THR B 442 -19.96 41.77 -5.19
CA THR B 442 -19.99 43.22 -5.37
C THR B 442 -18.68 43.96 -5.63
N GLY B 443 -17.56 43.39 -5.22
CA GLY B 443 -16.27 44.05 -5.36
C GLY B 443 -15.88 44.79 -4.11
N LYS B 444 -16.75 44.74 -3.09
CA LYS B 444 -16.54 45.48 -1.86
C LYS B 444 -16.02 44.49 -0.83
N TYR B 445 -14.73 44.63 -0.44
CA TYR B 445 -14.09 43.74 0.52
C TYR B 445 -14.25 44.23 1.94
N PRO B 446 -14.37 43.41 2.97
CA PRO B 446 -14.54 43.90 4.33
C PRO B 446 -13.20 44.20 4.98
N THR B 447 -12.13 44.28 4.19
CA THR B 447 -10.78 44.28 4.68
C THR B 447 -10.01 45.09 3.67
N GLU B 448 -8.83 45.51 4.08
CA GLU B 448 -7.95 46.24 3.21
C GLU B 448 -7.17 45.16 2.47
N ILE B 449 -7.09 45.20 1.14
CA ILE B 449 -6.36 44.19 0.35
C ILE B 449 -5.09 44.95 -0.01
N TYR B 450 -3.89 44.39 0.11
CA TYR B 450 -2.66 45.12 -0.19
C TYR B 450 -2.26 44.91 -1.62
N GLN B 451 -1.40 45.80 -2.11
CA GLN B 451 -0.88 45.64 -3.47
C GLN B 451 -0.03 44.37 -3.50
N ASP B 452 0.52 43.97 -2.34
CA ASP B 452 1.30 42.75 -2.22
C ASP B 452 0.47 41.48 -2.01
N THR B 453 -0.84 41.61 -1.74
CA THR B 453 -1.70 40.47 -1.45
C THR B 453 -1.86 39.61 -2.69
N VAL B 454 -1.55 38.34 -2.51
CA VAL B 454 -1.75 37.38 -3.58
C VAL B 454 -3.02 36.59 -3.20
N LEU B 455 -3.49 35.91 -4.25
CA LEU B 455 -4.58 34.96 -4.12
C LEU B 455 -4.04 33.74 -3.37
N PRO B 456 -4.75 33.21 -2.38
CA PRO B 456 -4.37 32.11 -1.50
C PRO B 456 -3.52 31.00 -2.10
N HIS B 457 -3.95 30.51 -3.27
CA HIS B 457 -3.28 29.40 -3.92
C HIS B 457 -1.83 29.68 -4.28
N VAL B 458 -1.55 30.95 -4.62
CA VAL B 458 -0.24 31.38 -5.07
C VAL B 458 0.82 31.14 -4.01
N LYS B 459 0.42 31.04 -2.74
CA LYS B 459 1.34 30.72 -1.66
C LYS B 459 1.67 29.21 -1.70
N GLU B 460 1.70 28.53 -2.85
CA GLU B 460 1.88 27.08 -2.87
C GLU B 460 3.34 26.67 -2.73
N ALA B 461 3.46 25.51 -2.08
CA ALA B 461 4.77 24.94 -1.91
C ALA B 461 4.89 23.71 -2.82
N VAL B 462 4.87 22.44 -2.38
CA VAL B 462 5.18 21.32 -3.26
C VAL B 462 4.36 21.19 -4.55
N LEU B 463 5.24 21.00 -5.56
CA LEU B 463 4.92 20.87 -6.97
C LEU B 463 3.81 19.86 -7.22
N THR B 464 4.01 18.72 -6.54
CA THR B 464 3.22 17.51 -6.67
C THR B 464 3.54 17.07 -8.10
N LYS B 465 2.84 17.63 -9.09
CA LYS B 465 3.05 17.35 -10.49
C LYS B 465 4.36 18.07 -10.84
N CYS C 1 11.45 -24.01 -6.18
CA CYS C 1 10.38 -23.88 -5.21
C CYS C 1 10.68 -24.73 -3.98
N GLY C 2 9.99 -24.63 -2.85
CA GLY C 2 10.32 -25.46 -1.73
C GLY C 2 9.07 -25.61 -0.93
N VAL C 3 8.88 -26.75 -0.29
CA VAL C 3 7.69 -27.01 0.49
C VAL C 3 8.12 -27.19 1.96
N PHE C 4 7.24 -27.02 2.93
CA PHE C 4 7.55 -27.23 4.34
C PHE C 4 6.27 -27.76 4.97
N GLY C 5 6.30 -28.73 5.89
CA GLY C 5 5.07 -29.18 6.53
C GLY C 5 5.33 -29.57 7.96
N ILE C 6 4.29 -29.50 8.82
CA ILE C 6 4.39 -29.85 10.22
C ILE C 6 3.02 -30.35 10.66
N TRP C 7 3.02 -31.52 11.27
CA TRP C 7 1.82 -32.10 11.82
C TRP C 7 2.12 -32.23 13.31
N GLY C 8 1.15 -31.79 14.08
CA GLY C 8 1.13 -31.93 15.52
C GLY C 8 1.84 -30.83 16.27
N HIS C 9 1.70 -29.57 15.87
CA HIS C 9 2.33 -28.52 16.64
C HIS C 9 1.23 -27.54 16.80
N GLU C 10 1.02 -27.17 18.06
CA GLU C 10 -0.04 -26.24 18.41
C GLU C 10 0.21 -24.85 17.84
N GLU C 11 1.32 -24.58 17.14
CA GLU C 11 1.66 -23.27 16.62
C GLU C 11 2.09 -23.51 15.20
N ALA C 12 1.38 -24.39 14.49
CA ALA C 12 1.82 -24.84 13.18
C ALA C 12 1.85 -23.79 12.10
N PRO C 13 0.94 -22.82 11.86
CA PRO C 13 1.10 -21.78 10.85
C PRO C 13 2.30 -20.87 11.08
N GLN C 14 2.63 -20.56 12.33
CA GLN C 14 3.76 -19.72 12.68
C GLN C 14 5.03 -20.50 12.35
N ILE C 15 5.15 -21.77 12.80
CA ILE C 15 6.33 -22.57 12.50
C ILE C 15 6.42 -22.69 10.99
N THR C 16 5.33 -22.86 10.24
CA THR C 16 5.42 -23.00 8.78
C THR C 16 5.93 -21.71 8.19
N TYR C 17 5.63 -20.55 8.77
CA TYR C 17 6.11 -19.27 8.25
C TYR C 17 7.62 -19.15 8.41
N TYR C 18 8.20 -19.54 9.54
CA TYR C 18 9.64 -19.46 9.71
C TYR C 18 10.34 -20.48 8.84
N GLY C 19 9.72 -21.66 8.70
CA GLY C 19 10.19 -22.71 7.82
C GLY C 19 10.22 -22.23 6.38
N LEU C 20 9.15 -21.64 5.85
CA LEU C 20 9.20 -21.17 4.48
C LEU C 20 10.17 -20.04 4.22
N HIS C 21 10.28 -19.07 5.13
CA HIS C 21 11.21 -17.97 5.01
C HIS C 21 12.67 -18.51 4.95
N SER C 22 13.13 -19.57 5.65
CA SER C 22 14.47 -20.06 5.38
C SER C 22 14.53 -20.71 4.02
N LEU C 23 13.41 -21.01 3.36
CA LEU C 23 13.42 -21.58 2.03
C LEU C 23 13.11 -20.51 0.98
N GLN C 24 13.10 -19.21 1.34
CA GLN C 24 12.76 -18.11 0.45
C GLN C 24 13.65 -17.91 -0.76
N HIS C 25 14.87 -18.41 -0.71
CA HIS C 25 15.79 -18.35 -1.83
C HIS C 25 15.32 -19.29 -2.94
N ARG C 26 14.48 -20.26 -2.57
CA ARG C 26 13.98 -21.25 -3.50
C ARG C 26 12.93 -20.71 -4.45
N GLY C 27 12.34 -19.55 -4.12
CA GLY C 27 11.37 -18.90 -4.97
C GLY C 27 10.82 -17.65 -4.33
N GLN C 28 10.85 -16.55 -5.08
CA GLN C 28 10.32 -15.29 -4.58
C GLN C 28 9.08 -14.84 -5.29
N GLU C 29 8.45 -15.70 -6.08
CA GLU C 29 7.29 -15.28 -6.83
C GLU C 29 5.97 -15.62 -6.16
N GLY C 30 5.84 -16.35 -5.05
CA GLY C 30 4.55 -16.42 -4.36
C GLY C 30 4.70 -17.20 -3.10
N ALA C 31 3.83 -17.19 -2.11
CA ALA C 31 3.91 -18.09 -0.96
C ALA C 31 2.54 -18.42 -0.41
N GLY C 32 2.39 -19.52 0.32
CA GLY C 32 1.12 -19.90 0.87
C GLY C 32 1.25 -20.89 1.99
N ILE C 33 0.27 -20.98 2.89
CA ILE C 33 0.21 -21.87 4.04
C ILE C 33 -1.24 -22.36 4.10
N VAL C 34 -1.49 -23.65 4.31
CA VAL C 34 -2.83 -24.18 4.52
C VAL C 34 -2.64 -24.91 5.82
N ALA C 35 -3.49 -24.70 6.79
CA ALA C 35 -3.34 -25.26 8.11
C ALA C 35 -4.62 -25.97 8.44
N THR C 36 -4.57 -26.95 9.32
CA THR C 36 -5.74 -27.70 9.69
C THR C 36 -5.74 -27.83 11.20
N ASP C 37 -6.95 -27.91 11.74
CA ASP C 37 -7.21 -28.11 13.15
C ASP C 37 -7.96 -29.43 13.34
N GLY C 38 -7.95 -30.36 12.38
CA GLY C 38 -8.77 -31.55 12.50
C GLY C 38 -10.18 -31.32 11.95
N GLU C 39 -10.70 -30.11 12.06
CA GLU C 39 -12.00 -29.77 11.52
C GLU C 39 -12.01 -29.18 10.13
N LYS C 40 -11.47 -28.01 9.86
CA LYS C 40 -11.64 -27.37 8.56
C LYS C 40 -10.29 -26.83 8.18
N LEU C 41 -10.04 -26.66 6.89
CA LEU C 41 -8.79 -26.10 6.46
C LEU C 41 -9.00 -24.63 6.25
N THR C 42 -8.04 -23.88 6.73
CA THR C 42 -8.06 -22.45 6.67
C THR C 42 -6.78 -22.17 5.89
N ALA C 43 -6.60 -21.12 5.10
CA ALA C 43 -5.41 -21.01 4.27
C ALA C 43 -5.11 -19.58 3.86
N HIS C 44 -3.89 -19.15 3.57
CA HIS C 44 -3.64 -17.81 3.04
C HIS C 44 -2.47 -18.01 2.10
N LYS C 45 -2.46 -17.32 0.98
CA LYS C 45 -1.42 -17.41 -0.02
C LYS C 45 -1.52 -16.16 -0.87
N GLY C 46 -0.55 -15.84 -1.72
CA GLY C 46 -0.60 -14.70 -2.60
C GLY C 46 0.73 -14.59 -3.32
N GLN C 47 0.93 -13.64 -4.25
CA GLN C 47 2.19 -13.52 -4.97
C GLN C 47 3.19 -12.69 -4.18
N GLY C 48 4.48 -12.96 -4.36
CA GLY C 48 5.48 -12.17 -3.67
C GLY C 48 6.24 -12.90 -2.59
N LEU C 49 7.14 -12.13 -1.99
CA LEU C 49 7.99 -12.56 -0.90
C LEU C 49 7.13 -13.01 0.29
N ILE C 50 7.56 -13.90 1.20
CA ILE C 50 6.69 -14.41 2.26
C ILE C 50 6.18 -13.25 3.07
N THR C 51 7.09 -12.35 3.40
CA THR C 51 6.88 -11.18 4.23
C THR C 51 6.00 -10.16 3.54
N GLU C 52 5.99 -10.15 2.21
CA GLU C 52 5.04 -9.31 1.52
C GLU C 52 3.73 -10.02 1.69
N VAL C 53 3.62 -11.33 1.48
CA VAL C 53 2.33 -12.03 1.58
C VAL C 53 1.74 -12.07 2.98
N PHE C 54 2.48 -12.23 4.05
CA PHE C 54 1.87 -12.22 5.37
C PHE C 54 2.46 -10.99 6.06
N GLN C 55 2.08 -9.80 5.54
CA GLN C 55 2.39 -8.49 6.14
C GLN C 55 2.19 -8.49 7.66
N ASN C 56 1.12 -9.24 7.91
CA ASN C 56 0.55 -9.70 9.15
C ASN C 56 -0.70 -8.87 9.41
N GLY C 57 -1.47 -9.65 10.15
CA GLY C 57 -2.88 -9.48 10.33
C GLY C 57 -3.36 -10.82 9.78
N GLU C 58 -2.64 -11.31 8.76
CA GLU C 58 -2.95 -12.53 8.06
C GLU C 58 -2.51 -13.88 8.61
N LEU C 59 -1.39 -14.03 9.32
CA LEU C 59 -1.04 -15.35 9.84
C LEU C 59 -2.03 -15.76 10.94
N SER C 60 -2.66 -14.77 11.55
CA SER C 60 -3.70 -14.93 12.56
C SER C 60 -5.03 -15.43 12.04
N LYS C 61 -5.17 -15.62 10.73
CA LYS C 61 -6.39 -16.17 10.19
C LYS C 61 -6.25 -17.66 10.01
N VAL C 62 -5.03 -18.05 9.64
CA VAL C 62 -4.67 -19.42 9.32
C VAL C 62 -4.30 -20.06 10.66
N LYS C 63 -5.08 -21.02 11.12
CA LYS C 63 -4.86 -21.66 12.40
C LYS C 63 -4.94 -23.18 12.33
N GLY C 64 -4.19 -23.93 13.16
CA GLY C 64 -4.27 -25.37 13.17
C GLY C 64 -3.08 -26.12 13.75
N LYS C 65 -3.13 -27.45 13.88
CA LYS C 65 -2.01 -28.19 14.40
C LYS C 65 -1.26 -28.95 13.33
N GLY C 66 -1.76 -28.95 12.12
CA GLY C 66 -1.04 -29.50 10.99
C GLY C 66 -0.93 -28.33 10.04
N ALA C 67 0.03 -28.26 9.10
CA ALA C 67 0.13 -27.15 8.15
C ALA C 67 1.13 -27.48 7.06
N ILE C 68 0.89 -27.06 5.82
CA ILE C 68 1.84 -27.30 4.73
C ILE C 68 2.04 -25.97 4.06
N GLY C 69 3.21 -25.68 3.52
CA GLY C 69 3.49 -24.41 2.91
C GLY C 69 4.31 -24.60 1.66
N HIS C 70 4.26 -23.66 0.74
CA HIS C 70 5.00 -23.76 -0.49
C HIS C 70 5.57 -22.37 -0.74
N VAL C 71 6.77 -22.28 -1.33
CA VAL C 71 7.46 -21.07 -1.79
C VAL C 71 7.60 -21.32 -3.28
N ARG C 72 7.31 -20.41 -4.15
CA ARG C 72 7.25 -20.66 -5.58
C ARG C 72 8.20 -19.80 -6.41
N TYR C 73 8.65 -20.32 -7.54
CA TYR C 73 9.58 -19.68 -8.43
C TYR C 73 8.80 -19.46 -9.69
N ALA C 74 8.96 -18.39 -10.46
CA ALA C 74 8.29 -18.30 -11.76
C ALA C 74 9.28 -17.44 -12.51
N THR C 75 9.65 -17.87 -13.72
CA THR C 75 10.70 -17.27 -14.53
C THR C 75 10.24 -15.94 -15.07
N ALA C 76 9.06 -16.01 -15.65
CA ALA C 76 8.34 -14.81 -16.00
C ALA C 76 7.75 -14.61 -14.61
N GLY C 77 8.36 -13.68 -13.87
CA GLY C 77 7.88 -13.30 -12.55
C GLY C 77 6.43 -12.86 -12.73
N GLY C 78 5.51 -13.69 -12.22
CA GLY C 78 4.07 -13.44 -12.34
C GLY C 78 3.36 -14.77 -12.27
N GLY C 79 3.06 -15.39 -13.42
CA GLY C 79 2.45 -16.72 -13.48
C GLY C 79 0.95 -16.69 -13.19
N GLY C 80 0.57 -15.98 -12.13
CA GLY C 80 -0.81 -15.76 -11.79
C GLY C 80 -1.04 -16.26 -10.38
N TYR C 81 -1.87 -15.53 -9.62
CA TYR C 81 -2.28 -15.95 -8.30
C TYR C 81 -2.73 -17.40 -8.28
N GLU C 82 -3.48 -17.80 -9.31
CA GLU C 82 -3.99 -19.16 -9.50
C GLU C 82 -2.95 -20.26 -9.36
N ASN C 83 -1.70 -19.95 -9.70
CA ASN C 83 -0.66 -20.95 -9.69
C ASN C 83 0.15 -20.97 -8.40
N VAL C 84 -0.17 -20.04 -7.50
CA VAL C 84 0.45 -19.91 -6.20
C VAL C 84 -0.15 -21.08 -5.44
N GLN C 85 0.70 -21.84 -4.74
CA GLN C 85 0.27 -23.03 -4.04
C GLN C 85 0.36 -22.81 -2.53
N PRO C 86 -0.14 -23.67 -1.64
CA PRO C 86 -0.90 -24.87 -1.92
C PRO C 86 -2.20 -24.74 -2.68
N LEU C 87 -2.56 -25.74 -3.50
CA LEU C 87 -3.89 -25.73 -4.11
C LEU C 87 -4.90 -26.39 -3.17
N LEU C 88 -6.08 -25.83 -2.95
CA LEU C 88 -7.05 -26.39 -2.02
C LEU C 88 -8.22 -26.77 -2.90
N PHE C 89 -8.66 -28.01 -2.75
CA PHE C 89 -9.82 -28.49 -3.47
C PHE C 89 -10.74 -28.81 -2.32
N ARG C 90 -12.00 -28.53 -2.56
CA ARG C 90 -13.01 -28.68 -1.53
C ARG C 90 -14.14 -29.56 -2.07
N SER C 91 -14.78 -30.25 -1.14
CA SER C 91 -16.01 -30.94 -1.47
C SER C 91 -16.71 -31.09 -0.14
N GLN C 92 -17.95 -30.69 -0.16
CA GLN C 92 -18.76 -30.86 1.02
C GLN C 92 -19.13 -32.34 1.00
N ASN C 93 -19.25 -32.95 2.18
CA ASN C 93 -19.57 -34.38 2.32
C ASN C 93 -18.53 -35.28 1.63
N ASN C 94 -17.24 -34.95 1.77
CA ASN C 94 -16.14 -35.73 1.22
C ASN C 94 -14.77 -35.09 1.49
N GLY C 95 -14.64 -33.80 1.85
CA GLY C 95 -13.36 -33.30 2.37
C GLY C 95 -12.57 -32.30 1.53
N SER C 96 -11.57 -31.70 2.20
CA SER C 96 -10.65 -30.75 1.58
C SER C 96 -9.32 -31.49 1.36
N LEU C 97 -8.59 -31.10 0.34
CA LEU C 97 -7.30 -31.67 -0.03
C LEU C 97 -6.46 -30.44 -0.35
N ALA C 98 -5.24 -30.35 0.17
CA ALA C 98 -4.36 -29.24 -0.06
C ALA C 98 -3.11 -29.87 -0.65
N LEU C 99 -2.54 -29.32 -1.71
CA LEU C 99 -1.36 -29.87 -2.36
C LEU C 99 -0.29 -28.85 -2.72
N ALA C 100 0.97 -29.18 -2.46
CA ALA C 100 2.13 -28.38 -2.76
C ALA C 100 3.15 -29.26 -3.49
N HIS C 101 3.78 -28.82 -4.57
CA HIS C 101 4.74 -29.61 -5.33
C HIS C 101 6.06 -28.88 -5.58
N ASN C 102 7.15 -29.67 -5.58
CA ASN C 102 8.44 -29.21 -6.05
C ASN C 102 8.97 -30.29 -7.03
N GLY C 103 9.00 -29.97 -8.33
CA GLY C 103 9.51 -30.84 -9.37
C GLY C 103 8.82 -30.54 -10.70
N ASN C 104 8.83 -31.32 -11.78
CA ASN C 104 8.11 -31.03 -13.01
C ASN C 104 7.64 -32.34 -13.58
N LEU C 105 6.34 -32.48 -13.78
CA LEU C 105 5.76 -33.69 -14.33
C LEU C 105 5.98 -33.58 -15.79
N VAL C 106 6.81 -34.45 -16.32
CA VAL C 106 7.18 -34.55 -17.73
C VAL C 106 6.09 -35.13 -18.63
N ASN C 107 4.99 -35.67 -18.11
CA ASN C 107 3.90 -36.26 -18.90
C ASN C 107 2.57 -35.54 -18.65
N ALA C 108 2.56 -34.38 -18.00
CA ALA C 108 1.37 -33.60 -17.70
C ALA C 108 0.60 -33.08 -18.89
N THR C 109 1.16 -32.73 -20.04
CA THR C 109 0.35 -32.26 -21.17
C THR C 109 -0.51 -33.43 -21.65
N GLN C 110 0.14 -34.56 -21.89
CA GLN C 110 -0.46 -35.82 -22.23
C GLN C 110 -1.55 -36.18 -21.21
N LEU C 111 -1.26 -36.14 -19.93
CA LEU C 111 -2.26 -36.42 -18.91
C LEU C 111 -3.40 -35.40 -18.90
N LYS C 112 -3.19 -34.13 -19.26
CA LYS C 112 -4.24 -33.13 -19.22
C LYS C 112 -5.18 -33.32 -20.39
N GLN C 113 -4.63 -33.75 -21.51
CA GLN C 113 -5.36 -34.03 -22.71
C GLN C 113 -6.35 -35.14 -22.41
N GLN C 114 -5.83 -36.29 -21.94
CA GLN C 114 -6.65 -37.43 -21.60
C GLN C 114 -7.69 -37.04 -20.55
N LEU C 115 -7.37 -36.08 -19.67
CA LEU C 115 -8.28 -35.65 -18.63
C LEU C 115 -9.40 -34.72 -19.07
N GLU C 116 -9.16 -33.76 -19.96
CA GLU C 116 -10.18 -32.87 -20.47
C GLU C 116 -11.18 -33.65 -21.28
N ASN C 117 -10.65 -34.64 -21.99
CA ASN C 117 -11.46 -35.63 -22.69
C ASN C 117 -12.30 -36.42 -21.72
N GLN C 118 -11.89 -37.02 -20.59
CA GLN C 118 -12.79 -37.63 -19.62
C GLN C 118 -13.69 -36.52 -18.99
N GLY C 119 -13.83 -35.27 -19.49
CA GLY C 119 -14.70 -34.25 -18.90
C GLY C 119 -14.06 -33.23 -17.93
N SER C 120 -12.74 -33.17 -17.76
CA SER C 120 -12.18 -32.27 -16.76
C SER C 120 -11.95 -30.83 -17.20
N ILE C 121 -12.22 -29.88 -16.29
CA ILE C 121 -11.93 -28.48 -16.55
C ILE C 121 -10.80 -28.08 -15.63
N PHE C 122 -9.86 -27.33 -16.19
CA PHE C 122 -8.66 -26.93 -15.48
C PHE C 122 -8.61 -25.42 -15.21
N GLN C 123 -8.53 -25.06 -13.92
CA GLN C 123 -8.42 -23.67 -13.54
C GLN C 123 -7.01 -23.09 -13.45
N THR C 124 -5.99 -23.91 -13.24
CA THR C 124 -4.66 -23.39 -13.05
C THR C 124 -3.82 -24.02 -14.15
N SER C 125 -2.50 -23.86 -14.22
CA SER C 125 -1.66 -24.66 -15.12
C SER C 125 -0.59 -25.45 -14.35
N SER C 126 -0.99 -25.64 -13.10
CA SER C 126 -0.23 -26.33 -12.10
C SER C 126 -0.31 -27.86 -12.29
N ASP C 127 0.81 -28.56 -12.11
CA ASP C 127 0.87 -30.03 -12.09
C ASP C 127 0.11 -30.52 -10.90
N THR C 128 0.20 -29.81 -9.80
CA THR C 128 -0.56 -30.05 -8.60
C THR C 128 -2.03 -30.28 -8.96
N GLU C 129 -2.56 -29.57 -9.94
CA GLU C 129 -3.95 -29.74 -10.29
C GLU C 129 -4.18 -31.05 -11.04
N VAL C 130 -3.21 -31.48 -11.85
CA VAL C 130 -3.26 -32.74 -12.57
C VAL C 130 -3.32 -33.84 -11.51
N LEU C 131 -2.48 -33.85 -10.48
CA LEU C 131 -2.50 -34.88 -9.46
C LEU C 131 -3.86 -34.97 -8.78
N ALA C 132 -4.57 -33.89 -8.55
CA ALA C 132 -5.84 -33.93 -7.84
C ALA C 132 -7.00 -34.43 -8.70
N HIS C 133 -6.93 -34.27 -10.00
CA HIS C 133 -7.91 -34.89 -10.85
C HIS C 133 -7.69 -36.39 -10.84
N LEU C 134 -6.45 -36.89 -10.95
CA LEU C 134 -6.17 -38.30 -10.87
C LEU C 134 -6.61 -38.89 -9.52
N ILE C 135 -6.38 -38.31 -8.34
CA ILE C 135 -6.92 -38.87 -7.10
C ILE C 135 -8.44 -39.00 -7.18
N LYS C 136 -9.24 -37.98 -7.52
CA LYS C 136 -10.69 -38.06 -7.56
C LYS C 136 -11.19 -39.16 -8.50
N ARG C 137 -10.67 -39.27 -9.72
CA ARG C 137 -11.10 -40.30 -10.64
C ARG C 137 -10.50 -41.66 -10.30
N SER C 138 -9.75 -41.86 -9.21
CA SER C 138 -9.21 -43.17 -8.91
C SER C 138 -10.31 -44.04 -8.28
N GLY C 139 -10.37 -45.28 -8.74
CA GLY C 139 -11.31 -46.22 -8.20
C GLY C 139 -10.70 -47.05 -7.09
N HIS C 140 -9.50 -46.77 -6.59
CA HIS C 140 -8.97 -47.51 -5.45
C HIS C 140 -9.83 -47.18 -4.26
N PHE C 141 -9.71 -47.85 -3.12
CA PHE C 141 -10.74 -47.66 -2.12
C PHE C 141 -10.49 -46.75 -0.96
N THR C 142 -9.34 -46.10 -0.88
CA THR C 142 -8.89 -45.39 0.30
C THR C 142 -8.08 -44.24 -0.23
N LEU C 143 -8.10 -43.06 0.43
CA LEU C 143 -7.32 -41.91 -0.02
C LEU C 143 -5.89 -42.29 -0.27
N LYS C 144 -5.28 -42.95 0.69
CA LYS C 144 -3.91 -43.41 0.57
C LYS C 144 -3.67 -44.18 -0.73
N ASP C 145 -4.52 -45.15 -1.08
CA ASP C 145 -4.31 -45.96 -2.28
C ASP C 145 -4.60 -45.27 -3.60
N GLN C 146 -5.49 -44.28 -3.55
CA GLN C 146 -5.78 -43.43 -4.70
C GLN C 146 -4.60 -42.54 -5.02
N ILE C 147 -3.97 -41.92 -4.01
CA ILE C 147 -2.76 -41.10 -4.22
C ILE C 147 -1.66 -42.05 -4.71
N LYS C 148 -1.47 -43.17 -4.00
CA LYS C 148 -0.47 -44.18 -4.31
C LYS C 148 -0.50 -44.68 -5.73
N ASN C 149 -1.69 -44.80 -6.31
CA ASN C 149 -1.73 -45.26 -7.67
C ASN C 149 -1.80 -44.16 -8.70
N SER C 150 -2.25 -42.93 -8.36
CA SER C 150 -2.17 -41.75 -9.23
C SER C 150 -0.70 -41.36 -9.45
N LEU C 151 0.12 -41.53 -8.40
CA LEU C 151 1.57 -41.32 -8.43
C LEU C 151 2.26 -42.16 -9.48
N SER C 152 1.66 -43.31 -9.81
CA SER C 152 2.21 -44.22 -10.77
C SER C 152 1.92 -43.76 -12.18
N MET C 153 1.00 -42.82 -12.34
CA MET C 153 0.66 -42.35 -13.65
C MET C 153 1.53 -41.13 -14.00
N LEU C 154 2.33 -40.66 -13.03
CA LEU C 154 3.11 -39.44 -13.17
C LEU C 154 4.48 -39.81 -13.64
N LYS C 155 5.08 -38.96 -14.48
CA LYS C 155 6.45 -39.13 -14.94
C LYS C 155 7.16 -37.81 -14.71
N GLY C 156 8.45 -37.77 -14.33
CA GLY C 156 9.20 -36.55 -14.07
C GLY C 156 9.69 -36.44 -12.62
N ALA C 157 9.76 -35.22 -12.10
CA ALA C 157 10.31 -34.99 -10.78
C ALA C 157 9.25 -34.46 -9.86
N TYR C 158 9.20 -34.96 -8.64
CA TYR C 158 8.24 -34.49 -7.68
C TYR C 158 8.50 -34.85 -6.23
N ALA C 159 8.25 -33.85 -5.39
CA ALA C 159 8.19 -33.95 -3.97
C ALA C 159 6.80 -33.36 -3.78
N PHE C 160 5.86 -34.17 -3.35
CA PHE C 160 4.50 -33.73 -3.11
C PHE C 160 4.21 -33.68 -1.61
N LEU C 161 3.46 -32.69 -1.13
CA LEU C 161 2.96 -32.66 0.24
C LEU C 161 1.45 -32.56 0.07
N ILE C 162 0.63 -33.39 0.70
CA ILE C 162 -0.83 -33.38 0.54
C ILE C 162 -1.35 -33.33 1.98
N MET C 163 -2.42 -32.60 2.25
CA MET C 163 -2.94 -32.52 3.58
C MET C 163 -4.42 -32.36 3.50
N THR C 164 -5.12 -33.05 4.38
CA THR C 164 -6.57 -33.00 4.46
C THR C 164 -6.86 -32.53 5.88
N GLU C 165 -8.05 -32.69 6.45
CA GLU C 165 -8.31 -32.24 7.81
C GLU C 165 -7.54 -33.06 8.81
N THR C 166 -7.30 -34.33 8.47
CA THR C 166 -6.80 -35.31 9.42
C THR C 166 -5.43 -35.96 9.23
N GLU C 167 -4.76 -35.87 8.08
CA GLU C 167 -3.45 -36.49 7.86
C GLU C 167 -2.64 -35.63 6.91
N MET C 168 -1.35 -35.95 6.80
CA MET C 168 -0.46 -35.33 5.83
C MET C 168 0.23 -36.45 5.08
N ILE C 169 0.14 -36.48 3.76
CA ILE C 169 0.82 -37.50 2.98
C ILE C 169 2.02 -36.83 2.33
N VAL C 170 3.13 -37.52 2.23
CA VAL C 170 4.33 -36.98 1.62
C VAL C 170 4.73 -38.04 0.60
N ALA C 171 5.17 -37.72 -0.61
CA ALA C 171 5.58 -38.72 -1.59
C ALA C 171 6.86 -38.22 -2.23
N LEU C 172 7.87 -39.04 -2.51
CA LEU C 172 9.06 -38.59 -3.21
C LEU C 172 9.20 -39.50 -4.38
N ASP C 173 9.48 -38.97 -5.55
CA ASP C 173 9.54 -39.75 -6.78
C ASP C 173 10.57 -40.86 -6.81
N PRO C 174 10.49 -41.88 -7.69
CA PRO C 174 11.43 -43.01 -7.74
C PRO C 174 12.87 -42.63 -8.06
N ASN C 175 13.17 -41.48 -8.67
CA ASN C 175 14.56 -41.09 -8.81
C ASN C 175 15.04 -40.30 -7.62
N GLY C 176 14.19 -39.75 -6.77
CA GLY C 176 14.65 -38.85 -5.70
C GLY C 176 15.33 -37.58 -6.24
N LEU C 177 14.84 -37.10 -7.40
CA LEU C 177 15.37 -35.95 -8.12
C LEU C 177 15.38 -34.66 -7.34
N ARG C 178 14.26 -34.38 -6.70
CA ARG C 178 14.19 -33.21 -5.85
C ARG C 178 14.31 -33.76 -4.45
N PRO C 179 14.97 -33.08 -3.53
CA PRO C 179 15.03 -33.49 -2.11
C PRO C 179 13.84 -33.28 -1.20
N LEU C 180 13.84 -34.09 -0.14
CA LEU C 180 12.93 -34.03 1.01
C LEU C 180 13.51 -34.73 2.23
N SER C 181 13.39 -34.14 3.41
CA SER C 181 13.95 -34.64 4.64
C SER C 181 12.89 -34.61 5.71
N ILE C 182 13.02 -35.45 6.72
CA ILE C 182 12.05 -35.53 7.78
C ILE C 182 12.85 -35.17 9.03
N GLY C 183 12.18 -34.49 9.95
CA GLY C 183 12.75 -34.10 11.20
C GLY C 183 11.66 -34.20 12.24
N MET C 184 11.93 -34.01 13.52
CA MET C 184 10.96 -34.03 14.58
C MET C 184 11.28 -32.85 15.45
N MET C 185 10.28 -32.20 15.97
CA MET C 185 10.45 -31.04 16.81
C MET C 185 9.53 -31.31 18.00
N GLY C 186 10.14 -31.93 19.01
CA GLY C 186 9.39 -32.33 20.19
C GLY C 186 8.55 -33.51 19.74
N ASP C 187 7.25 -33.32 19.74
CA ASP C 187 6.37 -34.39 19.33
C ASP C 187 5.88 -34.23 17.89
N ALA C 188 6.18 -33.10 17.24
CA ALA C 188 5.70 -32.82 15.89
C ALA C 188 6.59 -33.40 14.83
N TYR C 189 6.07 -33.74 13.69
CA TYR C 189 6.90 -34.23 12.61
C TYR C 189 6.97 -33.12 11.60
N VAL C 190 8.14 -32.86 11.04
CA VAL C 190 8.28 -31.79 10.09
C VAL C 190 8.99 -32.35 8.86
N VAL C 191 8.66 -31.81 7.70
CA VAL C 191 9.17 -32.21 6.41
C VAL C 191 9.70 -30.95 5.74
N ALA C 192 10.87 -30.91 5.12
CA ALA C 192 11.26 -29.71 4.43
C ALA C 192 12.06 -29.98 3.18
N SER C 193 12.10 -29.06 2.21
CA SER C 193 12.88 -29.26 1.02
C SER C 193 14.34 -29.22 1.31
N GLU C 194 14.80 -28.56 2.37
CA GLU C 194 16.21 -28.56 2.72
C GLU C 194 16.29 -28.57 4.23
N THR C 195 17.40 -29.03 4.76
CA THR C 195 17.52 -29.17 6.20
C THR C 195 17.75 -27.83 6.89
N CYS C 196 18.15 -26.77 6.18
CA CYS C 196 18.36 -25.49 6.80
C CYS C 196 17.11 -25.02 7.49
N ALA C 197 15.94 -25.45 7.01
CA ALA C 197 14.66 -25.15 7.64
C ALA C 197 14.50 -25.86 8.98
N PHE C 198 15.17 -26.99 9.24
CA PHE C 198 15.13 -27.62 10.56
C PHE C 198 15.97 -26.79 11.53
N ASP C 199 17.13 -26.31 11.06
CA ASP C 199 18.08 -25.57 11.88
C ASP C 199 17.45 -24.32 12.44
N VAL C 200 16.78 -23.62 11.54
CA VAL C 200 16.10 -22.39 11.87
C VAL C 200 14.96 -22.62 12.86
N VAL C 201 14.12 -23.60 12.63
CA VAL C 201 12.95 -23.85 13.46
C VAL C 201 13.26 -24.62 14.76
N GLY C 202 14.40 -25.30 14.85
CA GLY C 202 14.79 -26.02 16.05
C GLY C 202 14.32 -27.45 16.05
N ALA C 203 14.33 -28.03 14.88
CA ALA C 203 13.78 -29.34 14.72
C ALA C 203 14.88 -30.37 14.50
N THR C 204 14.87 -31.52 15.17
CA THR C 204 15.83 -32.60 14.96
C THR C 204 15.66 -33.37 13.65
N TYR C 205 16.70 -33.51 12.85
CA TYR C 205 16.71 -34.27 11.64
C TYR C 205 16.68 -35.73 12.01
N LEU C 206 15.92 -36.46 11.22
CA LEU C 206 15.87 -37.87 11.41
C LEU C 206 16.47 -38.45 10.15
N ARG C 207 15.94 -38.28 8.97
CA ARG C 207 16.42 -38.97 7.77
C ARG C 207 15.81 -38.30 6.58
N GLU C 208 16.15 -38.74 5.40
CA GLU C 208 15.54 -38.22 4.20
C GLU C 208 14.36 -39.11 3.87
N VAL C 209 13.51 -38.56 3.03
CA VAL C 209 12.44 -39.31 2.42
C VAL C 209 13.15 -40.12 1.31
N GLU C 210 12.89 -41.44 1.30
CA GLU C 210 13.42 -42.39 0.34
C GLU C 210 12.83 -42.19 -1.04
N PRO C 211 13.55 -42.34 -2.16
CA PRO C 211 13.00 -42.31 -3.50
C PRO C 211 11.86 -43.31 -3.53
N GLY C 212 10.66 -42.97 -3.95
CA GLY C 212 9.60 -43.99 -4.06
C GLY C 212 8.83 -44.26 -2.78
N GLU C 213 9.14 -43.55 -1.71
CA GLU C 213 8.48 -43.75 -0.44
C GLU C 213 7.36 -42.76 -0.22
N MET C 214 6.31 -43.11 0.54
CA MET C 214 5.26 -42.18 0.91
C MET C 214 5.02 -42.38 2.36
N LEU C 215 4.91 -41.25 3.05
CA LEU C 215 4.70 -41.23 4.49
C LEU C 215 3.28 -40.75 4.73
N ILE C 216 2.63 -41.35 5.70
CA ILE C 216 1.31 -40.91 6.07
C ILE C 216 1.57 -40.43 7.52
N ILE C 217 1.45 -39.15 7.81
CA ILE C 217 1.75 -38.66 9.14
C ILE C 217 0.38 -38.28 9.66
N ASN C 218 0.07 -38.51 10.93
CA ASN C 218 -1.19 -38.11 11.52
C ASN C 218 -1.08 -38.22 13.04
N ASP C 219 -2.20 -38.23 13.76
CA ASP C 219 -2.13 -38.33 15.20
C ASP C 219 -1.73 -39.71 15.72
N GLU C 220 -1.88 -40.80 14.98
CA GLU C 220 -1.39 -42.13 15.35
C GLU C 220 0.13 -42.04 15.32
N GLY C 221 0.70 -41.34 14.34
CA GLY C 221 2.13 -41.21 14.16
C GLY C 221 2.43 -41.16 12.68
N MET C 222 3.66 -41.51 12.32
CA MET C 222 4.10 -41.54 10.93
C MET C 222 4.13 -42.98 10.40
N LYS C 223 3.49 -43.29 9.25
CA LYS C 223 3.41 -44.60 8.60
C LYS C 223 4.24 -44.55 7.31
N SER C 224 5.06 -45.50 6.88
CA SER C 224 5.72 -45.43 5.58
C SER C 224 5.17 -46.55 4.74
N GLU C 225 5.11 -46.29 3.44
CA GLU C 225 4.69 -47.20 2.39
C GLU C 225 5.54 -46.92 1.18
N ARG C 226 5.88 -47.88 0.32
CA ARG C 226 6.76 -47.65 -0.82
C ARG C 226 5.81 -47.69 -1.99
N PHE C 227 5.63 -46.66 -2.80
CA PHE C 227 4.72 -46.74 -3.93
C PHE C 227 5.44 -47.22 -5.18
N SER C 228 6.74 -47.48 -5.16
CA SER C 228 7.47 -47.96 -6.33
C SER C 228 8.73 -48.54 -5.75
N MET C 229 9.02 -49.81 -6.07
CA MET C 229 10.28 -50.44 -5.67
C MET C 229 11.23 -50.40 -6.87
N ASN C 230 10.81 -49.69 -7.91
CA ASN C 230 11.55 -49.58 -9.14
C ASN C 230 12.21 -48.20 -9.06
N ILE C 231 13.32 -48.02 -8.29
CA ILE C 231 13.92 -46.71 -8.13
C ILE C 231 15.29 -46.55 -8.79
N ASN C 232 15.61 -45.34 -9.19
CA ASN C 232 16.88 -45.00 -9.85
C ASN C 232 17.33 -43.65 -9.30
N ARG C 233 18.06 -43.74 -8.20
CA ARG C 233 18.61 -42.56 -7.54
C ARG C 233 19.38 -41.62 -8.46
N SER C 234 18.85 -40.44 -8.69
CA SER C 234 19.55 -39.46 -9.44
C SER C 234 19.09 -38.15 -8.89
N ILE C 235 19.82 -37.54 -7.96
CA ILE C 235 19.44 -36.26 -7.40
C ILE C 235 20.04 -35.19 -8.28
N CYS C 236 19.38 -34.04 -8.28
CA CYS C 236 19.85 -32.89 -9.01
C CYS C 236 21.28 -32.49 -8.59
N SER C 237 22.22 -32.53 -9.55
CA SER C 237 23.58 -32.12 -9.26
C SER C 237 23.63 -30.63 -8.95
N MET C 238 22.77 -29.83 -9.59
CA MET C 238 22.72 -28.40 -9.38
C MET C 238 22.17 -28.01 -8.02
N GLU C 239 21.56 -28.92 -7.29
CA GLU C 239 21.16 -28.67 -5.91
C GLU C 239 22.34 -28.39 -5.01
N TYR C 240 23.37 -29.19 -5.27
CA TYR C 240 24.71 -29.22 -4.70
C TYR C 240 25.57 -28.12 -5.25
N ILE C 241 25.61 -27.97 -6.58
CA ILE C 241 26.38 -26.91 -7.21
C ILE C 241 25.87 -25.50 -6.88
N TYR C 242 24.56 -25.25 -6.93
CA TYR C 242 24.01 -23.90 -6.89
C TYR C 242 22.81 -23.62 -6.03
N PHE C 243 21.80 -24.47 -6.14
CA PHE C 243 20.49 -24.10 -5.65
C PHE C 243 20.31 -24.14 -4.15
N SER C 244 20.96 -25.01 -3.40
CA SER C 244 20.67 -25.02 -1.98
C SER C 244 21.37 -23.99 -1.11
N ARG C 245 20.69 -23.71 0.00
CA ARG C 245 21.30 -22.90 1.00
C ARG C 245 22.54 -23.62 1.54
N PRO C 246 23.65 -22.90 1.73
CA PRO C 246 24.95 -23.45 2.11
C PRO C 246 25.07 -24.30 3.34
N ASP C 247 24.14 -24.08 4.27
CA ASP C 247 24.04 -24.80 5.53
C ASP C 247 23.19 -26.08 5.60
N SER C 248 22.56 -26.36 4.46
CA SER C 248 21.73 -27.52 4.27
C SER C 248 22.65 -28.66 3.95
N ASN C 249 22.30 -29.87 4.32
CA ASN C 249 23.17 -30.97 4.00
C ASN C 249 22.29 -31.79 3.11
N ILE C 250 22.72 -32.13 1.90
CA ILE C 250 21.91 -32.95 1.00
C ILE C 250 22.50 -34.35 1.10
N ASP C 251 21.68 -35.33 1.48
CA ASP C 251 22.07 -36.71 1.69
C ASP C 251 23.24 -36.89 2.60
N GLY C 252 23.14 -36.01 3.60
CA GLY C 252 24.09 -35.98 4.65
C GLY C 252 25.32 -35.22 4.25
N ILE C 253 25.55 -34.84 3.00
CA ILE C 253 26.73 -34.10 2.60
C ILE C 253 26.37 -32.64 2.73
N ASN C 254 27.14 -31.88 3.51
CA ASN C 254 26.85 -30.47 3.72
C ASN C 254 27.08 -29.69 2.45
N VAL C 255 26.22 -28.72 2.09
CA VAL C 255 26.32 -28.01 0.82
C VAL C 255 27.52 -27.08 0.78
N HIS C 256 27.86 -26.32 1.84
CA HIS C 256 29.07 -25.46 1.84
C HIS C 256 30.31 -26.33 1.57
N SER C 257 30.59 -27.31 2.43
CA SER C 257 31.66 -28.28 2.26
C SER C 257 31.75 -28.83 0.84
N ALA C 258 30.65 -29.35 0.28
CA ALA C 258 30.69 -29.88 -1.06
C ALA C 258 31.21 -28.87 -2.06
N ARG C 259 30.68 -27.65 -2.00
CA ARG C 259 31.07 -26.61 -2.92
C ARG C 259 32.52 -26.24 -2.74
N LYS C 260 32.99 -26.30 -1.50
CA LYS C 260 34.34 -25.92 -1.21
C LYS C 260 35.27 -26.97 -1.84
N ASN C 261 34.94 -28.26 -1.75
CA ASN C 261 35.70 -29.32 -2.40
C ASN C 261 35.67 -29.17 -3.88
N LEU C 262 34.58 -28.68 -4.44
CA LEU C 262 34.51 -28.49 -5.88
C LEU C 262 35.51 -27.42 -6.30
N GLY C 263 35.79 -26.44 -5.43
CA GLY C 263 36.82 -25.46 -5.65
C GLY C 263 38.17 -26.17 -5.54
N LYS C 264 38.40 -27.01 -4.52
CA LYS C 264 39.62 -27.81 -4.44
C LYS C 264 39.83 -28.77 -5.63
N MET C 265 38.82 -29.41 -6.24
CA MET C 265 39.00 -30.20 -7.45
C MET C 265 39.39 -29.33 -8.65
N LEU C 266 38.83 -28.11 -8.77
CA LEU C 266 39.08 -27.20 -9.86
C LEU C 266 40.51 -26.70 -9.77
N ALA C 267 40.97 -26.45 -8.55
CA ALA C 267 42.33 -26.05 -8.36
C ALA C 267 43.24 -27.14 -8.84
N GLN C 268 43.00 -28.43 -8.62
CA GLN C 268 43.93 -29.44 -9.10
C GLN C 268 43.76 -29.84 -10.54
N GLU C 269 42.63 -29.55 -11.12
CA GLU C 269 42.41 -29.76 -12.52
C GLU C 269 42.93 -28.61 -13.33
N SER C 270 42.87 -27.39 -12.80
CA SER C 270 43.28 -26.19 -13.53
C SER C 270 43.71 -25.09 -12.56
N ALA C 271 44.95 -25.16 -12.08
CA ALA C 271 45.43 -24.15 -11.16
C ALA C 271 46.19 -23.15 -11.99
N VAL C 272 45.94 -21.89 -11.73
CA VAL C 272 46.61 -20.86 -12.49
C VAL C 272 47.44 -20.07 -11.50
N GLU C 273 48.42 -19.30 -11.98
CA GLU C 273 49.21 -18.46 -11.10
C GLU C 273 48.70 -17.04 -11.27
N ALA C 274 48.12 -16.56 -10.19
CA ALA C 274 47.49 -15.27 -10.21
C ALA C 274 47.69 -14.74 -8.80
N ASP C 275 47.07 -13.59 -8.54
CA ASP C 275 47.31 -12.86 -7.30
C ASP C 275 46.17 -12.94 -6.32
N VAL C 276 44.97 -13.05 -6.84
CA VAL C 276 43.75 -12.99 -6.04
C VAL C 276 42.69 -14.02 -6.44
N VAL C 277 42.05 -14.69 -5.47
CA VAL C 277 40.85 -15.48 -5.79
C VAL C 277 39.66 -14.66 -5.24
N THR C 278 38.59 -14.61 -6.06
CA THR C 278 37.36 -13.94 -5.69
C THR C 278 36.17 -14.80 -6.13
N GLY C 279 35.14 -15.00 -5.28
CA GLY C 279 33.91 -15.68 -5.71
C GLY C 279 32.91 -14.68 -6.29
N VAL C 280 31.72 -15.04 -6.68
CA VAL C 280 30.76 -14.04 -7.10
C VAL C 280 29.81 -14.02 -5.90
N PRO C 281 29.40 -12.86 -5.38
CA PRO C 281 28.60 -12.78 -4.17
C PRO C 281 27.26 -13.40 -4.34
N ASP C 282 27.30 -14.21 -3.30
CA ASP C 282 26.39 -15.22 -2.85
C ASP C 282 26.53 -16.46 -3.68
N SER C 283 26.51 -16.57 -5.03
CA SER C 283 26.53 -17.87 -5.72
C SER C 283 27.83 -18.68 -5.70
N SER C 284 29.08 -18.11 -5.61
CA SER C 284 30.30 -18.97 -5.57
C SER C 284 31.35 -18.61 -4.55
N ILE C 285 30.95 -18.11 -3.39
CA ILE C 285 31.83 -17.87 -2.27
C ILE C 285 32.50 -19.19 -1.88
N SER C 286 31.85 -20.22 -1.33
CA SER C 286 32.48 -21.51 -0.99
C SER C 286 33.37 -22.16 -2.04
N ALA C 287 32.96 -22.32 -3.28
CA ALA C 287 33.88 -22.88 -4.26
C ALA C 287 35.11 -21.98 -4.37
N ALA C 288 35.01 -20.63 -4.28
CA ALA C 288 36.19 -19.76 -4.36
C ALA C 288 37.05 -19.87 -3.13
N ILE C 289 36.49 -20.01 -1.93
CA ILE C 289 37.25 -20.28 -0.72
C ILE C 289 38.07 -21.55 -0.94
N GLY C 290 37.47 -22.66 -1.37
CA GLY C 290 38.18 -23.92 -1.57
C GLY C 290 39.25 -23.82 -2.63
N TYR C 291 38.94 -23.20 -3.79
CA TYR C 291 39.90 -23.01 -4.86
C TYR C 291 41.11 -22.29 -4.30
N ALA C 292 40.88 -21.16 -3.62
CA ALA C 292 41.91 -20.32 -3.01
C ALA C 292 42.77 -21.15 -2.06
N GLU C 293 42.24 -21.77 -1.00
CA GLU C 293 43.01 -22.62 -0.09
C GLU C 293 43.79 -23.70 -0.82
N ALA C 294 43.14 -24.29 -1.81
CA ALA C 294 43.77 -25.33 -2.57
C ALA C 294 45.02 -24.78 -3.24
N THR C 295 44.87 -23.57 -3.71
CA THR C 295 45.88 -23.01 -4.55
C THR C 295 46.87 -22.11 -3.79
N GLY C 296 46.62 -21.65 -2.56
CA GLY C 296 47.53 -20.74 -1.87
C GLY C 296 47.47 -19.28 -2.36
N ILE C 297 46.55 -18.97 -3.27
CA ILE C 297 46.33 -17.61 -3.78
C ILE C 297 45.32 -17.03 -2.75
N PRO C 298 45.54 -15.87 -2.10
CA PRO C 298 44.64 -15.33 -1.08
C PRO C 298 43.28 -14.91 -1.63
N TYR C 299 42.32 -15.23 -0.76
CA TYR C 299 40.91 -14.99 -1.02
C TYR C 299 40.57 -13.62 -0.50
N GLU C 300 40.06 -12.94 -1.50
CA GLU C 300 39.70 -11.56 -1.41
C GLU C 300 38.24 -11.37 -1.75
N LEU C 301 37.72 -10.16 -1.53
CA LEU C 301 36.34 -9.82 -1.86
C LEU C 301 36.49 -8.82 -2.96
N GLY C 302 36.79 -9.32 -4.16
CA GLY C 302 37.02 -8.51 -5.34
C GLY C 302 35.72 -8.12 -6.03
N LEU C 303 34.56 -8.67 -5.65
CA LEU C 303 33.30 -8.32 -6.27
C LEU C 303 32.31 -7.98 -5.17
N ILE C 304 31.39 -7.01 -5.22
CA ILE C 304 30.41 -6.81 -4.17
C ILE C 304 29.03 -6.85 -4.80
N LYS C 305 28.05 -7.35 -4.00
CA LYS C 305 26.62 -7.42 -4.28
C LYS C 305 25.82 -6.43 -3.43
N ASN C 306 24.95 -5.62 -4.03
CA ASN C 306 24.14 -4.68 -3.29
C ASN C 306 22.98 -5.44 -2.68
N ARG C 307 22.89 -5.37 -1.36
CA ARG C 307 21.87 -6.05 -0.56
C ARG C 307 20.45 -5.51 -0.70
N TYR C 308 20.19 -4.47 -1.51
CA TYR C 308 18.88 -3.85 -1.50
C TYR C 308 18.35 -3.72 -2.91
N VAL C 309 18.97 -4.30 -3.94
CA VAL C 309 18.35 -4.25 -5.27
C VAL C 309 17.09 -5.11 -5.15
N GLY C 310 16.06 -4.95 -5.98
CA GLY C 310 14.83 -5.72 -5.84
C GLY C 310 13.82 -5.40 -6.91
N ARG C 311 12.59 -5.91 -6.76
CA ARG C 311 11.57 -5.67 -7.77
C ARG C 311 11.08 -4.23 -7.76
N THR C 312 11.35 -3.46 -6.69
CA THR C 312 11.01 -2.04 -6.68
C THR C 312 12.21 -1.18 -7.08
N PHE C 313 13.42 -1.74 -7.11
CA PHE C 313 14.59 -0.96 -7.43
C PHE C 313 14.52 -0.52 -8.90
N ILE C 314 14.63 0.79 -9.13
CA ILE C 314 14.50 1.33 -10.48
C ILE C 314 15.72 0.94 -11.29
N GLN C 315 15.56 0.17 -12.36
CA GLN C 315 16.73 -0.25 -13.15
C GLN C 315 17.26 0.92 -13.93
N PRO C 316 18.56 1.16 -13.97
CA PRO C 316 19.16 2.24 -14.76
C PRO C 316 18.93 2.11 -16.25
N SER C 317 18.81 3.23 -16.95
CA SER C 317 18.57 3.24 -18.38
C SER C 317 19.79 2.72 -19.14
N GLN C 318 19.61 2.27 -20.37
CA GLN C 318 20.69 1.88 -21.28
C GLN C 318 21.82 2.92 -21.33
N ALA C 319 21.43 4.20 -21.30
CA ALA C 319 22.36 5.32 -21.34
C ALA C 319 23.26 5.35 -20.13
N LEU C 320 22.61 5.23 -18.98
CA LEU C 320 23.25 5.30 -17.69
C LEU C 320 24.18 4.11 -17.48
N ARG C 321 23.69 2.96 -17.97
CA ARG C 321 24.43 1.72 -18.07
C ARG C 321 25.66 2.02 -18.89
N GLU C 322 25.62 2.51 -20.14
CA GLU C 322 26.90 2.77 -20.81
C GLU C 322 27.69 3.97 -20.29
N GLN C 323 27.10 4.71 -19.37
CA GLN C 323 27.84 5.73 -18.66
C GLN C 323 28.63 5.08 -17.51
N GLY C 324 28.25 3.86 -17.09
CA GLY C 324 29.05 3.11 -16.11
C GLY C 324 28.33 2.85 -14.79
N VAL C 325 27.01 3.11 -14.76
CA VAL C 325 26.23 2.81 -13.57
C VAL C 325 25.98 1.29 -13.44
N ARG C 326 26.31 0.84 -12.23
CA ARG C 326 26.21 -0.54 -11.80
C ARG C 326 24.85 -0.83 -11.18
N MET C 327 24.43 -2.10 -11.27
CA MET C 327 23.13 -2.46 -10.72
C MET C 327 23.34 -3.31 -9.47
N LYS C 328 23.39 -4.65 -9.52
CA LYS C 328 23.55 -5.46 -8.33
C LYS C 328 24.99 -5.76 -7.95
N LEU C 329 25.96 -5.73 -8.86
CA LEU C 329 27.31 -6.19 -8.58
C LEU C 329 28.31 -5.17 -9.12
N SER C 330 29.47 -5.01 -8.46
CA SER C 330 30.56 -4.20 -8.97
C SER C 330 31.86 -4.90 -8.57
N ALA C 331 32.97 -4.68 -9.27
CA ALA C 331 34.26 -5.28 -8.92
C ALA C 331 34.87 -4.35 -7.85
N VAL C 332 35.84 -4.67 -6.99
CA VAL C 332 36.28 -3.65 -6.05
C VAL C 332 37.71 -3.38 -6.46
N ARG C 333 37.84 -2.21 -7.10
CA ARG C 333 39.13 -1.68 -7.53
C ARG C 333 40.23 -1.74 -6.48
N GLY C 334 39.96 -1.43 -5.20
CA GLY C 334 40.96 -1.53 -4.13
C GLY C 334 41.58 -2.92 -3.98
N VAL C 335 40.93 -3.99 -4.43
CA VAL C 335 41.51 -5.33 -4.36
C VAL C 335 41.99 -5.78 -5.76
N VAL C 336 41.27 -5.57 -6.88
CA VAL C 336 41.72 -6.14 -8.15
C VAL C 336 42.70 -5.31 -8.99
N GLU C 337 42.81 -4.01 -8.72
CA GLU C 337 43.65 -3.15 -9.54
C GLU C 337 45.14 -3.56 -9.57
N GLY C 338 45.65 -3.78 -10.78
CA GLY C 338 47.04 -4.14 -10.98
C GLY C 338 47.27 -5.60 -10.72
N LYS C 339 46.21 -6.36 -10.47
CA LYS C 339 46.29 -7.75 -10.13
C LYS C 339 45.81 -8.72 -11.21
N ARG C 340 46.15 -10.01 -11.08
CA ARG C 340 45.73 -11.08 -11.98
C ARG C 340 44.73 -11.81 -11.08
N VAL C 341 43.48 -11.85 -11.51
CA VAL C 341 42.34 -12.33 -10.74
C VAL C 341 41.88 -13.72 -11.19
N VAL C 342 41.47 -14.64 -10.31
CA VAL C 342 40.81 -15.82 -10.80
C VAL C 342 39.44 -15.54 -10.23
N MET C 343 38.46 -15.73 -11.09
CA MET C 343 37.07 -15.49 -10.78
C MET C 343 36.54 -16.90 -10.85
N VAL C 344 35.98 -17.43 -9.76
CA VAL C 344 35.49 -18.79 -9.69
C VAL C 344 33.99 -18.61 -9.58
N ASP C 345 33.18 -19.20 -10.45
CA ASP C 345 31.73 -19.09 -10.39
C ASP C 345 31.25 -20.52 -10.43
N ASP C 346 30.08 -20.78 -9.87
CA ASP C 346 29.57 -22.15 -9.82
C ASP C 346 29.15 -22.72 -11.18
N SER C 347 28.52 -21.91 -12.04
CA SER C 347 28.04 -22.39 -13.32
C SER C 347 27.95 -21.22 -14.32
N ILE C 348 28.02 -21.52 -15.63
CA ILE C 348 27.74 -20.60 -16.74
C ILE C 348 26.55 -21.28 -17.44
N VAL C 349 25.44 -20.56 -17.57
CA VAL C 349 24.25 -21.08 -18.26
C VAL C 349 24.12 -20.30 -19.57
N ARG C 350 23.72 -19.01 -19.50
CA ARG C 350 23.64 -18.17 -20.69
C ARG C 350 24.93 -17.43 -21.00
N GLY C 351 25.92 -17.32 -20.09
CA GLY C 351 27.11 -16.55 -20.38
C GLY C 351 26.97 -15.04 -20.16
N THR C 352 25.78 -14.50 -19.84
CA THR C 352 25.62 -13.06 -19.55
C THR C 352 26.39 -12.59 -18.32
N THR C 353 26.11 -13.09 -17.13
CA THR C 353 26.81 -12.63 -15.95
C THR C 353 28.35 -12.63 -15.94
N SER C 354 29.06 -13.68 -16.29
CA SER C 354 30.52 -13.69 -16.36
C SER C 354 31.08 -12.76 -17.44
N ARG C 355 30.39 -12.54 -18.59
CA ARG C 355 30.80 -11.51 -19.55
C ARG C 355 30.73 -10.15 -18.82
N ARG C 356 29.68 -9.85 -18.05
CA ARG C 356 29.63 -8.62 -17.30
C ARG C 356 30.70 -8.62 -16.22
N ILE C 357 30.89 -9.69 -15.46
CA ILE C 357 31.84 -9.61 -14.39
C ILE C 357 33.25 -9.50 -14.96
N VAL C 358 33.67 -10.18 -16.02
CA VAL C 358 35.03 -10.03 -16.51
C VAL C 358 35.26 -8.58 -16.95
N THR C 359 34.29 -7.94 -17.67
CA THR C 359 34.37 -6.52 -18.07
C THR C 359 34.63 -5.64 -16.87
N MET C 360 33.71 -5.64 -15.88
CA MET C 360 33.82 -4.80 -14.71
C MET C 360 35.18 -4.98 -14.04
N LEU C 361 35.59 -6.23 -13.97
CA LEU C 361 36.85 -6.62 -13.40
C LEU C 361 38.04 -6.03 -14.18
N ARG C 362 37.92 -5.89 -15.50
CA ARG C 362 38.97 -5.27 -16.27
C ARG C 362 38.93 -3.79 -16.05
N GLU C 363 37.73 -3.18 -16.05
CA GLU C 363 37.58 -1.75 -15.83
C GLU C 363 38.18 -1.22 -14.51
N ALA C 364 38.09 -2.08 -13.47
CA ALA C 364 38.62 -1.81 -12.16
C ALA C 364 40.11 -2.03 -12.07
N GLY C 365 40.74 -2.55 -13.11
CA GLY C 365 42.18 -2.63 -13.13
C GLY C 365 42.79 -4.03 -13.11
N ALA C 366 42.08 -5.17 -13.18
CA ALA C 366 42.71 -6.50 -13.23
C ALA C 366 43.60 -6.67 -14.47
N THR C 367 44.86 -7.02 -14.32
CA THR C 367 45.74 -7.26 -15.46
C THR C 367 45.39 -8.54 -16.21
N GLU C 368 44.76 -9.51 -15.51
CA GLU C 368 44.34 -10.80 -16.06
C GLU C 368 43.03 -11.19 -15.39
N VAL C 369 42.06 -11.73 -16.13
CA VAL C 369 40.85 -12.28 -15.53
C VAL C 369 40.75 -13.74 -16.00
N HIS C 370 41.07 -14.67 -15.12
CA HIS C 370 41.01 -16.10 -15.37
C HIS C 370 39.68 -16.64 -14.81
N VAL C 371 38.78 -17.25 -15.59
CA VAL C 371 37.52 -17.71 -15.05
C VAL C 371 37.49 -19.22 -14.90
N LYS C 372 37.30 -19.66 -13.68
CA LYS C 372 37.29 -21.06 -13.30
C LYS C 372 35.84 -21.36 -12.90
N ILE C 373 35.17 -22.40 -13.40
CA ILE C 373 33.74 -22.63 -13.16
C ILE C 373 33.55 -24.00 -12.50
N SER C 374 32.96 -24.16 -11.31
CA SER C 374 32.84 -25.48 -10.69
C SER C 374 31.67 -26.34 -11.20
N SER C 375 31.53 -26.52 -12.51
CA SER C 375 30.50 -27.33 -13.14
C SER C 375 31.10 -27.80 -14.46
N PRO C 376 30.68 -28.90 -15.08
CA PRO C 376 30.82 -29.19 -16.52
C PRO C 376 30.05 -28.15 -17.35
N PRO C 377 30.20 -27.93 -18.67
CA PRO C 377 29.34 -27.05 -19.44
C PRO C 377 27.86 -27.46 -19.37
N ILE C 378 26.88 -26.58 -19.15
CA ILE C 378 25.49 -26.99 -19.15
C ILE C 378 25.01 -26.89 -20.60
N ALA C 379 24.96 -28.01 -21.34
CA ALA C 379 24.60 -27.96 -22.75
C ALA C 379 23.20 -28.43 -23.09
N HIS C 380 22.55 -29.11 -22.16
CA HIS C 380 21.22 -29.69 -22.39
C HIS C 380 20.20 -29.05 -21.47
N PRO C 381 18.90 -29.08 -21.80
CA PRO C 381 17.80 -28.51 -21.02
C PRO C 381 17.49 -29.36 -19.81
N CYS C 382 16.81 -28.81 -18.82
CA CYS C 382 16.36 -29.55 -17.67
C CYS C 382 14.85 -29.65 -17.87
N PHE C 383 14.24 -30.81 -17.66
CA PHE C 383 12.80 -30.86 -17.69
C PHE C 383 12.33 -31.10 -16.28
N TYR C 384 13.16 -30.98 -15.24
CA TYR C 384 12.67 -31.42 -13.93
C TYR C 384 12.35 -30.33 -12.93
N GLY C 385 12.33 -29.08 -13.39
CA GLY C 385 11.88 -28.01 -12.53
C GLY C 385 12.15 -26.63 -13.09
N ILE C 386 11.22 -25.68 -12.91
CA ILE C 386 11.33 -24.28 -13.36
C ILE C 386 12.57 -23.61 -12.78
N ASP C 387 12.74 -23.88 -11.49
CA ASP C 387 13.85 -23.37 -10.72
C ASP C 387 15.18 -23.89 -11.23
N THR C 388 15.23 -25.09 -11.82
CA THR C 388 16.45 -25.63 -12.39
C THR C 388 16.57 -25.55 -13.91
N SER C 389 15.66 -24.78 -14.54
CA SER C 389 15.61 -24.53 -15.97
C SER C 389 15.87 -23.03 -16.21
N THR C 390 16.15 -22.75 -17.49
CA THR C 390 16.28 -21.41 -18.05
C THR C 390 15.52 -21.52 -19.36
N HIS C 391 14.97 -20.38 -19.69
CA HIS C 391 14.20 -20.17 -20.91
C HIS C 391 15.06 -19.47 -21.94
N GLU C 392 16.24 -19.02 -21.52
CA GLU C 392 17.15 -18.38 -22.43
C GLU C 392 18.13 -19.42 -22.99
N GLU C 393 18.99 -19.05 -23.96
CA GLU C 393 19.92 -19.97 -24.60
C GLU C 393 21.20 -20.33 -23.83
N LEU C 394 21.41 -21.64 -23.78
CA LEU C 394 22.60 -22.24 -23.19
C LEU C 394 23.70 -22.05 -24.22
N ILE C 395 24.78 -21.27 -24.03
CA ILE C 395 25.71 -21.18 -25.15
C ILE C 395 26.57 -22.40 -25.37
N ALA C 396 26.73 -23.30 -24.39
CA ALA C 396 27.46 -24.53 -24.67
C ALA C 396 26.62 -25.52 -25.48
N SER C 397 25.45 -25.12 -25.99
CA SER C 397 24.77 -25.92 -26.99
C SER C 397 25.51 -25.61 -28.27
N SER C 398 25.84 -24.33 -28.48
CA SER C 398 26.54 -23.88 -29.65
C SER C 398 28.06 -23.73 -29.54
N HIS C 399 28.59 -23.36 -28.39
CA HIS C 399 29.97 -22.92 -28.28
C HIS C 399 30.86 -23.93 -27.67
N SER C 400 32.08 -23.98 -28.19
CA SER C 400 33.05 -24.83 -27.55
C SER C 400 33.58 -24.00 -26.38
N VAL C 401 34.39 -24.58 -25.49
CA VAL C 401 34.91 -23.80 -24.39
C VAL C 401 35.70 -22.63 -24.91
N ASP C 402 36.47 -22.69 -26.00
CA ASP C 402 37.17 -21.50 -26.45
C ASP C 402 36.24 -20.48 -27.08
N GLU C 403 35.11 -20.95 -27.59
CA GLU C 403 34.18 -19.99 -28.14
C GLU C 403 33.50 -19.25 -26.99
N ILE C 404 33.11 -19.95 -25.92
CA ILE C 404 32.58 -19.32 -24.72
C ILE C 404 33.68 -18.39 -24.20
N ARG C 405 34.94 -18.81 -24.09
CA ARG C 405 36.01 -17.99 -23.52
C ARG C 405 36.15 -16.68 -24.27
N GLN C 406 36.19 -16.74 -25.61
CA GLN C 406 36.26 -15.53 -26.40
C GLN C 406 35.06 -14.63 -26.14
N GLU C 407 33.86 -15.21 -25.99
CA GLU C 407 32.66 -14.43 -25.83
C GLU C 407 32.64 -13.75 -24.49
N ILE C 408 33.01 -14.42 -23.40
CA ILE C 408 32.91 -13.80 -22.10
C ILE C 408 34.08 -12.86 -21.84
N GLY C 409 35.15 -13.09 -22.61
CA GLY C 409 36.34 -12.23 -22.64
C GLY C 409 37.40 -12.55 -21.60
N ALA C 410 37.40 -13.78 -21.11
CA ALA C 410 38.35 -14.17 -20.08
C ALA C 410 39.71 -14.43 -20.70
N ASP C 411 40.74 -14.33 -19.87
CA ASP C 411 42.09 -14.70 -20.24
C ASP C 411 42.15 -16.21 -20.45
N THR C 412 41.48 -16.93 -19.55
CA THR C 412 41.29 -18.36 -19.67
C THR C 412 39.92 -18.76 -19.12
N LEU C 413 39.40 -19.95 -19.44
CA LEU C 413 38.13 -20.47 -18.90
C LEU C 413 38.36 -21.94 -18.63
N SER C 414 37.92 -22.43 -17.50
CA SER C 414 38.07 -23.83 -17.20
C SER C 414 36.86 -24.22 -16.44
N PHE C 415 36.34 -25.39 -16.79
CA PHE C 415 35.17 -25.95 -16.13
C PHE C 415 35.63 -27.16 -15.32
N LEU C 416 34.88 -27.59 -14.33
CA LEU C 416 35.21 -28.87 -13.72
C LEU C 416 34.90 -30.04 -14.67
N SER C 417 35.50 -31.20 -14.43
CA SER C 417 35.16 -32.35 -15.23
C SER C 417 34.01 -33.11 -14.55
N VAL C 418 33.24 -33.97 -15.25
CA VAL C 418 32.26 -34.77 -14.53
C VAL C 418 32.99 -35.66 -13.54
N GLU C 419 34.23 -36.11 -13.82
CA GLU C 419 34.98 -36.97 -12.92
C GLU C 419 35.22 -36.08 -11.70
N GLY C 420 35.67 -34.82 -11.83
CA GLY C 420 35.96 -33.99 -10.67
C GLY C 420 34.74 -33.58 -9.85
N LEU C 421 33.61 -33.33 -10.50
CA LEU C 421 32.34 -33.02 -9.85
C LEU C 421 31.90 -34.18 -8.94
N LEU C 422 31.70 -35.38 -9.47
CA LEU C 422 31.32 -36.55 -8.68
C LEU C 422 32.35 -36.83 -7.55
N LYS C 423 33.63 -36.60 -7.83
CA LYS C 423 34.69 -36.71 -6.83
C LYS C 423 34.54 -35.66 -5.73
N GLY C 424 34.30 -34.39 -6.06
CA GLY C 424 34.15 -33.30 -5.11
C GLY C 424 32.96 -33.42 -4.16
N ILE C 425 31.79 -33.76 -4.72
CA ILE C 425 30.60 -33.98 -3.91
C ILE C 425 30.74 -35.23 -3.02
N GLY C 426 31.38 -36.31 -3.40
CA GLY C 426 31.66 -37.39 -2.48
C GLY C 426 30.50 -38.29 -2.14
N ARG C 427 29.58 -38.60 -3.08
CA ARG C 427 28.42 -39.43 -2.73
C ARG C 427 28.87 -40.85 -2.83
N LYS C 428 28.46 -41.64 -1.87
CA LYS C 428 28.94 -43.00 -1.86
C LYS C 428 27.93 -43.93 -2.50
N TYR C 429 27.71 -43.88 -3.82
CA TYR C 429 26.67 -44.70 -4.42
C TYR C 429 27.32 -45.39 -5.59
N ASP C 430 27.10 -46.70 -5.56
CA ASP C 430 27.69 -47.62 -6.51
C ASP C 430 27.02 -47.54 -7.87
N ASP C 431 27.59 -46.71 -8.72
CA ASP C 431 27.14 -46.54 -10.09
C ASP C 431 27.96 -45.40 -10.64
N SER C 432 28.04 -45.38 -11.97
CA SER C 432 28.70 -44.37 -12.77
C SER C 432 28.61 -42.94 -12.20
N ASN C 433 27.38 -42.61 -11.82
CA ASN C 433 27.04 -41.28 -11.40
C ASN C 433 26.89 -41.06 -9.94
N CYS C 434 27.20 -41.98 -9.04
CA CYS C 434 27.02 -41.75 -7.61
C CYS C 434 25.63 -41.28 -7.20
N GLY C 435 24.57 -41.65 -7.93
CA GLY C 435 23.23 -41.24 -7.56
C GLY C 435 22.91 -39.80 -7.94
N GLN C 436 23.55 -39.14 -8.90
CA GLN C 436 23.20 -37.77 -9.25
C GLN C 436 22.63 -37.79 -10.65
N CYS C 437 21.95 -36.66 -10.99
CA CYS C 437 21.38 -36.46 -12.29
C CYS C 437 22.39 -35.53 -12.90
N LEU C 438 22.99 -35.97 -14.00
CA LEU C 438 23.97 -35.20 -14.72
C LEU C 438 23.42 -34.78 -16.07
N ALA C 439 22.11 -34.93 -16.39
CA ALA C 439 21.51 -34.62 -17.72
C ALA C 439 21.81 -33.29 -18.42
N CYS C 440 21.64 -32.13 -17.76
CA CYS C 440 22.05 -30.85 -18.33
C CYS C 440 23.48 -30.82 -18.89
N PHE C 441 24.37 -31.58 -18.23
CA PHE C 441 25.76 -31.66 -18.63
C PHE C 441 25.90 -32.75 -19.70
N THR C 442 25.30 -33.94 -19.55
CA THR C 442 25.57 -35.06 -20.45
C THR C 442 24.56 -35.42 -21.53
N GLY C 443 23.30 -35.09 -21.35
CA GLY C 443 22.30 -35.43 -22.33
C GLY C 443 21.61 -36.69 -21.91
N LYS C 444 22.01 -37.36 -20.83
CA LYS C 444 21.35 -38.57 -20.41
C LYS C 444 20.45 -38.21 -19.27
N TYR C 445 19.14 -38.13 -19.61
CA TYR C 445 18.05 -37.86 -18.67
C TYR C 445 17.74 -39.14 -17.96
N PRO C 446 17.34 -39.17 -16.70
CA PRO C 446 17.10 -40.42 -15.99
C PRO C 446 15.67 -40.87 -16.02
N THR C 447 14.83 -40.10 -16.69
CA THR C 447 13.40 -40.23 -16.82
C THR C 447 13.20 -40.28 -18.32
N GLU C 448 12.07 -40.75 -18.81
CA GLU C 448 11.81 -40.68 -20.25
C GLU C 448 11.21 -39.30 -20.50
N ILE C 449 11.56 -38.68 -21.60
CA ILE C 449 11.11 -37.35 -21.97
C ILE C 449 10.30 -37.64 -23.24
N TYR C 450 9.09 -37.12 -23.37
CA TYR C 450 8.28 -37.42 -24.54
C TYR C 450 8.44 -36.32 -25.57
N GLN C 451 7.91 -36.61 -26.77
CA GLN C 451 7.88 -35.62 -27.83
C GLN C 451 6.88 -34.54 -27.43
N ASP C 452 5.84 -34.87 -26.64
CA ASP C 452 4.93 -33.85 -26.16
C ASP C 452 5.48 -33.09 -24.95
N THR C 453 6.60 -33.49 -24.33
CA THR C 453 7.11 -32.85 -23.12
C THR C 453 7.49 -31.36 -23.27
N VAL C 454 6.80 -30.49 -22.52
CA VAL C 454 7.15 -29.08 -22.56
C VAL C 454 8.18 -28.93 -21.43
N LEU C 455 9.01 -27.89 -21.68
CA LEU C 455 10.04 -27.40 -20.78
C LEU C 455 9.32 -26.56 -19.72
N PRO C 456 9.64 -26.62 -18.40
CA PRO C 456 8.86 -26.05 -17.31
C PRO C 456 8.19 -24.68 -17.48
N HIS C 457 8.88 -23.67 -18.06
CA HIS C 457 8.30 -22.35 -18.18
C HIS C 457 7.14 -22.24 -19.16
N VAL C 458 7.16 -23.12 -20.16
CA VAL C 458 6.16 -23.16 -21.21
C VAL C 458 4.75 -23.26 -20.61
N LYS C 459 4.60 -23.87 -19.44
CA LYS C 459 3.31 -24.06 -18.80
C LYS C 459 2.66 -22.79 -18.22
N GLU C 460 3.06 -21.55 -18.55
CA GLU C 460 2.58 -20.36 -17.83
C GLU C 460 1.11 -20.00 -18.04
N ALA C 461 0.52 -19.21 -17.14
CA ALA C 461 -0.87 -18.79 -17.29
C ALA C 461 -1.09 -17.28 -17.38
N VAL C 462 -0.60 -16.44 -16.45
CA VAL C 462 -0.72 -14.97 -16.54
C VAL C 462 0.43 -14.29 -17.31
N LEU C 463 0.01 -13.25 -18.05
CA LEU C 463 0.86 -12.35 -18.86
C LEU C 463 1.94 -11.60 -18.07
N THR C 464 1.41 -11.05 -16.95
CA THR C 464 2.07 -10.15 -16.01
C THR C 464 2.35 -8.80 -16.69
N LYS C 465 3.08 -8.81 -17.81
CA LYS C 465 3.36 -7.65 -18.65
C LYS C 465 2.36 -7.70 -19.81
N CYS D 1 24.39 7.72 9.02
CA CYS D 1 23.82 8.41 7.86
C CYS D 1 24.82 8.55 6.74
N GLY D 2 24.43 8.95 5.54
CA GLY D 2 25.41 9.12 4.48
C GLY D 2 24.94 10.20 3.55
N VAL D 3 25.84 10.93 2.85
CA VAL D 3 25.43 12.04 1.95
C VAL D 3 26.01 11.80 0.54
N PHE D 4 25.39 12.36 -0.50
CA PHE D 4 25.87 12.22 -1.88
C PHE D 4 25.47 13.53 -2.56
N GLY D 5 26.30 14.09 -3.44
CA GLY D 5 25.92 15.27 -4.17
C GLY D 5 26.62 15.23 -5.52
N ILE D 6 26.01 15.85 -6.53
CA ILE D 6 26.60 15.95 -7.85
C ILE D 6 26.28 17.32 -8.49
N TRP D 7 27.24 18.11 -8.96
CA TRP D 7 26.90 19.35 -9.62
C TRP D 7 27.38 19.18 -11.05
N GLY D 8 26.48 19.45 -11.97
CA GLY D 8 26.83 19.45 -13.37
C GLY D 8 26.50 18.18 -14.15
N HIS D 9 25.35 17.55 -13.89
CA HIS D 9 24.96 16.34 -14.59
C HIS D 9 23.50 16.53 -14.89
N GLU D 10 23.09 16.36 -16.14
CA GLU D 10 21.71 16.63 -16.43
C GLU D 10 20.70 15.66 -15.83
N GLU D 11 21.21 14.50 -15.40
CA GLU D 11 20.45 13.40 -14.85
C GLU D 11 20.80 13.31 -13.37
N ALA D 12 21.28 14.40 -12.76
CA ALA D 12 21.76 14.36 -11.39
C ALA D 12 20.84 13.72 -10.36
N PRO D 13 19.48 13.74 -10.33
CA PRO D 13 18.69 13.07 -9.30
C PRO D 13 18.72 11.55 -9.51
N GLN D 14 18.78 11.02 -10.74
CA GLN D 14 18.85 9.59 -11.01
C GLN D 14 20.17 9.06 -10.52
N ILE D 15 21.25 9.81 -10.77
CA ILE D 15 22.56 9.48 -10.24
C ILE D 15 22.60 9.56 -8.70
N THR D 16 21.93 10.55 -8.11
CA THR D 16 21.92 10.61 -6.66
C THR D 16 21.18 9.39 -6.15
N TYR D 17 20.13 8.86 -6.84
CA TYR D 17 19.42 7.65 -6.40
C TYR D 17 20.37 6.45 -6.36
N TYR D 18 21.26 6.23 -7.33
CA TYR D 18 22.14 5.08 -7.31
C TYR D 18 23.24 5.27 -6.30
N GLY D 19 23.70 6.54 -6.22
CA GLY D 19 24.73 6.94 -5.27
C GLY D 19 24.25 6.71 -3.83
N LEU D 20 23.04 7.14 -3.56
CA LEU D 20 22.46 7.00 -2.26
C LEU D 20 22.20 5.54 -1.95
N HIS D 21 21.88 4.78 -2.99
CA HIS D 21 21.63 3.37 -2.86
C HIS D 21 22.95 2.66 -2.48
N SER D 22 24.16 2.94 -3.03
CA SER D 22 25.38 2.30 -2.51
C SER D 22 25.59 2.62 -1.04
N LEU D 23 25.14 3.80 -0.59
CA LEU D 23 25.28 4.20 0.81
C LEU D 23 24.03 3.79 1.62
N GLN D 24 23.21 2.85 1.13
CA GLN D 24 22.03 2.46 1.88
C GLN D 24 22.30 1.73 3.21
N HIS D 25 23.50 1.15 3.39
CA HIS D 25 23.83 0.45 4.63
C HIS D 25 24.09 1.42 5.77
N ARG D 26 24.28 2.71 5.44
CA ARG D 26 24.58 3.72 6.44
C ARG D 26 23.37 4.26 7.17
N GLY D 27 22.15 3.88 6.80
CA GLY D 27 20.96 4.26 7.53
C GLY D 27 19.77 3.79 6.72
N GLN D 28 18.74 3.15 7.28
CA GLN D 28 17.59 2.81 6.47
C GLN D 28 16.35 3.53 6.95
N GLU D 29 16.46 4.49 7.86
CA GLU D 29 15.30 5.12 8.46
C GLU D 29 14.70 6.35 7.71
N GLY D 30 15.25 6.83 6.59
CA GLY D 30 14.69 7.92 5.80
C GLY D 30 15.61 8.16 4.60
N ALA D 31 15.20 8.78 3.51
CA ALA D 31 16.07 9.09 2.40
C ALA D 31 15.53 10.33 1.67
N GLY D 32 16.33 11.20 1.06
CA GLY D 32 15.74 12.30 0.35
C GLY D 32 16.71 12.89 -0.62
N ILE D 33 16.19 13.42 -1.72
CA ILE D 33 16.99 14.06 -2.73
C ILE D 33 16.42 15.48 -2.94
N VAL D 34 17.28 16.53 -3.06
CA VAL D 34 16.81 17.87 -3.46
C VAL D 34 17.65 18.16 -4.68
N ALA D 35 17.05 18.80 -5.66
CA ALA D 35 17.73 19.02 -6.91
C ALA D 35 17.42 20.45 -7.30
N THR D 36 18.37 21.10 -8.01
CA THR D 36 18.17 22.43 -8.53
C THR D 36 18.38 22.41 -10.02
N ASP D 37 17.54 23.16 -10.74
CA ASP D 37 17.72 23.38 -12.17
C ASP D 37 18.35 24.74 -12.40
N GLY D 38 18.71 25.46 -11.34
CA GLY D 38 19.26 26.79 -11.46
C GLY D 38 18.19 27.83 -11.23
N GLU D 39 16.93 27.46 -11.41
CA GLU D 39 15.82 28.35 -11.23
C GLU D 39 15.29 28.07 -9.85
N LYS D 40 15.03 26.79 -9.56
CA LYS D 40 14.26 26.47 -8.37
C LYS D 40 14.68 25.13 -7.81
N LEU D 41 14.28 24.86 -6.55
CA LEU D 41 14.63 23.63 -5.90
C LEU D 41 13.42 22.74 -5.82
N THR D 42 13.63 21.52 -6.25
CA THR D 42 12.62 20.51 -6.21
C THR D 42 13.17 19.37 -5.33
N ALA D 43 12.29 18.62 -4.69
CA ALA D 43 12.75 17.62 -3.72
C ALA D 43 11.80 16.43 -3.53
N HIS D 44 12.20 15.31 -2.89
CA HIS D 44 11.31 14.25 -2.43
C HIS D 44 12.08 13.57 -1.31
N LYS D 45 11.39 13.13 -0.30
CA LYS D 45 12.01 12.49 0.84
C LYS D 45 10.97 11.65 1.55
N GLY D 46 11.39 10.82 2.48
CA GLY D 46 10.42 10.15 3.31
C GLY D 46 11.13 9.14 4.15
N GLN D 47 10.35 8.50 5.00
CA GLN D 47 10.90 7.45 5.84
C GLN D 47 11.15 6.13 5.09
N GLY D 48 12.24 5.44 5.41
CA GLY D 48 12.44 4.11 4.91
C GLY D 48 13.51 4.12 3.87
N LEU D 49 13.56 3.00 3.15
CA LEU D 49 14.53 2.73 2.10
C LEU D 49 14.43 3.53 0.82
N ILE D 50 15.49 3.67 0.00
CA ILE D 50 15.48 4.54 -1.18
C ILE D 50 14.42 4.03 -2.15
N THR D 51 14.23 2.71 -2.12
CA THR D 51 13.26 2.03 -2.96
C THR D 51 11.87 2.23 -2.36
N GLU D 52 11.74 2.13 -1.05
CA GLU D 52 10.48 2.41 -0.42
C GLU D 52 10.05 3.85 -0.65
N VAL D 53 10.94 4.83 -0.52
CA VAL D 53 10.65 6.26 -0.66
C VAL D 53 10.37 6.56 -2.13
N PHE D 54 11.27 6.14 -3.00
CA PHE D 54 11.06 6.39 -4.40
C PHE D 54 10.57 5.05 -4.92
N GLN D 55 9.28 4.80 -4.73
CA GLN D 55 8.62 3.65 -5.36
C GLN D 55 8.77 3.70 -6.90
N ASN D 56 8.74 4.99 -7.26
CA ASN D 56 8.91 5.70 -8.53
C ASN D 56 7.55 6.30 -8.88
N GLY D 57 7.56 7.26 -9.79
CA GLY D 57 6.48 8.19 -9.88
C GLY D 57 7.19 9.38 -9.24
N GLU D 58 7.83 9.13 -8.09
CA GLU D 58 8.59 10.16 -7.40
C GLU D 58 9.96 10.52 -7.96
N LEU D 59 10.73 9.67 -8.63
CA LEU D 59 12.02 10.15 -9.11
C LEU D 59 11.79 11.11 -10.26
N SER D 60 10.67 11.00 -10.95
CA SER D 60 10.28 11.92 -12.02
C SER D 60 10.02 13.36 -11.56
N LYS D 61 9.72 13.61 -10.30
CA LYS D 61 9.37 14.95 -9.85
C LYS D 61 10.61 15.77 -9.45
N VAL D 62 11.77 15.13 -9.39
CA VAL D 62 12.98 15.76 -8.96
C VAL D 62 13.77 15.84 -10.27
N LYS D 63 13.90 17.04 -10.85
CA LYS D 63 14.73 17.30 -12.04
C LYS D 63 15.76 18.40 -11.70
N GLY D 64 16.94 18.43 -12.29
CA GLY D 64 17.92 19.46 -12.02
C GLY D 64 19.27 19.06 -12.59
N LYS D 65 20.25 19.95 -12.66
CA LYS D 65 21.56 19.54 -13.14
C LYS D 65 22.51 19.34 -11.96
N GLY D 66 22.00 19.50 -10.75
CA GLY D 66 22.77 19.38 -9.53
C GLY D 66 21.81 18.92 -8.46
N ALA D 67 22.29 18.06 -7.56
CA ALA D 67 21.47 17.52 -6.50
C ALA D 67 22.33 17.09 -5.33
N ILE D 68 21.74 17.08 -4.14
CA ILE D 68 22.39 16.54 -2.94
C ILE D 68 21.36 15.53 -2.41
N GLY D 69 21.74 14.51 -1.63
CA GLY D 69 20.84 13.54 -1.07
C GLY D 69 21.38 13.07 0.28
N HIS D 70 20.53 12.43 1.08
CA HIS D 70 20.94 11.96 2.38
C HIS D 70 20.23 10.67 2.71
N VAL D 71 20.94 9.74 3.35
CA VAL D 71 20.45 8.43 3.76
C VAL D 71 20.45 8.58 5.26
N ARG D 72 19.42 8.28 6.06
CA ARG D 72 19.43 8.64 7.48
C ARG D 72 19.28 7.45 8.40
N TYR D 73 19.99 7.50 9.52
CA TYR D 73 19.95 6.50 10.58
C TYR D 73 18.95 6.98 11.65
N ALA D 74 18.34 6.14 12.46
CA ALA D 74 17.54 6.61 13.59
C ALA D 74 17.61 5.39 14.50
N THR D 75 17.99 5.60 15.76
CA THR D 75 18.21 4.53 16.73
C THR D 75 16.96 3.76 17.06
N ALA D 76 15.99 4.58 17.45
CA ALA D 76 14.65 4.11 17.68
C ALA D 76 14.12 4.41 16.27
N GLY D 77 13.84 3.33 15.51
CA GLY D 77 13.35 3.43 14.13
C GLY D 77 12.07 4.27 14.05
N GLY D 78 12.13 5.48 13.48
CA GLY D 78 10.98 6.36 13.42
C GLY D 78 11.49 7.78 13.54
N GLY D 79 11.42 8.49 14.68
CA GLY D 79 12.03 9.81 14.85
C GLY D 79 11.30 10.98 14.19
N GLY D 80 10.59 10.66 13.12
CA GLY D 80 9.69 11.51 12.43
C GLY D 80 10.18 11.87 11.05
N TYR D 81 9.17 12.03 10.18
CA TYR D 81 9.41 12.56 8.85
C TYR D 81 10.11 13.89 9.00
N GLU D 82 9.85 14.67 10.06
CA GLU D 82 10.51 15.96 10.31
C GLU D 82 12.00 15.97 10.10
N ASN D 83 12.66 14.89 10.56
CA ASN D 83 14.11 14.86 10.58
C ASN D 83 14.72 14.17 9.40
N VAL D 84 13.91 13.91 8.37
CA VAL D 84 14.40 13.27 7.18
C VAL D 84 15.05 14.45 6.45
N GLN D 85 16.29 14.20 6.10
CA GLN D 85 17.04 15.22 5.44
C GLN D 85 17.08 14.96 3.92
N PRO D 86 17.42 15.88 3.00
CA PRO D 86 17.82 17.26 3.24
C PRO D 86 16.73 18.11 3.83
N LEU D 87 17.11 19.04 4.71
CA LEU D 87 16.13 20.02 5.15
C LEU D 87 16.14 21.15 4.08
N LEU D 88 14.96 21.74 3.83
CA LEU D 88 14.81 22.80 2.84
C LEU D 88 14.12 23.98 3.49
N PHE D 89 14.72 25.13 3.26
CA PHE D 89 14.25 26.37 3.82
C PHE D 89 14.06 27.20 2.59
N ARG D 90 12.95 27.91 2.57
CA ARG D 90 12.60 28.78 1.44
C ARG D 90 12.61 30.23 1.93
N SER D 91 13.04 31.19 1.12
CA SER D 91 12.77 32.58 1.47
C SER D 91 12.48 33.20 0.13
N GLN D 92 11.25 33.69 -0.01
CA GLN D 92 10.91 34.35 -1.27
C GLN D 92 11.62 35.68 -1.18
N ASN D 93 12.08 36.11 -2.35
CA ASN D 93 12.77 37.38 -2.51
C ASN D 93 14.01 37.31 -1.60
N ASN D 94 14.75 36.21 -1.85
CA ASN D 94 16.00 35.85 -1.17
C ASN D 94 16.51 34.41 -1.42
N GLY D 95 15.75 33.39 -1.85
CA GLY D 95 16.36 32.10 -2.21
C GLY D 95 16.02 30.89 -1.33
N SER D 96 16.42 29.69 -1.79
CA SER D 96 16.11 28.43 -1.10
C SER D 96 17.41 27.87 -0.58
N LEU D 97 17.39 27.03 0.43
CA LEU D 97 18.61 26.50 0.96
C LEU D 97 18.27 25.13 1.47
N ALA D 98 19.12 24.18 1.03
CA ALA D 98 19.02 22.78 1.38
C ALA D 98 20.29 22.32 2.05
N LEU D 99 20.17 21.46 3.06
CA LEU D 99 21.31 20.98 3.84
C LEU D 99 21.11 19.54 4.31
N ALA D 100 22.25 18.83 4.34
CA ALA D 100 22.34 17.45 4.76
C ALA D 100 23.59 17.34 5.59
N HIS D 101 23.65 16.45 6.58
CA HIS D 101 24.71 16.33 7.55
C HIS D 101 24.89 14.87 7.98
N ASN D 102 26.14 14.46 8.20
CA ASN D 102 26.48 13.15 8.76
C ASN D 102 27.45 13.60 9.85
N GLY D 103 27.12 13.31 11.10
CA GLY D 103 27.92 13.73 12.22
C GLY D 103 27.05 13.95 13.46
N ASN D 104 27.52 14.72 14.42
CA ASN D 104 26.76 15.07 15.60
C ASN D 104 27.42 16.31 16.16
N LEU D 105 26.66 17.33 16.53
CA LEU D 105 27.28 18.52 17.11
C LEU D 105 27.13 18.43 18.61
N VAL D 106 28.27 18.56 19.26
CA VAL D 106 28.43 18.49 20.70
C VAL D 106 27.89 19.78 21.35
N ASN D 107 27.83 20.94 20.70
CA ASN D 107 27.27 22.10 21.37
C ASN D 107 25.94 22.53 20.79
N ALA D 108 25.19 21.62 20.12
CA ALA D 108 23.91 21.98 19.52
C ALA D 108 22.87 22.24 20.59
N THR D 109 22.85 21.59 21.76
CA THR D 109 21.91 21.87 22.86
C THR D 109 21.90 23.37 23.21
N GLN D 110 23.14 23.74 23.47
CA GLN D 110 23.62 25.05 23.91
C GLN D 110 23.27 26.11 22.89
N LEU D 111 23.59 25.83 21.64
CA LEU D 111 23.24 26.72 20.57
C LEU D 111 21.73 26.84 20.47
N LYS D 112 20.89 25.81 20.43
CA LYS D 112 19.44 25.92 20.36
C LYS D 112 18.93 26.77 21.48
N GLN D 113 19.52 26.67 22.68
CA GLN D 113 19.10 27.49 23.80
C GLN D 113 19.38 28.97 23.55
N GLN D 114 20.54 29.32 23.00
CA GLN D 114 20.86 30.70 22.69
C GLN D 114 19.93 31.20 21.59
N LEU D 115 19.76 30.42 20.51
CA LEU D 115 18.89 30.78 19.40
C LEU D 115 17.47 31.06 19.82
N GLU D 116 16.87 30.22 20.67
CA GLU D 116 15.52 30.44 21.13
C GLU D 116 15.36 31.76 21.85
N ASN D 117 16.39 32.21 22.57
CA ASN D 117 16.39 33.52 23.21
C ASN D 117 16.63 34.68 22.24
N GLN D 118 17.22 34.45 21.07
CA GLN D 118 17.26 35.46 20.03
C GLN D 118 15.91 35.38 19.31
N GLY D 119 14.90 34.62 19.78
CA GLY D 119 13.58 34.51 19.20
C GLY D 119 13.39 33.41 18.15
N SER D 120 14.15 32.28 18.18
CA SER D 120 14.01 31.22 17.19
C SER D 120 13.09 30.09 17.60
N ILE D 121 12.29 29.58 16.63
CA ILE D 121 11.40 28.42 16.80
C ILE D 121 11.99 27.30 15.97
N PHE D 122 12.01 26.09 16.51
CA PHE D 122 12.57 24.97 15.78
C PHE D 122 11.44 23.99 15.57
N GLN D 123 11.46 23.47 14.34
CA GLN D 123 10.51 22.45 13.93
C GLN D 123 11.08 21.05 13.87
N THR D 124 12.37 20.88 13.55
CA THR D 124 12.92 19.54 13.47
C THR D 124 13.74 19.36 14.75
N SER D 125 14.40 18.22 15.02
CA SER D 125 15.34 18.16 16.13
C SER D 125 16.75 17.87 15.60
N SER D 126 16.91 18.34 14.36
CA SER D 126 18.10 18.20 13.55
C SER D 126 19.11 19.33 13.76
N ASP D 127 20.39 18.95 13.66
CA ASP D 127 21.54 19.83 13.79
C ASP D 127 21.68 20.67 12.54
N THR D 128 21.23 20.14 11.41
CA THR D 128 21.05 20.88 10.17
C THR D 128 20.20 22.16 10.37
N GLU D 129 19.25 22.16 11.30
CA GLU D 129 18.36 23.28 11.44
C GLU D 129 19.04 24.43 12.16
N VAL D 130 19.76 24.05 13.22
CA VAL D 130 20.65 24.90 13.97
C VAL D 130 21.57 25.61 12.97
N LEU D 131 22.19 24.90 12.03
CA LEU D 131 23.00 25.60 11.04
C LEU D 131 22.16 26.56 10.23
N ALA D 132 20.93 26.23 9.84
CA ALA D 132 20.11 27.13 9.06
C ALA D 132 19.90 28.44 9.79
N HIS D 133 19.52 28.40 11.07
CA HIS D 133 19.36 29.60 11.88
C HIS D 133 20.64 30.41 11.99
N LEU D 134 21.80 29.77 12.17
CA LEU D 134 23.06 30.50 12.25
C LEU D 134 23.39 31.20 10.94
N ILE D 135 23.26 30.60 9.74
CA ILE D 135 23.59 31.28 8.49
C ILE D 135 22.71 32.52 8.35
N LYS D 136 21.43 32.34 8.62
CA LYS D 136 20.47 33.40 8.52
C LYS D 136 20.82 34.53 9.49
N ARG D 137 21.12 34.35 10.77
CA ARG D 137 21.53 35.46 11.61
C ARG D 137 22.96 35.95 11.33
N SER D 138 23.75 35.46 10.37
CA SER D 138 25.12 35.92 10.29
C SER D 138 25.16 37.31 9.68
N GLY D 139 26.08 38.14 10.16
CA GLY D 139 26.20 39.46 9.61
C GLY D 139 27.22 39.53 8.49
N HIS D 140 27.84 38.46 7.97
CA HIS D 140 28.81 38.59 6.91
C HIS D 140 28.13 38.88 5.60
N PHE D 141 28.78 39.36 4.57
CA PHE D 141 28.03 39.90 3.43
C PHE D 141 27.77 38.92 2.29
N THR D 142 28.05 37.64 2.49
CA THR D 142 28.09 36.65 1.43
C THR D 142 27.78 35.35 2.08
N LEU D 143 26.99 34.57 1.36
CA LEU D 143 26.60 33.22 1.78
C LEU D 143 27.85 32.42 2.10
N LYS D 144 28.84 32.34 1.23
CA LYS D 144 30.08 31.64 1.54
C LYS D 144 30.64 31.97 2.93
N ASP D 145 30.65 33.26 3.29
CA ASP D 145 31.17 33.74 4.57
C ASP D 145 30.25 33.61 5.74
N GLN D 146 28.94 33.61 5.51
CA GLN D 146 27.98 33.38 6.58
C GLN D 146 28.07 31.93 7.00
N ILE D 147 28.23 31.02 6.03
CA ILE D 147 28.39 29.59 6.30
C ILE D 147 29.74 29.45 6.99
N LYS D 148 30.78 29.99 6.36
CA LYS D 148 32.16 29.96 6.82
C LYS D 148 32.33 30.33 8.29
N ASN D 149 31.57 31.32 8.70
CA ASN D 149 31.63 31.68 10.09
C ASN D 149 30.65 30.91 10.93
N SER D 150 29.49 30.46 10.43
CA SER D 150 28.60 29.66 11.26
C SER D 150 29.24 28.33 11.64
N LEU D 151 30.11 27.79 10.75
CA LEU D 151 30.82 26.58 11.07
C LEU D 151 31.73 26.91 12.23
N SER D 152 32.28 28.13 12.36
CA SER D 152 33.13 28.47 13.49
C SER D 152 32.43 28.28 14.85
N MET D 153 31.09 28.36 14.87
CA MET D 153 30.33 28.26 16.10
C MET D 153 29.93 26.85 16.50
N LEU D 154 30.23 25.87 15.66
CA LEU D 154 29.78 24.51 15.85
C LEU D 154 30.91 23.70 16.45
N LYS D 155 30.66 22.79 17.41
CA LYS D 155 31.65 21.86 17.95
C LYS D 155 31.26 20.40 17.67
N GLY D 156 32.13 19.49 17.21
CA GLY D 156 31.76 18.11 17.03
C GLY D 156 32.08 17.55 15.65
N ALA D 157 31.30 16.55 15.27
CA ALA D 157 31.48 15.83 14.04
C ALA D 157 30.51 16.38 13.05
N TYR D 158 30.94 16.67 11.83
CA TYR D 158 30.08 17.12 10.74
C TYR D 158 30.66 17.07 9.31
N ALA D 159 29.79 16.54 8.44
CA ALA D 159 30.00 16.47 7.00
C ALA D 159 28.71 17.15 6.58
N PHE D 160 28.79 18.29 5.89
CA PHE D 160 27.64 19.05 5.46
C PHE D 160 27.74 19.24 3.97
N LEU D 161 26.62 19.01 3.31
CA LEU D 161 26.45 19.34 1.91
C LEU D 161 25.36 20.41 2.02
N ILE D 162 25.50 21.54 1.36
CA ILE D 162 24.55 22.65 1.46
C ILE D 162 24.34 22.98 -0.01
N MET D 163 23.12 23.33 -0.41
CA MET D 163 22.86 23.61 -1.82
C MET D 163 21.74 24.61 -1.95
N THR D 164 21.98 25.50 -2.88
CA THR D 164 20.97 26.49 -3.19
C THR D 164 20.66 26.29 -4.65
N GLU D 165 20.04 27.32 -5.26
CA GLU D 165 19.72 27.23 -6.67
C GLU D 165 20.96 27.18 -7.50
N THR D 166 22.07 27.71 -7.02
CA THR D 166 23.19 27.88 -7.90
C THR D 166 24.57 27.34 -7.56
N GLU D 167 24.81 26.84 -6.35
CA GLU D 167 26.11 26.21 -6.04
C GLU D 167 25.91 25.24 -4.89
N MET D 168 26.86 24.32 -4.82
CA MET D 168 26.93 23.33 -3.76
C MET D 168 28.15 23.72 -2.93
N ILE D 169 28.00 23.64 -1.64
CA ILE D 169 29.01 24.05 -0.69
C ILE D 169 29.18 22.76 0.11
N VAL D 170 30.40 22.35 0.33
CA VAL D 170 30.70 21.10 1.00
C VAL D 170 31.57 21.52 2.17
N ALA D 171 31.45 21.05 3.39
CA ALA D 171 32.40 21.43 4.42
C ALA D 171 32.75 20.25 5.31
N LEU D 172 34.02 20.05 5.67
CA LEU D 172 34.35 18.95 6.57
C LEU D 172 34.94 19.49 7.88
N ASP D 173 34.48 19.02 9.04
CA ASP D 173 34.94 19.58 10.29
C ASP D 173 36.46 19.54 10.48
N PRO D 174 37.15 20.31 11.36
CA PRO D 174 38.60 20.31 11.53
C PRO D 174 39.22 19.02 12.04
N ASN D 175 38.46 18.07 12.58
CA ASN D 175 39.07 16.80 12.93
C ASN D 175 38.99 15.80 11.82
N GLY D 176 38.11 16.09 10.86
CA GLY D 176 37.81 15.16 9.79
C GLY D 176 37.33 13.79 10.35
N LEU D 177 36.46 13.84 11.38
CA LEU D 177 35.94 12.61 11.97
C LEU D 177 35.14 11.78 10.95
N ARG D 178 34.29 12.43 10.15
CA ARG D 178 33.48 11.70 9.18
C ARG D 178 34.12 11.64 7.80
N PRO D 179 34.02 10.58 7.00
CA PRO D 179 34.58 10.61 5.65
C PRO D 179 33.77 11.49 4.66
N LEU D 180 34.48 12.23 3.81
CA LEU D 180 33.89 12.89 2.66
C LEU D 180 34.96 12.86 1.58
N SER D 181 34.57 12.46 0.38
CA SER D 181 35.47 12.27 -0.74
C SER D 181 34.77 12.94 -1.92
N ILE D 182 35.62 13.44 -2.86
CA ILE D 182 35.26 14.17 -4.09
C ILE D 182 35.77 13.21 -5.16
N GLY D 183 34.94 13.08 -6.18
CA GLY D 183 35.27 12.33 -7.37
C GLY D 183 34.71 13.12 -8.54
N MET D 184 34.98 12.73 -9.78
CA MET D 184 34.51 13.44 -10.95
C MET D 184 33.81 12.47 -11.86
N MET D 185 32.88 12.95 -12.65
CA MET D 185 32.07 12.09 -13.50
C MET D 185 31.82 12.96 -14.72
N GLY D 186 32.74 12.81 -15.68
CA GLY D 186 32.75 13.72 -16.83
C GLY D 186 33.27 15.05 -16.30
N ASP D 187 32.36 16.01 -16.41
CA ASP D 187 32.63 17.36 -15.95
C ASP D 187 31.74 17.63 -14.74
N ALA D 188 31.05 16.63 -14.23
CA ALA D 188 30.26 16.82 -13.03
C ALA D 188 31.18 16.53 -11.86
N TYR D 189 30.98 17.22 -10.75
CA TYR D 189 31.70 16.89 -9.52
C TYR D 189 30.73 16.11 -8.64
N VAL D 190 31.22 15.17 -7.84
CA VAL D 190 30.39 14.39 -6.95
C VAL D 190 31.10 14.26 -5.60
N VAL D 191 30.31 14.34 -4.54
CA VAL D 191 30.82 14.29 -3.19
C VAL D 191 30.04 13.15 -2.56
N ALA D 192 30.65 12.30 -1.73
CA ALA D 192 29.96 11.19 -1.13
C ALA D 192 30.62 10.80 0.17
N SER D 193 29.92 10.19 1.13
CA SER D 193 30.59 9.79 2.35
C SER D 193 31.53 8.64 2.12
N GLU D 194 31.32 7.80 1.09
CA GLU D 194 32.18 6.65 0.83
C GLU D 194 32.49 6.55 -0.65
N THR D 195 33.66 6.00 -0.98
CA THR D 195 34.05 6.02 -2.36
C THR D 195 33.27 4.97 -3.06
N CYS D 196 32.79 3.88 -2.42
CA CYS D 196 32.02 2.85 -3.14
C CYS D 196 30.90 3.42 -4.01
N ALA D 197 30.22 4.50 -3.63
CA ALA D 197 29.25 5.20 -4.47
C ALA D 197 29.80 5.75 -5.79
N PHE D 198 31.10 6.04 -5.89
CA PHE D 198 31.72 6.47 -7.15
C PHE D 198 31.82 5.25 -8.03
N ASP D 199 32.17 4.10 -7.43
CA ASP D 199 32.36 2.85 -8.16
C ASP D 199 31.05 2.47 -8.87
N VAL D 200 30.01 2.58 -8.07
CA VAL D 200 28.65 2.30 -8.47
C VAL D 200 28.20 3.26 -9.55
N VAL D 201 28.49 4.54 -9.41
CA VAL D 201 28.00 5.51 -10.35
C VAL D 201 28.84 5.73 -11.62
N GLY D 202 30.09 5.29 -11.75
CA GLY D 202 30.92 5.56 -12.93
C GLY D 202 31.81 6.80 -12.76
N ALA D 203 31.99 7.26 -11.50
CA ALA D 203 32.74 8.48 -11.21
C ALA D 203 34.16 8.12 -10.92
N THR D 204 35.13 8.86 -11.46
CA THR D 204 36.56 8.65 -11.14
C THR D 204 36.91 9.41 -9.87
N TYR D 205 37.53 8.76 -8.89
CA TYR D 205 37.79 9.41 -7.61
C TYR D 205 38.88 10.43 -7.75
N LEU D 206 38.64 11.62 -7.17
CA LEU D 206 39.64 12.66 -7.24
C LEU D 206 40.45 12.71 -5.95
N ARG D 207 39.84 13.01 -4.81
CA ARG D 207 40.57 13.21 -3.56
C ARG D 207 39.58 13.43 -2.44
N GLU D 208 40.10 13.29 -1.24
CA GLU D 208 39.30 13.49 -0.05
C GLU D 208 39.07 14.98 0.19
N VAL D 209 38.23 15.31 1.16
CA VAL D 209 38.00 16.69 1.49
C VAL D 209 38.83 16.82 2.75
N GLU D 210 39.74 17.78 2.73
CA GLU D 210 40.58 18.10 3.86
C GLU D 210 39.77 18.45 5.08
N PRO D 211 40.18 18.14 6.34
CA PRO D 211 39.55 18.65 7.55
C PRO D 211 39.60 20.18 7.48
N GLY D 212 38.53 20.84 7.89
CA GLY D 212 38.51 22.32 7.86
C GLY D 212 38.42 22.97 6.46
N GLU D 213 38.21 22.21 5.41
CA GLU D 213 38.13 22.78 4.09
C GLU D 213 36.67 23.05 3.69
N MET D 214 36.36 24.04 2.83
CA MET D 214 35.01 24.17 2.31
C MET D 214 35.13 24.44 0.83
N LEU D 215 34.37 23.67 0.07
CA LEU D 215 34.43 23.66 -1.38
C LEU D 215 33.16 24.34 -1.84
N ILE D 216 33.26 25.22 -2.82
CA ILE D 216 32.08 25.83 -3.40
C ILE D 216 32.11 25.26 -4.81
N ILE D 217 31.10 24.56 -5.33
CA ILE D 217 31.15 23.94 -6.64
C ILE D 217 29.99 24.55 -7.39
N ASN D 218 30.17 25.00 -8.61
CA ASN D 218 29.09 25.60 -9.35
C ASN D 218 29.50 25.57 -10.79
N ASP D 219 28.80 26.28 -11.67
CA ASP D 219 29.11 26.23 -13.07
C ASP D 219 30.50 26.74 -13.41
N GLU D 220 31.06 27.66 -12.63
CA GLU D 220 32.44 28.12 -12.84
C GLU D 220 33.41 26.97 -12.54
N GLY D 221 33.11 26.12 -11.56
CA GLY D 221 33.99 25.02 -11.23
C GLY D 221 34.00 24.77 -9.74
N MET D 222 35.09 24.21 -9.25
CA MET D 222 35.19 23.94 -7.84
C MET D 222 36.15 24.99 -7.27
N LYS D 223 35.77 25.70 -6.22
CA LYS D 223 36.57 26.69 -5.49
C LYS D 223 36.89 26.09 -4.13
N SER D 224 38.11 26.07 -3.63
CA SER D 224 38.36 25.50 -2.31
C SER D 224 38.56 26.67 -1.38
N GLU D 225 38.37 26.53 -0.07
CA GLU D 225 38.68 27.54 0.96
C GLU D 225 38.94 26.82 2.25
N ARG D 226 39.35 27.42 3.35
CA ARG D 226 39.75 26.65 4.52
C ARG D 226 39.18 27.39 5.70
N PHE D 227 38.08 26.97 6.30
CA PHE D 227 37.47 27.72 7.37
C PHE D 227 38.24 27.55 8.69
N SER D 228 39.33 26.77 8.73
CA SER D 228 40.04 26.54 9.97
C SER D 228 41.38 25.99 9.52
N MET D 229 42.41 26.52 10.17
CA MET D 229 43.75 26.01 9.95
C MET D 229 44.18 25.30 11.24
N ASN D 230 43.35 25.32 12.28
CA ASN D 230 43.72 24.67 13.53
C ASN D 230 43.16 23.24 13.44
N ILE D 231 43.79 22.32 12.69
CA ILE D 231 43.18 21.00 12.55
C ILE D 231 43.84 19.85 13.29
N ASN D 232 43.00 18.90 13.66
CA ASN D 232 43.40 17.71 14.38
C ASN D 232 42.79 16.51 13.69
N ARG D 233 43.55 15.77 12.87
CA ARG D 233 43.04 14.63 12.10
C ARG D 233 42.82 13.45 13.02
N SER D 234 41.58 12.95 13.04
CA SER D 234 41.22 11.83 13.88
C SER D 234 39.89 11.32 13.34
N ILE D 235 40.00 10.52 12.26
CA ILE D 235 38.85 9.88 11.60
C ILE D 235 38.23 8.81 12.51
N CYS D 236 36.92 8.60 12.43
CA CYS D 236 36.29 7.53 13.20
C CYS D 236 36.96 6.19 12.83
N SER D 237 37.50 5.51 13.86
CA SER D 237 38.14 4.21 13.65
C SER D 237 37.15 3.13 13.24
N MET D 238 35.91 3.22 13.76
CA MET D 238 34.87 2.27 13.40
C MET D 238 34.51 2.30 11.93
N GLU D 239 34.76 3.40 11.21
CA GLU D 239 34.54 3.47 9.77
C GLU D 239 35.29 2.34 9.09
N TYR D 240 36.55 2.16 9.48
CA TYR D 240 37.37 1.07 8.99
C TYR D 240 37.00 -0.26 9.63
N ILE D 241 36.59 -0.32 10.90
CA ILE D 241 36.26 -1.57 11.56
C ILE D 241 34.90 -2.18 11.22
N TYR D 242 33.84 -1.42 10.96
CA TYR D 242 32.51 -1.98 10.87
C TYR D 242 31.65 -1.14 9.96
N PHE D 243 31.72 0.19 9.97
CA PHE D 243 30.66 0.93 9.31
C PHE D 243 30.71 1.04 7.79
N SER D 244 31.89 1.15 7.19
CA SER D 244 31.95 1.32 5.75
C SER D 244 31.83 0.02 4.97
N ARG D 245 31.31 0.09 3.74
CA ARG D 245 31.20 -1.08 2.90
C ARG D 245 32.61 -1.51 2.51
N PRO D 246 32.94 -2.79 2.32
CA PRO D 246 34.28 -3.27 2.11
C PRO D 246 35.07 -2.74 0.93
N ASP D 247 34.34 -2.24 -0.05
CA ASP D 247 34.97 -1.70 -1.25
C ASP D 247 35.22 -0.20 -1.32
N SER D 248 35.01 0.45 -0.17
CA SER D 248 35.33 1.83 -0.05
C SER D 248 36.81 1.89 0.35
N ASN D 249 37.52 3.00 0.03
CA ASN D 249 38.89 3.20 0.47
C ASN D 249 38.88 4.48 1.31
N ILE D 250 39.09 4.42 2.63
CA ILE D 250 39.11 5.59 3.48
C ILE D 250 40.57 6.00 3.52
N ASP D 251 40.76 7.15 2.87
CA ASP D 251 42.08 7.78 2.71
C ASP D 251 42.98 6.88 1.94
N GLY D 252 42.41 6.27 0.93
CA GLY D 252 43.20 5.41 0.09
C GLY D 252 43.40 4.03 0.68
N ILE D 253 43.04 3.77 1.92
CA ILE D 253 43.13 2.44 2.49
C ILE D 253 41.76 1.81 2.25
N ASN D 254 41.75 0.74 1.43
CA ASN D 254 40.57 -0.05 1.16
C ASN D 254 40.13 -0.70 2.45
N VAL D 255 38.82 -0.69 2.67
CA VAL D 255 38.24 -1.21 3.89
C VAL D 255 38.32 -2.75 3.94
N HIS D 256 38.18 -3.56 2.88
CA HIS D 256 38.30 -5.02 2.95
C HIS D 256 39.69 -5.37 3.41
N SER D 257 40.65 -4.85 2.68
CA SER D 257 42.04 -5.05 3.01
C SER D 257 42.39 -4.67 4.45
N ALA D 258 41.99 -3.49 4.93
CA ALA D 258 42.32 -3.08 6.29
C ALA D 258 41.79 -4.04 7.36
N ARG D 259 40.54 -4.43 7.12
CA ARG D 259 39.83 -5.35 7.97
C ARG D 259 40.50 -6.73 7.95
N LYS D 260 41.00 -7.16 6.80
CA LYS D 260 41.67 -8.43 6.68
C LYS D 260 42.93 -8.35 7.55
N ASN D 261 43.66 -7.24 7.51
CA ASN D 261 44.83 -7.04 8.35
C ASN D 261 44.54 -7.07 9.82
N LEU D 262 43.38 -6.58 10.27
CA LEU D 262 43.00 -6.69 11.66
C LEU D 262 42.85 -8.18 11.95
N GLY D 263 42.29 -9.04 11.09
CA GLY D 263 42.28 -10.48 11.34
C GLY D 263 43.73 -10.98 11.44
N LYS D 264 44.63 -10.51 10.56
CA LYS D 264 46.03 -10.89 10.59
C LYS D 264 46.76 -10.50 11.84
N MET D 265 46.46 -9.28 12.31
CA MET D 265 47.06 -8.73 13.52
C MET D 265 46.57 -9.51 14.71
N LEU D 266 45.30 -9.85 14.68
CA LEU D 266 44.66 -10.58 15.75
C LEU D 266 45.29 -11.96 15.88
N ALA D 267 45.60 -12.59 14.75
CA ALA D 267 46.21 -13.90 14.75
C ALA D 267 47.56 -13.82 15.43
N GLN D 268 48.35 -12.82 15.01
CA GLN D 268 49.68 -12.67 15.58
C GLN D 268 49.63 -12.23 17.03
N GLU D 269 48.57 -11.61 17.46
CA GLU D 269 48.50 -11.31 18.86
C GLU D 269 48.02 -12.55 19.62
N SER D 270 47.11 -13.31 19.00
CA SER D 270 46.45 -14.40 19.69
C SER D 270 46.04 -15.47 18.69
N ALA D 271 46.86 -16.50 18.73
CA ALA D 271 46.51 -17.71 18.05
C ALA D 271 45.92 -18.57 19.17
N VAL D 272 45.33 -19.63 18.68
CA VAL D 272 44.68 -20.67 19.44
C VAL D 272 44.92 -21.87 18.52
N GLU D 273 44.66 -23.08 18.99
CA GLU D 273 44.77 -24.24 18.15
C GLU D 273 43.30 -24.58 18.07
N ALA D 274 42.80 -24.74 16.85
CA ALA D 274 41.38 -24.99 16.69
C ALA D 274 41.24 -25.52 15.27
N ASP D 275 40.02 -25.88 14.88
CA ASP D 275 39.80 -26.56 13.62
C ASP D 275 39.13 -25.76 12.53
N VAL D 276 38.37 -24.71 12.86
CA VAL D 276 37.54 -23.97 11.90
C VAL D 276 37.61 -22.49 12.20
N VAL D 277 37.67 -21.58 11.25
CA VAL D 277 37.53 -20.16 11.55
C VAL D 277 36.20 -19.81 10.91
N THR D 278 35.32 -19.10 11.61
CA THR D 278 34.11 -18.57 11.03
C THR D 278 34.12 -17.08 11.35
N GLY D 279 33.61 -16.27 10.42
CA GLY D 279 33.35 -14.86 10.67
C GLY D 279 31.88 -14.73 11.01
N VAL D 280 31.30 -13.55 11.04
CA VAL D 280 29.90 -13.40 11.33
C VAL D 280 29.31 -12.68 10.12
N PRO D 281 28.35 -13.22 9.34
CA PRO D 281 27.77 -12.55 8.17
C PRO D 281 27.28 -11.10 8.25
N ASP D 282 28.20 -10.63 7.40
CA ASP D 282 28.53 -9.34 6.89
C ASP D 282 29.49 -8.59 7.77
N SER D 283 29.33 -8.41 9.09
CA SER D 283 30.31 -7.60 9.80
C SER D 283 31.75 -8.13 9.87
N SER D 284 32.07 -9.34 10.38
CA SER D 284 33.45 -9.86 10.35
C SER D 284 33.82 -10.83 9.24
N ILE D 285 33.32 -10.79 8.02
CA ILE D 285 33.80 -11.69 6.99
C ILE D 285 35.26 -11.38 6.71
N SER D 286 35.71 -10.22 6.16
CA SER D 286 37.11 -9.88 5.87
C SER D 286 38.14 -10.15 6.94
N ALA D 287 37.88 -9.74 8.18
CA ALA D 287 38.81 -10.04 9.27
C ALA D 287 38.91 -11.54 9.49
N ALA D 288 37.82 -12.32 9.37
CA ALA D 288 37.87 -13.75 9.55
C ALA D 288 38.77 -14.34 8.47
N ILE D 289 38.64 -13.91 7.23
CA ILE D 289 39.45 -14.36 6.11
C ILE D 289 40.93 -14.11 6.43
N GLY D 290 41.28 -12.90 6.93
CA GLY D 290 42.66 -12.54 7.31
C GLY D 290 43.16 -13.38 8.46
N TYR D 291 42.39 -13.56 9.53
CA TYR D 291 42.77 -14.40 10.66
C TYR D 291 43.00 -15.83 10.21
N ALA D 292 42.13 -16.42 9.38
CA ALA D 292 42.24 -17.80 8.93
C ALA D 292 43.52 -17.89 8.12
N GLU D 293 43.76 -17.02 7.17
CA GLU D 293 44.99 -17.08 6.40
C GLU D 293 46.26 -16.98 7.25
N ALA D 294 46.27 -16.13 8.28
CA ALA D 294 47.48 -15.91 9.02
C ALA D 294 47.77 -17.11 9.86
N THR D 295 46.70 -17.77 10.27
CA THR D 295 46.74 -18.89 11.17
C THR D 295 46.81 -20.25 10.50
N GLY D 296 46.37 -20.40 9.24
CA GLY D 296 46.33 -21.67 8.54
C GLY D 296 45.15 -22.54 8.94
N ILE D 297 44.25 -22.14 9.86
CA ILE D 297 43.08 -22.90 10.25
C ILE D 297 42.09 -22.64 9.12
N PRO D 298 41.41 -23.62 8.48
CA PRO D 298 40.54 -23.35 7.34
C PRO D 298 39.39 -22.39 7.64
N TYR D 299 39.13 -21.57 6.65
CA TYR D 299 38.07 -20.59 6.74
C TYR D 299 36.79 -21.27 6.26
N GLU D 300 35.79 -21.20 7.12
CA GLU D 300 34.53 -21.84 6.81
C GLU D 300 33.40 -20.89 6.97
N LEU D 301 32.28 -21.21 6.33
CA LEU D 301 31.01 -20.56 6.59
C LEU D 301 30.40 -21.29 7.78
N GLY D 302 30.45 -20.87 9.04
CA GLY D 302 29.82 -21.59 10.13
C GLY D 302 28.63 -20.82 10.72
N LEU D 303 28.31 -19.66 10.12
CA LEU D 303 27.15 -18.86 10.46
C LEU D 303 26.69 -18.33 9.11
N ILE D 304 25.36 -18.36 8.96
CA ILE D 304 24.62 -17.93 7.79
C ILE D 304 23.62 -16.87 8.31
N LYS D 305 23.37 -15.81 7.51
CA LYS D 305 22.45 -14.73 7.82
C LYS D 305 21.24 -14.75 6.86
N ASN D 306 20.00 -14.77 7.34
CA ASN D 306 18.86 -14.85 6.43
C ASN D 306 18.81 -13.55 5.65
N ARG D 307 18.62 -13.61 4.35
CA ARG D 307 18.66 -12.41 3.52
C ARG D 307 17.34 -11.68 3.48
N TYR D 308 16.24 -12.25 3.94
CA TYR D 308 15.00 -11.54 3.75
C TYR D 308 14.41 -11.06 5.06
N VAL D 309 15.20 -10.91 6.14
CA VAL D 309 14.66 -10.40 7.40
C VAL D 309 14.53 -8.91 7.24
N GLY D 310 13.42 -8.26 7.60
CA GLY D 310 13.26 -6.84 7.35
C GLY D 310 12.37 -6.28 8.43
N ARG D 311 11.84 -5.06 8.25
CA ARG D 311 10.96 -4.49 9.25
C ARG D 311 9.58 -5.18 9.23
N THR D 312 9.30 -5.78 8.09
CA THR D 312 8.10 -6.55 7.87
C THR D 312 8.24 -8.00 8.38
N PHE D 313 9.39 -8.52 8.81
CA PHE D 313 9.53 -9.88 9.27
C PHE D 313 8.89 -9.94 10.65
N ILE D 314 8.05 -10.92 10.92
CA ILE D 314 7.39 -11.02 12.21
C ILE D 314 8.39 -11.62 13.18
N GLN D 315 8.71 -11.12 14.36
CA GLN D 315 9.67 -11.80 15.21
C GLN D 315 8.95 -12.90 15.96
N PRO D 316 9.60 -14.05 16.18
CA PRO D 316 9.06 -15.12 17.01
C PRO D 316 8.68 -14.79 18.44
N SER D 317 7.61 -15.38 18.99
CA SER D 317 7.22 -15.12 20.37
C SER D 317 8.31 -15.68 21.27
N GLN D 318 8.55 -15.07 22.42
CA GLN D 318 9.51 -15.52 23.43
C GLN D 318 9.45 -17.02 23.61
N ALA D 319 8.26 -17.58 23.46
CA ALA D 319 7.94 -18.98 23.57
C ALA D 319 8.58 -19.79 22.45
N LEU D 320 8.48 -19.27 21.23
CA LEU D 320 9.01 -19.90 20.03
C LEU D 320 10.51 -19.76 20.09
N ARG D 321 10.97 -18.57 20.49
CA ARG D 321 12.38 -18.32 20.64
C ARG D 321 12.89 -19.27 21.72
N GLU D 322 12.22 -19.58 22.84
CA GLU D 322 12.79 -20.55 23.76
C GLU D 322 12.57 -21.98 23.31
N GLN D 323 11.66 -22.20 22.33
CA GLN D 323 11.50 -23.48 21.65
C GLN D 323 12.59 -23.75 20.63
N GLY D 324 13.43 -22.79 20.21
CA GLY D 324 14.55 -23.06 19.33
C GLY D 324 14.58 -22.23 18.06
N VAL D 325 13.50 -21.52 17.77
CA VAL D 325 13.37 -20.68 16.58
C VAL D 325 14.37 -19.50 16.45
N ARG D 326 15.21 -19.56 15.42
CA ARG D 326 16.21 -18.55 15.08
C ARG D 326 15.58 -17.40 14.31
N MET D 327 16.23 -16.22 14.28
CA MET D 327 15.69 -15.09 13.53
C MET D 327 16.60 -14.65 12.39
N LYS D 328 17.72 -13.93 12.55
CA LYS D 328 18.49 -13.48 11.38
C LYS D 328 19.79 -14.26 11.14
N LEU D 329 20.22 -15.03 12.11
CA LEU D 329 21.51 -15.67 12.05
C LEU D 329 21.32 -17.02 12.73
N SER D 330 21.81 -18.10 12.08
CA SER D 330 21.82 -19.48 12.60
C SER D 330 23.18 -20.11 12.29
N ALA D 331 23.75 -20.85 13.26
CA ALA D 331 25.05 -21.50 13.12
C ALA D 331 24.97 -22.68 12.19
N VAL D 332 25.92 -23.09 11.35
CA VAL D 332 25.61 -24.25 10.54
C VAL D 332 26.29 -25.54 11.06
N ARG D 333 25.53 -26.47 11.61
CA ARG D 333 26.01 -27.74 12.16
C ARG D 333 26.94 -28.57 11.24
N GLY D 334 26.68 -28.59 9.92
CA GLY D 334 27.48 -29.37 8.99
C GLY D 334 28.91 -28.89 8.88
N VAL D 335 29.21 -27.72 9.45
CA VAL D 335 30.57 -27.20 9.42
C VAL D 335 31.13 -27.25 10.84
N VAL D 336 30.36 -26.87 11.85
CA VAL D 336 30.94 -26.72 13.17
C VAL D 336 30.90 -27.96 14.02
N GLU D 337 30.10 -28.96 13.68
CA GLU D 337 29.92 -30.08 14.57
C GLU D 337 31.19 -30.90 14.81
N GLY D 338 31.47 -30.98 16.11
CA GLY D 338 32.60 -31.71 16.65
C GLY D 338 33.91 -30.96 16.46
N LYS D 339 33.84 -29.72 16.00
CA LYS D 339 35.00 -28.87 15.75
C LYS D 339 35.16 -27.89 16.87
N ARG D 340 36.34 -27.31 16.86
CA ARG D 340 36.78 -26.28 17.79
C ARG D 340 36.77 -25.13 16.81
N VAL D 341 35.84 -24.24 17.10
CA VAL D 341 35.48 -23.05 16.33
C VAL D 341 36.14 -21.80 16.86
N VAL D 342 36.77 -20.97 16.03
CA VAL D 342 37.12 -19.65 16.50
C VAL D 342 36.15 -18.77 15.69
N MET D 343 35.48 -17.89 16.42
CA MET D 343 34.51 -16.98 15.84
C MET D 343 35.13 -15.58 15.92
N VAL D 344 35.55 -15.07 14.78
CA VAL D 344 36.10 -13.73 14.67
C VAL D 344 34.90 -12.79 14.51
N ASP D 345 34.72 -11.73 15.33
CA ASP D 345 33.62 -10.76 15.19
C ASP D 345 34.33 -9.41 15.26
N ASP D 346 33.82 -8.38 14.62
CA ASP D 346 34.50 -7.10 14.54
C ASP D 346 34.43 -6.33 15.85
N SER D 347 33.44 -6.47 16.74
CA SER D 347 33.39 -5.72 17.99
C SER D 347 32.33 -6.23 18.96
N ILE D 348 32.41 -5.93 20.26
CA ILE D 348 31.36 -6.27 21.24
C ILE D 348 31.01 -4.86 21.72
N VAL D 349 29.72 -4.51 21.64
CA VAL D 349 29.31 -3.19 22.10
C VAL D 349 28.48 -3.53 23.35
N ARG D 350 27.26 -4.06 23.20
CA ARG D 350 26.45 -4.54 24.31
C ARG D 350 26.80 -5.95 24.82
N GLY D 351 27.39 -6.89 24.05
CA GLY D 351 27.62 -8.25 24.55
C GLY D 351 26.55 -9.25 24.04
N THR D 352 25.30 -8.79 23.83
CA THR D 352 24.18 -9.55 23.27
C THR D 352 24.45 -10.43 22.05
N THR D 353 24.81 -9.91 20.87
CA THR D 353 25.05 -10.79 19.74
C THR D 353 26.08 -11.91 19.94
N SER D 354 27.30 -11.71 20.46
CA SER D 354 28.30 -12.75 20.71
C SER D 354 27.82 -13.87 21.63
N ARG D 355 27.00 -13.55 22.64
CA ARG D 355 26.43 -14.51 23.56
C ARG D 355 25.53 -15.49 22.80
N ARG D 356 24.53 -14.96 22.10
CA ARG D 356 23.58 -15.71 21.28
C ARG D 356 24.32 -16.55 20.27
N ILE D 357 25.33 -15.93 19.65
CA ILE D 357 26.17 -16.62 18.69
C ILE D 357 26.99 -17.71 19.38
N VAL D 358 27.54 -17.59 20.59
CA VAL D 358 28.28 -18.69 21.17
C VAL D 358 27.31 -19.86 21.45
N THR D 359 26.10 -19.58 21.89
CA THR D 359 25.07 -20.58 22.17
C THR D 359 24.66 -21.35 20.91
N MET D 360 24.33 -20.65 19.81
CA MET D 360 23.93 -21.31 18.57
C MET D 360 24.99 -22.27 18.09
N LEU D 361 26.22 -21.74 18.12
CA LEU D 361 27.42 -22.44 17.72
C LEU D 361 27.61 -23.60 18.67
N ARG D 362 27.22 -23.57 19.95
CA ARG D 362 27.37 -24.75 20.80
C ARG D 362 26.28 -25.75 20.50
N GLU D 363 25.04 -25.35 20.24
CA GLU D 363 23.96 -26.28 19.99
C GLU D 363 24.12 -27.07 18.71
N ALA D 364 24.81 -26.44 17.73
CA ALA D 364 25.18 -27.09 16.46
C ALA D 364 26.28 -28.13 16.64
N GLY D 365 26.86 -28.13 17.83
CA GLY D 365 27.85 -29.09 18.19
C GLY D 365 29.28 -28.62 18.16
N ALA D 366 29.62 -27.31 18.25
CA ALA D 366 31.02 -26.91 18.36
C ALA D 366 31.48 -27.37 19.72
N THR D 367 32.61 -28.04 19.82
CA THR D 367 33.04 -28.48 21.14
C THR D 367 33.77 -27.35 21.84
N GLU D 368 34.53 -26.48 21.16
CA GLU D 368 35.14 -25.30 21.76
C GLU D 368 34.80 -24.11 20.89
N VAL D 369 34.52 -22.94 21.45
CA VAL D 369 34.25 -21.72 20.69
C VAL D 369 35.17 -20.65 21.30
N HIS D 370 36.15 -20.15 20.55
CA HIS D 370 37.05 -19.09 20.99
C HIS D 370 36.60 -17.81 20.30
N VAL D 371 36.47 -16.64 20.95
CA VAL D 371 35.94 -15.43 20.35
C VAL D 371 37.05 -14.44 20.14
N LYS D 372 37.25 -13.91 18.95
CA LYS D 372 38.35 -13.01 18.68
C LYS D 372 37.71 -11.79 18.04
N ILE D 373 37.97 -10.63 18.64
CA ILE D 373 37.40 -9.36 18.26
C ILE D 373 38.45 -8.47 17.61
N SER D 374 38.29 -7.99 16.38
CA SER D 374 39.31 -7.15 15.73
C SER D 374 39.17 -5.71 16.19
N SER D 375 38.92 -5.50 17.49
CA SER D 375 38.72 -4.22 18.16
C SER D 375 39.25 -4.39 19.57
N PRO D 376 39.71 -3.28 20.15
CA PRO D 376 39.79 -3.07 21.59
C PRO D 376 38.39 -3.13 22.22
N PRO D 377 38.19 -3.27 23.55
CA PRO D 377 36.86 -3.18 24.17
C PRO D 377 36.28 -1.81 23.92
N ILE D 378 34.97 -1.65 23.83
CA ILE D 378 34.43 -0.35 23.59
C ILE D 378 33.79 -0.01 24.92
N ALA D 379 34.56 0.85 25.55
CA ALA D 379 34.23 1.32 26.89
C ALA D 379 33.47 2.64 27.00
N HIS D 380 33.71 3.57 26.11
CA HIS D 380 33.20 4.91 26.29
C HIS D 380 32.05 5.22 25.36
N PRO D 381 31.19 6.24 25.58
CA PRO D 381 30.14 6.70 24.66
C PRO D 381 30.71 7.40 23.43
N CYS D 382 30.19 7.19 22.22
CA CYS D 382 30.66 7.95 21.07
C CYS D 382 29.82 9.19 21.10
N PHE D 383 30.32 10.43 21.07
CA PHE D 383 29.41 11.58 20.93
C PHE D 383 29.32 12.12 19.53
N TYR D 384 29.76 11.35 18.51
CA TYR D 384 29.87 11.91 17.17
C TYR D 384 28.91 11.39 16.11
N GLY D 385 27.89 10.60 16.43
CA GLY D 385 26.93 10.26 15.40
C GLY D 385 25.94 9.25 15.91
N ILE D 386 24.64 9.35 15.55
CA ILE D 386 23.59 8.36 15.92
C ILE D 386 24.00 6.94 15.49
N ASP D 387 24.55 6.89 14.27
CA ASP D 387 25.04 5.66 13.68
C ASP D 387 26.17 5.02 14.45
N THR D 388 27.09 5.83 14.98
CA THR D 388 28.24 5.33 15.74
C THR D 388 28.00 5.19 17.25
N SER D 389 26.79 5.53 17.73
CA SER D 389 26.48 5.49 19.16
C SER D 389 25.57 4.29 19.45
N THR D 390 25.20 4.10 20.73
CA THR D 390 24.13 3.21 21.14
C THR D 390 23.65 3.81 22.47
N HIS D 391 22.34 3.66 22.60
CA HIS D 391 21.58 4.12 23.74
C HIS D 391 21.52 3.02 24.82
N GLU D 392 21.95 1.81 24.44
CA GLU D 392 22.00 0.66 25.30
C GLU D 392 23.41 0.61 25.86
N GLU D 393 23.57 -0.13 26.96
CA GLU D 393 24.82 -0.29 27.73
C GLU D 393 26.06 -0.82 27.00
N LEU D 394 27.25 -0.49 27.49
CA LEU D 394 28.47 -1.02 26.92
C LEU D 394 28.92 -2.04 27.95
N ILE D 395 28.97 -3.37 27.75
CA ILE D 395 29.32 -4.17 28.91
C ILE D 395 30.78 -3.97 29.27
N ALA D 396 31.64 -3.47 28.39
CA ALA D 396 33.01 -3.19 28.80
C ALA D 396 33.02 -2.04 29.80
N SER D 397 32.02 -1.14 29.83
CA SER D 397 31.92 -0.10 30.86
C SER D 397 32.00 -0.73 32.25
N SER D 398 31.35 -1.87 32.39
CA SER D 398 31.19 -2.51 33.66
C SER D 398 31.95 -3.82 33.81
N HIS D 399 32.51 -4.37 32.75
CA HIS D 399 33.08 -5.69 32.87
C HIS D 399 34.46 -5.62 32.36
N SER D 400 35.08 -6.68 32.79
CA SER D 400 36.46 -6.94 32.45
C SER D 400 36.41 -7.90 31.28
N VAL D 401 37.55 -8.18 30.66
CA VAL D 401 37.52 -9.16 29.61
C VAL D 401 37.18 -10.53 30.22
N ASP D 402 37.59 -10.95 31.43
CA ASP D 402 37.13 -12.25 31.88
C ASP D 402 35.69 -12.19 32.25
N GLU D 403 35.15 -11.07 32.67
CA GLU D 403 33.72 -11.07 32.94
C GLU D 403 32.94 -11.10 31.65
N ILE D 404 33.43 -10.48 30.55
CA ILE D 404 32.73 -10.53 29.26
C ILE D 404 32.86 -11.95 28.64
N ARG D 405 34.04 -12.60 28.74
CA ARG D 405 34.27 -13.96 28.28
C ARG D 405 33.28 -14.85 28.99
N GLN D 406 33.18 -14.63 30.29
CA GLN D 406 32.20 -15.32 31.04
C GLN D 406 30.77 -15.01 30.68
N GLU D 407 30.34 -13.76 30.37
CA GLU D 407 28.94 -13.47 30.06
C GLU D 407 28.58 -14.15 28.74
N ILE D 408 29.39 -13.98 27.71
CA ILE D 408 29.08 -14.63 26.45
C ILE D 408 29.36 -16.15 26.48
N GLY D 409 30.08 -16.66 27.48
CA GLY D 409 30.43 -18.07 27.58
C GLY D 409 31.47 -18.51 26.52
N ALA D 410 32.41 -17.67 26.04
CA ALA D 410 33.43 -18.17 25.13
C ALA D 410 34.33 -19.11 25.91
N ASP D 411 35.03 -20.04 25.25
CA ASP D 411 36.06 -20.79 25.97
C ASP D 411 37.18 -19.81 26.19
N THR D 412 37.50 -18.97 25.20
CA THR D 412 38.45 -17.89 25.41
C THR D 412 37.98 -16.58 24.73
N LEU D 413 38.29 -15.32 25.12
CA LEU D 413 37.87 -14.12 24.41
C LEU D 413 39.07 -13.22 24.15
N SER D 414 39.28 -12.60 22.99
CA SER D 414 40.39 -11.69 22.83
C SER D 414 39.91 -10.49 22.05
N PHE D 415 40.53 -9.37 22.39
CA PHE D 415 40.31 -8.12 21.69
C PHE D 415 41.69 -7.76 21.08
N LEU D 416 41.72 -6.91 20.06
CA LEU D 416 42.98 -6.39 19.53
C LEU D 416 43.47 -5.27 20.47
N SER D 417 44.79 -5.11 20.53
CA SER D 417 45.32 -4.02 21.30
C SER D 417 45.15 -2.78 20.43
N VAL D 418 45.16 -1.60 21.06
CA VAL D 418 45.04 -0.34 20.33
C VAL D 418 46.22 -0.25 19.38
N GLU D 419 47.34 -0.81 19.88
CA GLU D 419 48.57 -0.85 19.12
C GLU D 419 48.41 -1.71 17.87
N GLY D 420 47.72 -2.88 17.96
CA GLY D 420 47.55 -3.79 16.82
C GLY D 420 46.58 -3.24 15.76
N LEU D 421 45.51 -2.64 16.29
CA LEU D 421 44.52 -1.93 15.49
C LEU D 421 45.18 -0.88 14.59
N LEU D 422 45.95 0.06 15.18
CA LEU D 422 46.61 1.16 14.44
C LEU D 422 47.65 0.63 13.48
N LYS D 423 48.32 -0.43 13.97
CA LYS D 423 49.32 -1.17 13.22
C LYS D 423 48.66 -1.81 12.01
N GLY D 424 47.46 -2.35 12.26
CA GLY D 424 46.68 -3.07 11.28
C GLY D 424 46.06 -2.23 10.16
N ILE D 425 45.39 -1.11 10.48
CA ILE D 425 44.78 -0.19 9.51
C ILE D 425 45.87 0.49 8.68
N GLY D 426 47.00 0.91 9.26
CA GLY D 426 48.15 1.39 8.49
C GLY D 426 48.22 2.82 7.99
N ARG D 427 47.82 3.79 8.81
CA ARG D 427 47.90 5.16 8.32
C ARG D 427 49.33 5.69 8.53
N LYS D 428 49.71 6.67 7.70
CA LYS D 428 51.02 7.29 7.82
C LYS D 428 50.73 8.73 8.23
N TYR D 429 50.39 8.96 9.51
CA TYR D 429 50.21 10.30 10.05
C TYR D 429 51.02 10.16 11.30
N ASP D 430 51.95 11.10 11.34
CA ASP D 430 52.90 11.12 12.43
C ASP D 430 52.19 11.67 13.64
N ASP D 431 51.94 10.73 14.56
CA ASP D 431 51.46 10.97 15.91
C ASP D 431 50.96 9.64 16.39
N SER D 432 50.99 9.62 17.72
CA SER D 432 50.50 8.59 18.59
C SER D 432 49.43 7.67 17.98
N ASN D 433 48.46 8.40 17.39
CA ASN D 433 47.22 7.80 16.87
C ASN D 433 47.06 7.67 15.38
N CYS D 434 48.09 7.88 14.59
CA CYS D 434 48.03 7.84 13.12
C CYS D 434 46.85 8.57 12.46
N GLY D 435 46.37 9.64 13.12
CA GLY D 435 45.27 10.41 12.60
C GLY D 435 43.91 9.78 12.88
N GLN D 436 43.71 8.86 13.83
CA GLN D 436 42.43 8.23 14.08
C GLN D 436 41.82 8.54 15.42
N CYS D 437 40.48 8.62 15.50
CA CYS D 437 39.72 8.80 16.73
C CYS D 437 39.61 7.46 17.44
N LEU D 438 40.05 7.36 18.69
CA LEU D 438 40.03 6.11 19.45
C LEU D 438 39.19 6.23 20.72
N ALA D 439 38.57 7.40 21.00
CA ALA D 439 37.81 7.64 22.22
C ALA D 439 36.86 6.57 22.74
N CYS D 440 35.95 5.94 21.97
CA CYS D 440 35.21 4.76 22.46
C CYS D 440 36.04 3.68 23.20
N PHE D 441 37.23 3.43 22.65
CA PHE D 441 38.16 2.49 23.25
C PHE D 441 38.85 3.15 24.46
N THR D 442 39.60 4.23 24.20
CA THR D 442 40.49 4.83 25.18
C THR D 442 39.95 5.89 26.13
N GLY D 443 38.81 6.52 25.88
CA GLY D 443 38.27 7.56 26.76
C GLY D 443 38.71 8.95 26.39
N LYS D 444 39.74 9.11 25.58
CA LYS D 444 40.28 10.41 25.27
C LYS D 444 39.70 10.91 23.96
N TYR D 445 38.80 11.92 24.03
CA TYR D 445 38.08 12.44 22.83
C TYR D 445 38.85 13.47 22.04
N PRO D 446 38.84 13.57 20.71
CA PRO D 446 39.54 14.66 20.00
C PRO D 446 38.66 15.92 20.01
N THR D 447 37.87 16.23 21.03
CA THR D 447 36.90 17.30 21.00
C THR D 447 36.53 17.59 22.44
N GLU D 448 36.14 18.84 22.72
CA GLU D 448 35.68 19.21 24.06
C GLU D 448 34.24 18.75 24.10
N ILE D 449 33.90 18.07 25.19
CA ILE D 449 32.55 17.56 25.36
C ILE D 449 31.94 18.52 26.37
N TYR D 450 30.69 18.95 26.29
CA TYR D 450 30.19 19.89 27.26
C TYR D 450 29.43 19.15 28.33
N GLN D 451 29.14 19.90 29.40
CA GLN D 451 28.39 19.36 30.52
C GLN D 451 26.93 19.18 30.08
N ASP D 452 26.55 19.98 29.06
CA ASP D 452 25.21 19.97 28.52
C ASP D 452 25.02 18.96 27.38
N THR D 453 26.11 18.62 26.69
CA THR D 453 26.17 17.66 25.58
C THR D 453 25.40 16.39 25.89
N VAL D 454 24.38 16.09 25.07
CA VAL D 454 23.53 14.93 25.26
C VAL D 454 24.01 13.83 24.31
N LEU D 455 23.68 12.57 24.62
CA LEU D 455 24.07 11.49 23.70
C LEU D 455 23.29 11.64 22.40
N PRO D 456 23.83 11.43 21.17
CA PRO D 456 23.20 11.82 19.92
C PRO D 456 21.73 11.47 19.87
N HIS D 457 21.39 10.20 20.13
CA HIS D 457 20.01 9.73 20.12
C HIS D 457 19.01 10.55 20.95
N VAL D 458 19.49 11.13 22.05
CA VAL D 458 18.68 11.91 22.97
C VAL D 458 17.97 13.03 22.22
N LYS D 459 18.50 13.48 21.07
CA LYS D 459 17.84 14.52 20.30
C LYS D 459 16.57 14.10 19.54
N GLU D 460 15.85 13.02 19.91
CA GLU D 460 14.65 12.55 19.20
C GLU D 460 13.37 13.40 19.30
N ALA D 461 12.48 13.22 18.31
CA ALA D 461 11.18 13.88 18.33
C ALA D 461 10.04 12.86 18.14
N VAL D 462 9.72 12.21 16.99
CA VAL D 462 8.58 11.26 16.93
C VAL D 462 8.82 9.90 17.61
N LEU D 463 7.79 9.64 18.43
CA LEU D 463 7.58 8.44 19.27
C LEU D 463 7.66 7.12 18.52
N THR D 464 6.97 7.18 17.36
CA THR D 464 6.73 6.06 16.46
C THR D 464 5.81 5.08 17.20
N LYS D 465 6.34 4.38 18.21
CA LYS D 465 5.65 3.40 19.05
C LYS D 465 4.92 4.12 20.18
FE1 SF4 E . -38.35 -12.02 -5.01
FE2 SF4 E . -36.74 -10.16 -5.08
FE3 SF4 E . -37.96 -10.72 -2.91
FE4 SF4 E . -36.15 -12.21 -3.71
S1 SF4 E . -35.76 -10.08 -3.05
S2 SF4 E . -38.15 -13.01 -2.97
S3 SF4 E . -36.33 -12.21 -5.98
S4 SF4 E . -38.96 -9.81 -4.70
P AMP F . -32.82 -3.03 8.47
O1P AMP F . -34.25 -2.95 8.86
O2P AMP F . -31.92 -2.46 9.48
O3P AMP F . -32.43 -4.35 7.98
O5' AMP F . -32.75 -2.11 7.13
C5' AMP F . -33.78 -1.81 6.12
C4' AMP F . -33.14 -1.04 4.97
O4' AMP F . -32.13 -1.92 4.48
C3' AMP F . -33.86 -0.35 3.76
O3' AMP F . -33.88 1.14 3.73
C2' AMP F . -32.89 -0.68 2.65
O2' AMP F . -31.97 0.37 2.34
C1' AMP F . -31.98 -1.80 3.09
N9 AMP F . -32.23 -3.04 2.38
C8 AMP F . -33.45 -3.55 2.02
N7 AMP F . -33.42 -4.80 1.68
C5 AMP F . -32.08 -5.15 1.87
C6 AMP F . -31.42 -6.38 1.77
N6 AMP F . -32.02 -7.47 1.24
N1 AMP F . -30.14 -6.40 2.16
C2 AMP F . -29.53 -5.25 2.38
N3 AMP F . -30.03 -4.02 2.44
C4 AMP F . -31.35 -4.06 2.24
P AMP G . -27.62 3.48 0.89
O1P AMP G . -26.67 2.43 1.26
O2P AMP G . -29.01 3.23 1.31
O3P AMP G . -27.13 4.83 1.12
O5' AMP G . -27.66 3.39 -0.68
C5' AMP G . -28.44 2.41 -1.40
C4' AMP G . -29.53 3.16 -2.10
O4' AMP G . -28.87 4.17 -2.83
C3' AMP G . -30.35 2.32 -3.05
O3' AMP G . -31.71 2.62 -2.85
C2' AMP G . -29.83 2.75 -4.42
O2' AMP G . -30.90 2.81 -5.35
C1' AMP G . -29.28 4.13 -4.19
N9 AMP G . -28.15 4.55 -5.02
C8 AMP G . -27.10 3.84 -5.50
N7 AMP G . -26.26 4.52 -6.23
C5 AMP G . -26.74 5.82 -6.13
C6 AMP G . -26.28 7.06 -6.63
N6 AMP G . -25.19 7.23 -7.31
N1 AMP G . -27.04 8.12 -6.47
C2 AMP G . -28.11 7.99 -5.74
N3 AMP G . -28.62 6.93 -5.14
C4 AMP G . -27.89 5.85 -5.41
FE1 SF4 H . -16.30 36.84 1.06
FE2 SF4 H . -16.74 34.39 1.21
FE3 SF4 H . -17.00 35.58 -1.08
FE4 SF4 H . -14.74 35.05 0.02
S1 SF4 H . -16.23 33.49 -0.79
S2 SF4 H . -15.24 37.08 -0.93
S3 SF4 H . -14.99 35.43 2.22
S4 SF4 H . -18.37 35.87 0.69
P AMP I . -17.88 25.92 -12.23
O1P AMP I . -18.77 26.99 -12.76
O2P AMP I . -17.47 24.91 -13.23
O3P AMP I . -16.78 26.41 -11.38
O5' AMP I . -18.78 25.18 -11.15
C5' AMP I . -19.68 25.82 -10.21
C4' AMP I . -19.90 24.94 -9.01
O4' AMP I . -18.67 24.91 -8.37
C3' AMP I . -20.97 25.27 -7.97
O3' AMP I . -22.21 24.51 -8.07
C2' AMP I . -20.30 24.75 -6.71
O2' AMP I . -20.62 23.40 -6.33
C1' AMP I . -18.84 24.71 -6.99
N9 AMP I . -18.18 25.72 -6.17
C8 AMP I . -18.59 27.00 -6.01
N7 AMP I . -17.66 27.81 -5.62
C5 AMP I . -16.55 27.00 -5.57
C6 AMP I . -15.26 27.26 -5.17
N6 AMP I . -14.98 28.40 -4.53
N1 AMP I . -14.36 26.28 -5.30
C2 AMP I . -14.80 25.06 -5.59
N3 AMP I . -16.03 24.66 -5.94
C4 AMP I . -16.86 25.72 -5.91
P AMP J . -20.38 18.23 -4.47
O1P AMP J . -18.91 18.37 -4.44
O2P AMP J . -21.08 19.39 -5.08
O3P AMP J . -20.84 16.90 -4.91
O5' AMP J . -20.77 18.27 -2.94
C5' AMP J . -20.52 19.44 -2.18
C4' AMP J . -21.81 19.95 -1.71
O4' AMP J . -22.41 18.87 -1.03
C3' AMP J . -21.71 21.08 -0.79
O3' AMP J . -22.80 21.84 -1.19
C2' AMP J . -21.96 20.47 0.57
O2' AMP J . -22.84 21.17 1.44
C1' AMP J . -22.74 19.26 0.29
N9 AMP J . -22.47 18.23 1.31
C8 AMP J . -21.33 17.95 1.98
N7 AMP J . -21.37 16.83 2.61
C5 AMP J . -22.64 16.37 2.39
C6 AMP J . -23.35 15.24 2.84
N6 AMP J . -22.82 14.22 3.51
N1 AMP J . -24.65 15.17 2.56
C2 AMP J . -25.18 16.10 1.78
N3 AMP J . -24.64 17.19 1.30
C4 AMP J . -23.35 17.27 1.66
FE1 SF4 K . 19.37 -32.85 -13.59
FE2 SF4 K . 19.27 -30.92 -12.01
FE3 SF4 K . 20.59 -30.67 -14.21
FE4 SF4 K . 18.06 -30.54 -14.07
S1 SF4 K . 19.46 -29.00 -13.16
S2 SF4 K . 19.20 -31.83 -15.60
S3 SF4 K . 17.46 -32.16 -12.56
S4 SF4 K . 21.20 -32.01 -12.50
P AMP L . 24.43 -16.77 -16.71
O1P AMP L . 25.71 -17.26 -17.25
O2P AMP L . 24.16 -15.32 -16.94
O3P AMP L . 23.31 -17.65 -17.06
O5' AMP L . 24.59 -16.91 -15.13
C5' AMP L . 25.23 -18.02 -14.45
C4' AMP L . 24.80 -18.05 -12.99
O4' AMP L . 23.46 -18.43 -13.05
C3' AMP L . 25.48 -18.89 -11.90
O3' AMP L . 26.57 -18.25 -11.13
C2' AMP L . 24.29 -19.05 -10.95
O2' AMP L . 24.19 -18.03 -9.94
C1' AMP L . 23.08 -18.89 -11.79
N9 AMP L . 22.31 -20.08 -12.01
C8 AMP L . 22.75 -21.32 -12.38
N7 AMP L . 21.83 -22.08 -12.91
C5 AMP L . 20.69 -21.28 -12.94
C6 AMP L . 19.33 -21.54 -13.27
N6 AMP L . 18.89 -22.69 -13.79
N1 AMP L . 18.44 -20.58 -12.99
C2 AMP L . 18.84 -19.49 -12.35
N3 AMP L . 20.07 -19.10 -12.02
C4 AMP L . 20.98 -20.05 -12.38
P AMP M . 22.77 -15.01 -6.07
O1P AMP M . 21.46 -14.33 -6.25
O2P AMP M . 23.12 -15.98 -7.14
O3P AMP M . 23.87 -14.10 -5.69
O5' AMP M . 22.49 -15.91 -4.76
C5' AMP M . 22.13 -17.28 -4.86
C4' AMP M . 23.16 -18.06 -4.12
O4' AMP M . 23.17 -17.64 -2.75
C3' AMP M . 22.92 -19.53 -4.16
O3' AMP M . 24.12 -20.09 -4.67
C2' AMP M . 22.64 -19.86 -2.72
O2' AMP M . 23.27 -21.06 -2.39
C1' AMP M . 23.22 -18.76 -1.89
N9 AMP M . 22.43 -18.46 -0.67
C8 AMP M . 21.08 -18.44 -0.54
N7 AMP M . 20.64 -17.95 0.59
C5 AMP M . 21.79 -17.57 1.26
C6 AMP M . 22.01 -17.02 2.55
N6 AMP M . 21.05 -16.56 3.35
N1 AMP M . 23.25 -16.92 2.96
C2 AMP M . 24.21 -17.18 2.08
N3 AMP M . 24.17 -17.56 0.81
C4 AMP M . 22.89 -17.82 0.47
FE1 SF4 N . 35.46 7.96 17.58
FE2 SF4 N . 34.08 6.66 15.92
FE3 SF4 N . 34.57 5.66 18.31
FE4 SF4 N . 32.96 7.68 17.87
S1 SF4 N . 32.60 5.52 17.16
S2 SF4 N . 34.42 7.55 19.59
S3 SF4 N . 33.92 8.92 16.22
S4 SF4 N . 36.09 5.94 16.67
P AMP O . 26.31 -6.15 20.41
O1P AMP O . 27.45 -6.75 21.16
O2P AMP O . 25.08 -6.96 20.45
O3P AMP O . 26.10 -4.71 20.67
O5' AMP O . 26.81 -6.24 18.90
C5' AMP O . 28.15 -6.07 18.40
C4' AMP O . 28.09 -5.88 16.91
O4' AMP O . 27.27 -4.76 16.63
C3' AMP O . 29.40 -5.70 16.19
O3' AMP O . 29.98 -6.94 15.70
C2' AMP O . 28.93 -4.97 14.98
O2' AMP O . 28.68 -5.84 13.85
C1' AMP O . 27.69 -4.18 15.41
N9 AMP O . 27.98 -2.75 15.61
C8 AMP O . 29.15 -2.20 16.08
N7 AMP O . 29.03 -1.02 16.61
C5 AMP O . 27.70 -0.70 16.40
C6 AMP O . 26.99 0.48 16.59
N6 AMP O . 27.53 1.59 17.09
N1 AMP O . 25.71 0.48 16.21
C2 AMP O . 25.20 -0.61 15.65
N3 AMP O . 25.77 -1.77 15.40
C4 AMP O . 27.04 -1.75 15.82
P AMP P . 25.32 -6.71 9.33
O1P AMP P . 23.98 -6.14 9.50
O2P AMP P . 26.21 -6.54 10.50
O3P AMP P . 25.35 -8.05 8.75
O5' AMP P . 25.93 -5.86 8.15
C5' AMP P . 26.87 -4.83 8.41
C4' AMP P . 28.11 -5.09 7.64
O4' AMP P . 27.74 -5.27 6.28
C3' AMP P . 28.98 -3.86 7.73
O3' AMP P . 30.09 -4.23 8.51
C2' AMP P . 29.32 -3.58 6.27
O2' AMP P . 30.67 -3.25 5.98
C1' AMP P . 28.83 -4.79 5.55
N9 AMP P . 28.36 -4.46 4.24
C8 AMP P . 27.46 -3.52 3.86
N7 AMP P . 27.02 -3.66 2.65
C5 AMP P . 27.66 -4.81 2.19
C6 AMP P . 27.71 -5.43 0.94
N6 AMP P . 27.00 -5.04 -0.12
N1 AMP P . 28.61 -6.44 0.81
C2 AMP P . 29.27 -6.87 1.87
N3 AMP P . 29.26 -6.42 3.11
C4 AMP P . 28.46 -5.32 3.18
#